data_2JND
#
_entry.id   2JND
#
loop_
_entity.id
_entity.type
_entity.pdbx_description
1 polymer 'Corticotropin-releasing factor receptor 2'
2 polymer ASTRESSIN
#
loop_
_entity_poly.entity_id
_entity_poly.type
_entity_poly.pdbx_seq_one_letter_code
_entity_poly.pdbx_strand_id
1 'polypeptide(L)'
;GSGMKETAAAKFERQHMDSPDLGTTLLEQYCHRTTIGNFSGPYTYCNTTLDQIGTCWPQSAPGALVERPCPEYFNGIKYN
TTRNAYRECLENGTWASRVNYSHCEPILDDKQRKYDLHY
;
A
2 'polypeptide(L)' (DPN)HLLREVLE(NLE)ARAEQLAQEAHKNRKL(NLE)EII(NH2) B
#
# COMPACT_ATOMS: atom_id res chain seq x y z
N TYR A 30 13.98 -6.26 -1.74
CA TYR A 30 14.71 -5.12 -2.36
C TYR A 30 13.87 -4.45 -3.45
N CYS A 31 13.23 -3.33 -3.13
CA CYS A 31 12.39 -2.63 -4.10
C CYS A 31 13.16 -1.51 -4.82
N HIS A 32 14.07 -0.85 -4.11
CA HIS A 32 14.88 0.22 -4.70
C HIS A 32 16.02 -0.34 -5.54
N ARG A 33 16.36 -1.62 -5.31
CA ARG A 33 17.44 -2.30 -6.05
C ARG A 33 18.82 -1.74 -5.67
N THR A 34 19.82 -1.99 -6.53
CA THR A 34 21.19 -1.51 -6.28
C THR A 34 21.18 -0.04 -5.83
N THR A 35 20.32 0.76 -6.44
CA THR A 35 20.21 2.18 -6.09
C THR A 35 19.24 2.36 -4.92
N ILE A 36 19.49 1.60 -3.84
CA ILE A 36 18.66 1.64 -2.64
C ILE A 36 19.22 2.62 -1.60
N GLY A 37 20.55 2.65 -1.49
CA GLY A 37 21.20 3.54 -0.54
C GLY A 37 22.25 2.82 0.29
N ASN A 38 22.51 3.32 1.50
CA ASN A 38 23.49 2.72 2.39
C ASN A 38 22.82 1.72 3.33
N PHE A 39 23.64 0.83 3.91
CA PHE A 39 23.16 -0.18 4.84
C PHE A 39 22.10 -1.10 4.21
N SER A 40 21.69 -2.13 4.95
CA SER A 40 20.69 -3.08 4.46
C SER A 40 20.36 -4.15 5.51
N GLY A 41 19.52 -3.78 6.48
CA GLY A 41 19.15 -4.71 7.53
C GLY A 41 17.77 -4.43 8.11
N PRO A 42 17.16 -5.42 8.80
CA PRO A 42 15.83 -5.26 9.39
C PRO A 42 15.80 -4.27 10.56
N TYR A 43 16.45 -4.63 11.66
CA TYR A 43 16.51 -3.79 12.85
C TYR A 43 15.10 -3.29 13.23
N THR A 44 15.02 -2.09 13.81
CA THR A 44 13.74 -1.50 14.20
C THR A 44 13.22 -0.57 13.11
N TYR A 45 13.33 -0.99 11.86
CA TYR A 45 12.89 -0.18 10.74
C TYR A 45 12.29 -1.03 9.64
N CYS A 46 11.13 -0.62 9.15
CA CYS A 46 10.47 -1.31 8.05
C CYS A 46 11.16 -0.97 6.74
N ASN A 47 11.45 -1.98 5.94
CA ASN A 47 12.12 -1.75 4.67
C ASN A 47 11.22 -2.06 3.48
N THR A 48 11.67 -1.69 2.28
CA THR A 48 10.90 -1.90 1.04
C THR A 48 10.08 -3.18 1.06
N THR A 49 8.76 -3.04 0.98
CA THR A 49 7.87 -4.21 0.94
C THR A 49 6.94 -4.13 -0.26
N LEU A 50 6.73 -5.27 -0.92
CA LEU A 50 5.87 -5.33 -2.10
C LEU A 50 4.43 -5.70 -1.73
N ASP A 51 3.55 -5.69 -2.74
CA ASP A 51 2.13 -6.01 -2.55
C ASP A 51 1.54 -6.70 -3.79
N GLN A 52 0.36 -7.33 -3.61
CA GLN A 52 -0.33 -8.03 -4.70
C GLN A 52 -0.51 -7.14 -5.93
N ILE A 53 -1.09 -5.96 -5.72
CA ILE A 53 -1.32 -5.00 -6.81
C ILE A 53 -0.01 -4.36 -7.27
N GLY A 54 1.07 -4.58 -6.54
CA GLY A 54 2.36 -4.00 -6.91
C GLY A 54 2.72 -2.78 -6.08
N THR A 55 2.00 -2.56 -4.98
CA THR A 55 2.26 -1.41 -4.11
C THR A 55 3.58 -1.56 -3.36
N CYS A 56 4.60 -0.87 -3.85
CA CYS A 56 5.92 -0.92 -3.24
C CYS A 56 6.01 0.05 -2.07
N TRP A 57 6.12 -0.49 -0.86
CA TRP A 57 6.21 0.34 0.35
C TRP A 57 7.67 0.56 0.74
N PRO A 58 8.15 1.83 0.65
CA PRO A 58 9.55 2.19 0.97
C PRO A 58 9.90 2.03 2.46
N GLN A 59 11.17 2.33 2.78
CA GLN A 59 11.67 2.22 4.16
C GLN A 59 10.81 3.00 5.16
N SER A 60 10.72 2.46 6.36
CA SER A 60 9.92 3.07 7.44
C SER A 60 10.31 2.54 8.82
N ALA A 61 9.43 2.68 9.81
CA ALA A 61 9.72 2.19 11.17
C ALA A 61 8.43 1.87 11.95
N PRO A 62 8.57 1.21 13.12
CA PRO A 62 7.42 0.83 13.96
C PRO A 62 6.61 2.03 14.45
N GLY A 63 5.29 1.86 14.51
CA GLY A 63 4.41 2.94 14.95
C GLY A 63 4.35 4.09 13.95
N ALA A 64 4.53 3.78 12.66
CA ALA A 64 4.50 4.79 11.61
C ALA A 64 3.33 4.61 10.66
N LEU A 65 2.41 5.58 10.70
CA LEU A 65 1.24 5.54 9.83
C LEU A 65 1.66 5.89 8.40
N VAL A 66 1.85 4.86 7.58
CA VAL A 66 2.26 5.04 6.20
C VAL A 66 1.04 5.03 5.29
N GLU A 67 0.52 6.22 5.00
CA GLU A 67 -0.67 6.37 4.16
C GLU A 67 -0.31 6.72 2.72
N ARG A 68 -1.19 6.34 1.79
CA ARG A 68 -0.97 6.60 0.37
C ARG A 68 -2.24 6.35 -0.43
N PRO A 69 -2.56 7.21 -1.43
CA PRO A 69 -3.74 7.01 -2.27
C PRO A 69 -3.59 5.77 -3.14
N CYS A 70 -4.53 4.86 -3.03
CA CYS A 70 -4.48 3.60 -3.79
C CYS A 70 -4.65 3.86 -5.30
N PRO A 71 -3.99 3.04 -6.14
CA PRO A 71 -4.05 3.18 -7.61
C PRO A 71 -5.40 2.72 -8.19
N GLU A 72 -6.47 3.45 -7.86
CA GLU A 72 -7.82 3.13 -8.36
C GLU A 72 -7.89 3.25 -9.89
N TYR A 73 -7.06 4.12 -10.46
CA TYR A 73 -7.04 4.33 -11.90
C TYR A 73 -6.42 3.13 -12.63
N PHE A 74 -7.06 1.97 -12.47
CA PHE A 74 -6.61 0.72 -13.11
C PHE A 74 -7.24 0.54 -14.49
N ASN A 75 -7.70 1.65 -15.07
CA ASN A 75 -8.33 1.63 -16.39
C ASN A 75 -8.75 3.04 -16.80
N GLY A 76 -9.36 3.77 -15.87
CA GLY A 76 -9.81 5.14 -16.12
C GLY A 76 -11.14 5.41 -15.47
N ILE A 77 -11.21 5.18 -14.15
CA ILE A 77 -12.45 5.38 -13.40
C ILE A 77 -12.25 6.33 -12.22
N LYS A 78 -13.30 7.11 -11.96
CA LYS A 78 -13.33 8.10 -10.90
C LYS A 78 -12.71 9.42 -11.37
N TYR A 79 -13.28 10.52 -10.89
CA TYR A 79 -12.84 11.85 -11.29
C TYR A 79 -12.83 12.81 -10.08
N ASN A 80 -12.36 12.27 -8.94
CA ASN A 80 -12.27 13.02 -7.69
C ASN A 80 -11.23 12.36 -6.78
N THR A 81 -11.51 11.11 -6.40
CA THR A 81 -10.60 10.31 -5.57
C THR A 81 -10.30 10.93 -4.20
N THR A 82 -11.12 10.61 -3.20
CA THR A 82 -10.92 11.14 -1.83
C THR A 82 -10.62 10.00 -0.84
N ARG A 83 -10.15 8.85 -1.33
CA ARG A 83 -9.85 7.71 -0.45
C ARG A 83 -8.33 7.57 -0.26
N ASN A 84 -7.94 6.81 0.78
CA ASN A 84 -6.53 6.60 1.10
C ASN A 84 -6.25 5.18 1.57
N ALA A 85 -4.95 4.83 1.62
CA ALA A 85 -4.49 3.53 2.08
C ALA A 85 -3.61 3.71 3.31
N TYR A 86 -4.19 3.51 4.49
CA TYR A 86 -3.46 3.68 5.74
C TYR A 86 -2.80 2.39 6.20
N ARG A 87 -1.54 2.20 5.80
CA ARG A 87 -0.80 1.01 6.17
C ARG A 87 0.27 1.32 7.23
N GLU A 88 -0.10 1.15 8.50
CA GLU A 88 0.81 1.40 9.62
C GLU A 88 1.71 0.18 9.89
N CYS A 89 2.94 0.44 10.35
CA CYS A 89 3.89 -0.65 10.65
C CYS A 89 3.72 -1.13 12.09
N LEU A 90 4.10 -2.39 12.33
CA LEU A 90 3.99 -2.98 13.66
C LEU A 90 4.92 -2.28 14.65
N GLU A 91 4.72 -2.56 15.93
CA GLU A 91 5.53 -1.96 17.00
C GLU A 91 6.84 -2.71 17.21
N ASN A 92 6.87 -3.99 16.85
CA ASN A 92 8.09 -4.82 17.01
C ASN A 92 9.16 -4.45 15.98
N GLY A 93 8.72 -4.03 14.80
CA GLY A 93 9.65 -3.65 13.75
C GLY A 93 9.36 -4.35 12.43
N THR A 94 8.08 -4.53 12.12
CA THR A 94 7.67 -5.19 10.88
C THR A 94 6.38 -4.56 10.34
N TRP A 95 5.98 -4.96 9.14
CA TRP A 95 4.76 -4.43 8.53
C TRP A 95 3.53 -5.04 9.21
N ALA A 96 2.38 -4.35 9.11
CA ALA A 96 1.14 -4.83 9.73
C ALA A 96 0.58 -6.06 9.00
N SER A 97 -0.42 -6.71 9.62
CA SER A 97 -1.05 -7.90 9.05
C SER A 97 -1.70 -7.62 7.69
N ARG A 98 -2.72 -6.76 7.67
CA ARG A 98 -3.42 -6.43 6.43
C ARG A 98 -3.68 -4.93 6.32
N VAL A 99 -3.64 -4.40 5.09
CA VAL A 99 -3.86 -2.97 4.85
C VAL A 99 -5.30 -2.69 4.37
N ASN A 100 -5.85 -1.55 4.79
CA ASN A 100 -7.22 -1.18 4.42
C ASN A 100 -7.31 -0.53 3.03
N TYR A 101 -7.26 -1.36 1.99
CA TYR A 101 -7.36 -0.88 0.61
C TYR A 101 -8.80 -0.93 0.07
N SER A 102 -9.70 -1.52 0.86
CA SER A 102 -11.11 -1.65 0.47
C SER A 102 -11.84 -0.30 0.43
N HIS A 103 -11.23 0.73 1.02
CA HIS A 103 -11.81 2.09 1.04
C HIS A 103 -11.91 2.70 -0.37
N CYS A 104 -11.23 2.10 -1.35
CA CYS A 104 -11.27 2.58 -2.73
C CYS A 104 -12.59 2.20 -3.43
N GLU A 105 -13.23 3.16 -4.09
CA GLU A 105 -14.53 2.92 -4.77
C GLU A 105 -14.71 3.83 -6.01
N PRO A 106 -15.70 3.56 -6.90
CA PRO A 106 -15.93 4.40 -8.08
C PRO A 106 -16.30 5.84 -7.74
N ILE A 107 -16.71 6.62 -8.75
CA ILE A 107 -17.09 8.03 -8.52
C ILE A 107 -18.60 8.18 -8.44
N LEU A 108 -19.15 7.80 -7.29
CA LEU A 108 -20.57 7.87 -7.04
C LEU A 108 -20.88 8.65 -5.75
N LEU B 16 -14.55 1.07 -16.91
CA LEU B 16 -14.97 1.85 -15.78
C LEU B 16 -16.18 1.28 -15.04
N ALA B 17 -17.36 1.29 -15.65
CA ALA B 17 -18.57 0.78 -14.99
C ALA B 17 -18.39 -0.62 -14.43
N GLN B 18 -17.69 -1.49 -15.16
CA GLN B 18 -17.49 -2.86 -14.70
C GLN B 18 -15.99 -3.18 -14.45
N GLU B 19 -15.13 -2.17 -14.53
CA GLU B 19 -13.69 -2.36 -14.32
C GLU B 19 -13.28 -1.96 -12.90
N ALA B 20 -13.73 -0.79 -12.46
CA ALA B 20 -13.43 -0.28 -11.13
C ALA B 20 -13.63 -1.38 -10.07
N HIS B 21 -14.70 -2.17 -10.25
CA HIS B 21 -15.01 -3.25 -9.33
C HIS B 21 -13.84 -4.25 -9.26
N LYS B 22 -13.49 -4.84 -10.40
CA LYS B 22 -12.36 -5.78 -10.43
C LYS B 22 -11.10 -5.09 -9.91
N ASN B 23 -10.93 -3.82 -10.28
CA ASN B 23 -9.79 -3.04 -9.81
C ASN B 23 -9.74 -3.04 -8.28
N ARG B 24 -10.83 -2.60 -7.66
CA ARG B 24 -10.91 -2.56 -6.21
C ARG B 24 -10.99 -3.96 -5.63
N LYS B 25 -11.68 -4.86 -6.32
CA LYS B 25 -11.77 -6.25 -5.86
C LYS B 25 -10.36 -6.82 -5.63
N LEU B 26 -9.38 -6.31 -6.40
CA LEU B 26 -7.97 -6.72 -6.25
C LEU B 26 -7.31 -5.98 -5.08
N GLU B 28 -8.84 -5.53 -1.97
CA GLU B 28 -9.13 -6.27 -0.74
C GLU B 28 -8.07 -7.35 -0.49
N ILE B 29 -7.42 -7.81 -1.57
CA ILE B 29 -6.37 -8.83 -1.49
C ILE B 29 -5.11 -8.24 -0.83
N ILE B 30 -4.99 -6.91 -0.85
CA ILE B 30 -3.82 -6.23 -0.27
C ILE B 30 -3.89 -6.26 1.26
N TYR A 30 15.14 4.44 -3.90
CA TYR A 30 14.65 3.66 -5.07
C TYR A 30 13.99 2.35 -4.65
N CYS A 31 13.12 1.82 -5.50
CA CYS A 31 12.43 0.56 -5.23
C CYS A 31 13.15 -0.65 -5.83
N HIS A 32 13.99 -0.42 -6.83
CA HIS A 32 14.71 -1.50 -7.49
C HIS A 32 16.14 -1.67 -6.96
N ARG A 33 17.07 -0.85 -7.47
CA ARG A 33 18.48 -0.94 -7.06
C ARG A 33 19.32 0.14 -7.77
N THR A 34 20.64 -0.05 -7.79
CA THR A 34 21.57 0.89 -8.46
C THR A 34 22.02 2.02 -7.51
N THR A 35 23.03 1.72 -6.68
CA THR A 35 23.61 2.68 -5.73
C THR A 35 22.53 3.39 -4.91
N ILE A 36 21.96 2.67 -3.94
CA ILE A 36 20.91 3.24 -3.08
C ILE A 36 21.22 3.09 -1.58
N GLY A 37 21.97 2.06 -1.21
CA GLY A 37 22.29 1.84 0.20
C GLY A 37 21.21 1.04 0.90
N ASN A 38 20.00 1.62 1.00
CA ASN A 38 18.87 0.96 1.64
C ASN A 38 19.11 0.78 3.15
N PHE A 39 18.14 0.19 3.85
CA PHE A 39 18.26 -0.04 5.29
C PHE A 39 18.02 -1.51 5.66
N SER A 40 18.26 -1.85 6.93
CA SER A 40 18.09 -3.22 7.41
C SER A 40 18.28 -3.31 8.93
N GLY A 41 17.27 -2.89 9.68
CA GLY A 41 17.34 -2.93 11.14
C GLY A 41 16.74 -4.21 11.72
N PRO A 42 17.44 -4.86 12.67
CA PRO A 42 16.95 -6.11 13.29
C PRO A 42 15.69 -5.91 14.13
N TYR A 43 15.69 -4.86 14.93
CA TYR A 43 14.55 -4.56 15.80
C TYR A 43 13.95 -3.18 15.48
N THR A 44 12.62 -3.08 15.64
CA THR A 44 11.88 -1.83 15.38
C THR A 44 12.34 -1.09 14.12
N TYR A 45 12.14 -1.72 12.94
CA TYR A 45 12.53 -1.11 11.66
C TYR A 45 11.68 -1.65 10.49
N CYS A 46 11.45 -0.80 9.48
CA CYS A 46 10.68 -1.17 8.28
C CYS A 46 11.45 -0.81 7.00
N ASN A 47 11.34 -1.63 5.96
CA ASN A 47 12.04 -1.36 4.69
C ASN A 47 11.16 -1.56 3.46
N THR A 48 11.75 -1.37 2.27
CA THR A 48 11.04 -1.51 0.98
C THR A 48 10.28 -2.84 0.89
N THR A 49 8.96 -2.75 0.76
CA THR A 49 8.10 -3.95 0.66
C THR A 49 7.22 -3.89 -0.61
N LEU A 50 7.10 -5.02 -1.32
CA LEU A 50 6.28 -5.08 -2.54
C LEU A 50 4.86 -5.60 -2.24
N ASP A 51 3.98 -5.55 -3.25
CA ASP A 51 2.59 -5.99 -3.09
C ASP A 51 2.06 -6.72 -4.33
N GLN A 52 0.94 -7.44 -4.18
CA GLN A 52 0.32 -8.16 -5.30
C GLN A 52 0.02 -7.22 -6.48
N ILE A 53 -0.52 -6.04 -6.17
CA ILE A 53 -0.86 -5.03 -7.18
C ILE A 53 0.38 -4.23 -7.62
N GLY A 54 1.56 -4.52 -7.05
CA GLY A 54 2.76 -3.78 -7.42
C GLY A 54 2.96 -2.54 -6.56
N THR A 55 2.43 -2.56 -5.34
CA THR A 55 2.56 -1.43 -4.42
C THR A 55 3.89 -1.48 -3.69
N CYS A 56 4.77 -0.54 -4.02
CA CYS A 56 6.10 -0.49 -3.41
C CYS A 56 6.10 0.35 -2.13
N TRP A 57 6.24 -0.33 -0.99
CA TRP A 57 6.26 0.34 0.31
C TRP A 57 7.70 0.60 0.78
N PRO A 58 8.19 1.85 0.61
CA PRO A 58 9.57 2.24 0.98
C PRO A 58 9.89 2.07 2.47
N GLN A 59 11.16 2.37 2.81
CA GLN A 59 11.69 2.27 4.18
C GLN A 59 10.84 3.06 5.20
N SER A 60 10.66 2.47 6.39
CA SER A 60 9.88 3.10 7.47
C SER A 60 10.33 2.60 8.85
N ALA A 61 9.45 2.73 9.85
CA ALA A 61 9.74 2.27 11.22
C ALA A 61 8.44 1.96 11.98
N PRO A 62 8.56 1.32 13.17
CA PRO A 62 7.38 0.95 13.99
C PRO A 62 6.60 2.16 14.49
N GLY A 63 5.28 2.03 14.52
CA GLY A 63 4.41 3.12 14.97
C GLY A 63 4.31 4.23 13.95
N ALA A 64 4.46 3.88 12.66
CA ALA A 64 4.40 4.86 11.59
C ALA A 64 3.27 4.56 10.59
N LEU A 65 2.26 5.42 10.58
CA LEU A 65 1.14 5.28 9.65
C LEU A 65 1.56 5.73 8.27
N VAL A 66 1.96 4.78 7.44
CA VAL A 66 2.40 5.07 6.08
C VAL A 66 1.24 4.99 5.10
N GLU A 67 0.81 6.15 4.60
CA GLU A 67 -0.32 6.22 3.66
C GLU A 67 0.15 6.23 2.20
N ARG A 68 -0.77 5.87 1.30
CA ARG A 68 -0.49 5.84 -0.13
C ARG A 68 -1.78 5.89 -0.95
N PRO A 69 -1.80 6.68 -2.06
CA PRO A 69 -2.97 6.78 -2.92
C PRO A 69 -3.33 5.41 -3.51
N CYS A 70 -4.62 5.07 -3.52
CA CYS A 70 -5.07 3.78 -4.05
C CYS A 70 -4.76 3.64 -5.54
N PRO A 71 -3.90 2.66 -5.90
CA PRO A 71 -3.55 2.42 -7.31
C PRO A 71 -4.72 1.81 -8.07
N GLU A 72 -5.83 2.54 -8.10
CA GLU A 72 -7.06 2.11 -8.78
C GLU A 72 -7.03 2.47 -10.26
N TYR A 73 -6.05 3.27 -10.66
CA TYR A 73 -5.91 3.69 -12.05
C TYR A 73 -5.16 2.64 -12.88
N PHE A 74 -5.51 1.36 -12.71
CA PHE A 74 -4.86 0.31 -13.47
C PHE A 74 -5.84 -0.37 -14.43
N ASN A 75 -6.78 0.45 -14.95
CA ASN A 75 -7.81 0.00 -15.90
C ASN A 75 -8.49 1.19 -16.59
N GLY A 76 -8.83 2.20 -15.79
CA GLY A 76 -9.48 3.39 -16.33
C GLY A 76 -10.72 3.80 -15.54
N ILE A 77 -10.64 3.69 -14.22
CA ILE A 77 -11.75 4.04 -13.34
C ILE A 77 -11.28 4.97 -12.23
N LYS A 78 -12.23 5.70 -11.64
CA LYS A 78 -11.92 6.65 -10.56
C LYS A 78 -11.34 7.93 -11.15
N TYR A 79 -11.77 9.07 -10.61
CA TYR A 79 -11.32 10.37 -11.10
C TYR A 79 -10.96 11.31 -9.93
N ASN A 80 -11.91 11.48 -9.00
CA ASN A 80 -11.70 12.34 -7.84
C ASN A 80 -10.70 11.71 -6.86
N THR A 81 -11.08 10.55 -6.29
CA THR A 81 -10.23 9.83 -5.34
C THR A 81 -9.85 10.72 -4.14
N THR A 82 -10.86 11.04 -3.33
CA THR A 82 -10.66 11.92 -2.15
C THR A 82 -10.24 11.15 -0.90
N ARG A 83 -9.86 9.88 -1.03
CA ARG A 83 -9.41 9.09 0.12
C ARG A 83 -8.05 8.45 -0.14
N ASN A 84 -7.48 7.83 0.88
CA ASN A 84 -6.17 7.20 0.76
C ASN A 84 -6.10 5.82 1.42
N ALA A 85 -4.97 5.16 1.22
CA ALA A 85 -4.72 3.84 1.78
C ALA A 85 -3.94 3.94 3.09
N TYR A 86 -4.35 3.18 4.09
CA TYR A 86 -3.70 3.22 5.40
C TYR A 86 -2.93 1.93 5.71
N ARG A 87 -1.60 2.04 5.75
CA ARG A 87 -0.73 0.91 6.07
C ARG A 87 0.29 1.31 7.15
N GLU A 88 -0.05 1.06 8.40
CA GLU A 88 0.83 1.42 9.53
C GLU A 88 1.82 0.31 9.85
N CYS A 89 3.04 0.69 10.22
CA CYS A 89 4.08 -0.28 10.56
C CYS A 89 3.96 -0.71 12.03
N LEU A 90 3.82 -2.02 12.24
CA LEU A 90 3.68 -2.59 13.59
C LEU A 90 4.79 -2.14 14.54
N GLU A 91 4.51 -2.21 15.83
CA GLU A 91 5.45 -1.82 16.88
C GLU A 91 6.66 -2.77 16.95
N ASN A 92 6.41 -4.07 16.73
CA ASN A 92 7.47 -5.08 16.77
C ASN A 92 8.54 -4.82 15.71
N GLY A 93 8.22 -4.01 14.71
CA GLY A 93 9.18 -3.71 13.64
C GLY A 93 8.84 -4.44 12.35
N THR A 94 7.57 -4.51 12.01
CA THR A 94 7.14 -5.18 10.78
C THR A 94 5.87 -4.55 10.21
N TRP A 95 5.60 -4.82 8.94
CA TRP A 95 4.41 -4.28 8.28
C TRP A 95 3.15 -4.97 8.81
N ALA A 96 2.01 -4.27 8.74
CA ALA A 96 0.74 -4.83 9.23
C ALA A 96 0.27 -6.03 8.41
N SER A 97 -0.59 -6.86 9.01
CA SER A 97 -1.12 -8.06 8.34
C SER A 97 -1.94 -7.72 7.09
N ARG A 98 -2.71 -6.63 7.14
CA ARG A 98 -3.54 -6.21 6.01
C ARG A 98 -3.51 -4.69 5.83
N VAL A 99 -4.02 -4.22 4.70
CA VAL A 99 -4.06 -2.79 4.41
C VAL A 99 -5.49 -2.27 4.49
N ASN A 100 -5.65 -1.06 5.02
CA ASN A 100 -6.96 -0.45 5.12
C ASN A 100 -7.42 0.04 3.74
N TYR A 101 -7.64 -0.92 2.83
CA TYR A 101 -8.05 -0.60 1.46
C TYR A 101 -9.58 -0.45 1.35
N SER A 102 -10.28 -0.37 2.50
CA SER A 102 -11.74 -0.20 2.52
C SER A 102 -12.14 1.24 2.17
N HIS A 103 -11.27 2.20 2.50
CA HIS A 103 -11.54 3.62 2.19
C HIS A 103 -11.63 3.87 0.67
N CYS A 104 -11.08 2.93 -0.11
CA CYS A 104 -11.07 3.04 -1.57
C CYS A 104 -12.42 2.66 -2.19
N GLU A 105 -13.14 3.67 -2.69
CA GLU A 105 -14.45 3.48 -3.32
C GLU A 105 -14.60 4.38 -4.58
N PRO A 106 -15.71 4.28 -5.39
CA PRO A 106 -15.88 5.10 -6.61
C PRO A 106 -15.95 6.61 -6.30
N ILE A 107 -16.59 7.38 -7.19
CA ILE A 107 -16.71 8.83 -7.01
C ILE A 107 -18.10 9.35 -7.40
N LEU A 108 -18.97 9.43 -6.42
CA LEU A 108 -20.34 9.90 -6.61
C LEU A 108 -21.10 9.88 -5.29
N LEU B 16 -16.05 1.09 -13.25
CA LEU B 16 -16.71 1.92 -12.26
C LEU B 16 -17.76 1.09 -11.53
N ALA B 17 -18.34 0.14 -12.26
CA ALA B 17 -19.33 -0.79 -11.70
C ALA B 17 -18.82 -2.22 -11.86
N GLN B 18 -18.50 -2.59 -13.10
CA GLN B 18 -17.97 -3.92 -13.42
C GLN B 18 -16.43 -3.91 -13.50
N GLU B 19 -15.86 -2.94 -14.21
CA GLU B 19 -14.40 -2.83 -14.34
C GLU B 19 -13.75 -2.56 -12.98
N ALA B 20 -14.14 -1.44 -12.38
CA ALA B 20 -13.61 -1.05 -11.07
C ALA B 20 -13.77 -2.19 -10.05
N HIS B 21 -14.94 -2.82 -10.03
CA HIS B 21 -15.19 -3.93 -9.09
C HIS B 21 -14.03 -4.92 -9.10
N LYS B 22 -13.78 -5.54 -10.25
CA LYS B 22 -12.68 -6.50 -10.35
C LYS B 22 -11.35 -5.84 -9.95
N ASN B 23 -11.19 -4.57 -10.32
CA ASN B 23 -9.98 -3.83 -9.99
C ASN B 23 -9.88 -3.57 -8.49
N ARG B 24 -10.95 -3.00 -7.90
CA ARG B 24 -10.96 -2.73 -6.47
C ARG B 24 -10.91 -4.04 -5.69
N LYS B 25 -11.48 -5.10 -6.25
CA LYS B 25 -11.45 -6.42 -5.61
C LYS B 25 -10.00 -6.89 -5.47
N LEU B 26 -9.20 -6.67 -6.51
CA LEU B 26 -7.77 -7.02 -6.49
C LEU B 26 -7.12 -6.38 -5.26
N GLU B 28 -8.33 -6.14 -2.43
CA GLU B 28 -8.59 -7.00 -1.27
C GLU B 28 -7.53 -8.09 -1.16
N ILE B 29 -6.91 -8.44 -2.30
CA ILE B 29 -5.87 -9.47 -2.35
C ILE B 29 -4.66 -9.09 -1.48
N ILE B 30 -4.52 -7.78 -1.21
CA ILE B 30 -3.40 -7.30 -0.40
C ILE B 30 -3.75 -7.34 1.09
N TYR A 30 15.64 2.67 -3.19
CA TYR A 30 15.18 2.00 -4.44
C TYR A 30 14.12 0.92 -4.16
N CYS A 31 13.13 0.80 -5.06
CA CYS A 31 12.07 -0.18 -4.91
C CYS A 31 12.34 -1.39 -5.82
N HIS A 32 11.36 -2.30 -5.94
CA HIS A 32 11.50 -3.51 -6.76
C HIS A 32 12.74 -4.35 -6.37
N ARG A 33 13.29 -4.06 -5.18
CA ARG A 33 14.46 -4.79 -4.67
C ARG A 33 14.11 -5.60 -3.40
N THR A 34 12.99 -5.22 -2.76
CA THR A 34 12.50 -5.88 -1.53
C THR A 34 13.64 -6.15 -0.52
N THR A 35 14.53 -5.16 -0.36
CA THR A 35 15.65 -5.27 0.58
C THR A 35 16.48 -6.53 0.29
N ILE A 36 17.00 -6.62 -0.94
CA ILE A 36 17.81 -7.75 -1.36
C ILE A 36 19.30 -7.49 -1.17
N GLY A 37 19.73 -6.26 -1.46
CA GLY A 37 21.13 -5.89 -1.30
C GLY A 37 21.48 -5.61 0.15
N ASN A 38 20.98 -4.50 0.68
CA ASN A 38 21.26 -4.12 2.08
C ASN A 38 20.30 -4.84 3.02
N PHE A 39 20.66 -4.89 4.31
CA PHE A 39 19.84 -5.55 5.33
C PHE A 39 20.02 -4.90 6.69
N SER A 40 19.36 -5.46 7.70
CA SER A 40 19.45 -4.96 9.07
C SER A 40 18.72 -5.85 10.08
N GLY A 41 18.62 -7.16 9.77
CA GLY A 41 17.94 -8.10 10.66
C GLY A 41 16.52 -7.67 11.00
N PRO A 42 15.85 -8.39 11.91
CA PRO A 42 14.48 -8.06 12.31
C PRO A 42 14.44 -6.92 13.34
N TYR A 43 15.15 -5.83 13.03
CA TYR A 43 15.20 -4.66 13.92
C TYR A 43 13.88 -3.90 13.94
N THR A 44 13.80 -2.87 14.79
CA THR A 44 12.60 -2.06 14.92
C THR A 44 12.55 -0.97 13.84
N TYR A 45 12.94 -1.34 12.62
CA TYR A 45 12.93 -0.42 11.50
C TYR A 45 12.38 -1.11 10.25
N CYS A 46 11.51 -0.41 9.53
CA CYS A 46 10.93 -0.94 8.31
C CYS A 46 11.73 -0.50 7.10
N ASN A 47 11.60 -1.22 5.99
CA ASN A 47 12.32 -0.87 4.77
C ASN A 47 11.43 -0.96 3.55
N THR A 48 12.03 -0.77 2.37
CA THR A 48 11.29 -0.84 1.11
C THR A 48 10.62 -2.23 0.98
N THR A 49 9.45 -2.27 0.36
CA THR A 49 8.72 -3.54 0.21
C THR A 49 7.75 -3.47 -0.96
N LEU A 50 7.33 -4.65 -1.44
CA LEU A 50 6.38 -4.75 -2.55
C LEU A 50 5.13 -5.53 -2.12
N ASP A 51 4.15 -5.65 -3.03
CA ASP A 51 2.92 -6.36 -2.72
C ASP A 51 2.29 -6.99 -3.98
N GLN A 52 1.17 -7.70 -3.79
CA GLN A 52 0.45 -8.38 -4.90
C GLN A 52 0.16 -7.41 -6.05
N ILE A 53 -0.53 -6.31 -5.74
CA ILE A 53 -0.88 -5.30 -6.73
C ILE A 53 0.34 -4.46 -7.14
N GLY A 54 1.49 -4.70 -6.49
CA GLY A 54 2.70 -3.95 -6.79
C GLY A 54 2.81 -2.68 -5.96
N THR A 55 2.20 -2.69 -4.78
CA THR A 55 2.22 -1.54 -3.89
C THR A 55 3.57 -1.40 -3.19
N CYS A 56 4.37 -0.46 -3.68
CA CYS A 56 5.70 -0.20 -3.14
C CYS A 56 5.64 0.49 -1.77
N TRP A 57 6.34 -0.08 -0.80
CA TRP A 57 6.37 0.48 0.56
C TRP A 57 7.80 0.81 1.00
N PRO A 58 8.21 2.09 0.88
CA PRO A 58 9.56 2.55 1.24
C PRO A 58 9.95 2.32 2.71
N GLN A 59 11.18 2.70 3.03
CA GLN A 59 11.74 2.57 4.40
C GLN A 59 10.91 3.35 5.43
N SER A 60 10.69 2.74 6.59
CA SER A 60 9.92 3.36 7.67
C SER A 60 10.23 2.69 9.03
N ALA A 61 9.25 2.69 9.94
CA ALA A 61 9.44 2.08 11.26
C ALA A 61 8.10 1.76 11.94
N PRO A 62 8.10 0.89 12.98
CA PRO A 62 6.88 0.50 13.71
C PRO A 62 6.12 1.72 14.24
N GLY A 63 4.79 1.59 14.37
CA GLY A 63 3.97 2.70 14.86
C GLY A 63 3.93 3.87 13.89
N ALA A 64 3.77 3.58 12.60
CA ALA A 64 3.72 4.61 11.57
C ALA A 64 2.70 4.27 10.48
N LEU A 65 1.67 5.10 10.35
CA LEU A 65 0.63 4.88 9.35
C LEU A 65 1.09 5.36 7.97
N VAL A 66 1.90 4.54 7.32
CA VAL A 66 2.42 4.88 5.99
C VAL A 66 1.30 4.80 4.95
N GLU A 67 0.85 5.97 4.49
CA GLU A 67 -0.22 6.05 3.49
C GLU A 67 0.31 5.95 2.05
N ARG A 68 -0.56 5.50 1.15
CA ARG A 68 -0.22 5.35 -0.26
C ARG A 68 -1.46 5.42 -1.15
N PRO A 69 -1.37 6.16 -2.28
CA PRO A 69 -2.49 6.33 -3.22
C PRO A 69 -3.09 5.00 -3.67
N CYS A 70 -4.41 4.96 -3.75
CA CYS A 70 -5.11 3.75 -4.16
C CYS A 70 -4.94 3.50 -5.66
N PRO A 71 -4.37 2.34 -6.05
CA PRO A 71 -4.17 2.00 -7.46
C PRO A 71 -5.49 1.62 -8.15
N GLU A 72 -6.45 2.55 -8.13
CA GLU A 72 -7.75 2.31 -8.75
C GLU A 72 -7.71 2.60 -10.26
N TYR A 73 -6.53 2.94 -10.79
CA TYR A 73 -6.37 3.24 -12.21
C TYR A 73 -5.89 2.01 -12.99
N PHE A 74 -6.62 0.92 -12.85
CA PHE A 74 -6.28 -0.34 -13.52
C PHE A 74 -7.03 -0.48 -14.87
N ASN A 75 -7.58 0.63 -15.37
CA ASN A 75 -8.31 0.63 -16.64
C ASN A 75 -8.74 2.06 -17.02
N GLY A 76 -9.37 2.77 -16.07
CA GLY A 76 -9.82 4.14 -16.32
C GLY A 76 -11.19 4.42 -15.73
N ILE A 77 -11.27 4.42 -14.39
CA ILE A 77 -12.53 4.67 -13.68
C ILE A 77 -12.35 5.75 -12.60
N LYS A 78 -13.46 6.18 -11.96
CA LYS A 78 -13.43 7.21 -10.90
C LYS A 78 -13.25 8.60 -11.51
N TYR A 79 -12.14 8.81 -12.22
CA TYR A 79 -11.81 10.10 -12.86
C TYR A 79 -11.92 11.28 -11.88
N ASN A 80 -11.91 10.99 -10.58
CA ASN A 80 -11.98 12.02 -9.54
C ASN A 80 -11.79 11.41 -8.15
N THR A 81 -10.85 10.47 -8.02
CA THR A 81 -10.60 9.82 -6.74
C THR A 81 -9.56 10.59 -5.93
N THR A 82 -9.98 11.11 -4.78
CA THR A 82 -9.08 11.86 -3.92
C THR A 82 -8.91 11.15 -2.57
N ARG A 83 -8.88 9.81 -2.61
CA ARG A 83 -8.71 9.00 -1.41
C ARG A 83 -7.28 8.45 -1.32
N ASN A 84 -6.93 7.88 -0.17
CA ASN A 84 -5.61 7.31 0.06
C ASN A 84 -5.66 6.11 1.00
N ALA A 85 -4.72 5.16 0.83
CA ALA A 85 -4.67 3.96 1.66
C ALA A 85 -3.93 4.21 2.97
N TYR A 86 -4.04 3.26 3.90
CA TYR A 86 -3.39 3.37 5.20
C TYR A 86 -2.93 2.01 5.72
N ARG A 87 -1.61 1.82 5.82
CA ARG A 87 -1.04 0.57 6.32
C ARG A 87 0.08 0.82 7.32
N GLU A 88 -0.18 0.54 8.58
CA GLU A 88 0.80 0.74 9.64
C GLU A 88 1.90 -0.31 9.59
N CYS A 89 3.05 0.01 10.15
CA CYS A 89 4.18 -0.91 10.17
C CYS A 89 4.23 -1.70 11.48
N LEU A 90 3.05 -2.13 11.96
CA LEU A 90 2.94 -2.90 13.21
C LEU A 90 3.65 -2.21 14.37
N GLU A 91 3.84 -2.93 15.47
CA GLU A 91 4.51 -2.40 16.66
C GLU A 91 5.74 -3.23 17.05
N ASN A 92 6.09 -4.22 16.22
CA ASN A 92 7.25 -5.08 16.47
C ASN A 92 8.40 -4.79 15.50
N GLY A 93 8.07 -4.34 14.28
CA GLY A 93 9.09 -4.04 13.30
C GLY A 93 8.76 -4.56 11.90
N THR A 94 7.69 -5.35 11.79
CA THR A 94 7.27 -5.91 10.49
C THR A 94 6.09 -5.11 9.91
N TRP A 95 5.86 -5.27 8.61
CA TRP A 95 4.75 -4.57 7.94
C TRP A 95 3.39 -5.20 8.32
N ALA A 96 2.32 -4.41 8.16
CA ALA A 96 0.98 -4.90 8.47
C ALA A 96 0.44 -5.82 7.37
N SER A 97 -0.74 -6.40 7.59
CA SER A 97 -1.36 -7.30 6.62
C SER A 97 -2.40 -6.56 5.77
N ARG A 98 -3.05 -5.54 6.35
CA ARG A 98 -4.07 -4.76 5.64
C ARG A 98 -3.58 -3.34 5.34
N VAL A 99 -4.20 -2.70 4.36
CA VAL A 99 -3.83 -1.33 3.96
C VAL A 99 -5.08 -0.44 3.87
N ASN A 100 -6.11 -0.76 4.65
CA ASN A 100 -7.35 0.00 4.65
C ASN A 100 -7.98 0.02 3.25
N TYR A 101 -8.29 -1.17 2.73
CA TYR A 101 -8.90 -1.30 1.40
C TYR A 101 -10.39 -0.92 1.42
N SER A 102 -10.94 -0.69 2.62
CA SER A 102 -12.34 -0.32 2.77
C SER A 102 -12.65 1.00 2.05
N HIS A 103 -11.66 1.90 2.04
CA HIS A 103 -11.80 3.20 1.37
C HIS A 103 -11.73 3.02 -0.15
N CYS A 104 -11.34 4.06 -0.89
CA CYS A 104 -11.25 3.98 -2.34
C CYS A 104 -12.63 3.77 -2.97
N GLU A 105 -13.52 4.73 -2.75
CA GLU A 105 -14.88 4.68 -3.28
C GLU A 105 -14.97 5.47 -4.60
N PRO A 106 -16.08 5.32 -5.38
CA PRO A 106 -16.23 6.04 -6.65
C PRO A 106 -16.21 7.57 -6.47
N ILE A 107 -16.80 8.31 -7.41
CA ILE A 107 -16.82 9.78 -7.32
C ILE A 107 -18.21 10.34 -7.02
N LEU A 108 -18.30 11.17 -5.98
CA LEU A 108 -19.55 11.78 -5.55
C LEU A 108 -19.27 13.06 -4.76
N LEU B 16 -17.28 -0.62 -16.18
CA LEU B 16 -17.29 0.56 -15.38
C LEU B 16 -17.43 0.26 -13.88
N ALA B 17 -18.66 0.13 -13.39
CA ALA B 17 -18.89 -0.15 -11.97
C ALA B 17 -18.42 -1.53 -11.55
N GLN B 18 -18.44 -2.48 -12.48
CA GLN B 18 -18.00 -3.84 -12.20
C GLN B 18 -16.48 -3.98 -12.42
N GLU B 19 -15.97 -3.34 -13.48
CA GLU B 19 -14.54 -3.40 -13.79
C GLU B 19 -13.71 -2.92 -12.60
N ALA B 20 -14.02 -1.72 -12.11
CA ALA B 20 -13.30 -1.15 -10.96
C ALA B 20 -13.52 -1.96 -9.69
N HIS B 21 -14.58 -2.81 -9.69
CA HIS B 21 -14.88 -3.66 -8.55
C HIS B 21 -13.81 -4.72 -8.40
N LYS B 22 -13.59 -5.53 -9.44
CA LYS B 22 -12.56 -6.56 -9.42
C LYS B 22 -11.19 -5.93 -9.17
N ASN B 23 -10.96 -4.77 -9.78
CA ASN B 23 -9.70 -4.03 -9.58
C ASN B 23 -9.52 -3.68 -8.11
N ARG B 24 -10.57 -3.09 -7.52
CA ARG B 24 -10.54 -2.74 -6.11
C ARG B 24 -10.50 -4.02 -5.25
N LYS B 25 -11.16 -5.08 -5.74
CA LYS B 25 -11.16 -6.37 -5.04
C LYS B 25 -9.72 -6.87 -4.86
N LEU B 26 -8.90 -6.72 -5.90
CA LEU B 26 -7.49 -7.13 -5.85
C LEU B 26 -6.81 -6.56 -4.59
N GLU B 28 -8.05 -6.57 -1.54
CA GLU B 28 -8.26 -7.51 -0.44
C GLU B 28 -7.17 -8.58 -0.42
N ILE B 29 -6.57 -8.84 -1.58
CA ILE B 29 -5.50 -9.82 -1.71
C ILE B 29 -4.23 -9.35 -0.97
N ILE B 30 -4.11 -8.04 -0.75
CA ILE B 30 -2.94 -7.47 -0.08
C ILE B 30 -3.05 -7.64 1.43
N TYR A 30 6.10 -2.11 -8.86
CA TYR A 30 7.55 -2.32 -8.61
C TYR A 30 8.09 -1.39 -7.52
N CYS A 31 9.03 -1.88 -6.72
CA CYS A 31 9.62 -1.10 -5.64
C CYS A 31 11.14 -1.22 -5.65
N HIS A 32 11.82 -0.13 -5.29
CA HIS A 32 13.29 -0.12 -5.25
C HIS A 32 13.83 1.22 -4.74
N ARG A 33 13.17 1.80 -3.75
CA ARG A 33 13.61 3.08 -3.19
C ARG A 33 13.78 2.98 -1.68
N THR A 34 14.10 4.10 -1.04
CA THR A 34 14.30 4.17 0.42
C THR A 34 15.65 3.64 0.87
N THR A 35 16.22 2.70 0.12
CA THR A 35 17.53 2.13 0.46
C THR A 35 18.58 2.46 -0.60
N ILE A 36 18.42 3.62 -1.23
CA ILE A 36 19.35 4.07 -2.27
C ILE A 36 20.39 5.07 -1.73
N GLY A 37 20.07 5.73 -0.61
CA GLY A 37 20.98 6.70 -0.02
C GLY A 37 22.10 6.04 0.79
N ASN A 38 22.01 6.16 2.12
CA ASN A 38 23.01 5.59 3.00
C ASN A 38 22.37 4.67 4.04
N PHE A 39 23.18 3.82 4.67
CA PHE A 39 22.71 2.89 5.68
C PHE A 39 23.82 2.50 6.66
N SER A 40 23.47 1.73 7.70
CA SER A 40 24.43 1.28 8.70
C SER A 40 23.86 0.14 9.53
N GLY A 41 23.21 0.49 10.63
CA GLY A 41 22.63 -0.52 11.52
C GLY A 41 21.62 0.06 12.49
N PRO A 42 20.40 0.41 12.01
CA PRO A 42 19.35 0.97 12.86
C PRO A 42 18.61 -0.09 13.67
N TYR A 43 17.57 0.32 14.39
CA TYR A 43 16.78 -0.61 15.21
C TYR A 43 15.28 -0.42 14.98
N THR A 44 14.62 -1.48 14.51
CA THR A 44 13.18 -1.47 14.23
C THR A 44 12.86 -0.52 13.07
N TYR A 45 12.81 -1.08 11.87
CA TYR A 45 12.54 -0.30 10.66
C TYR A 45 11.83 -1.14 9.59
N CYS A 46 10.85 -0.53 8.93
CA CYS A 46 10.09 -1.19 7.87
C CYS A 46 10.62 -0.76 6.51
N ASN A 47 11.72 -1.35 6.07
CA ASN A 47 12.33 -1.01 4.78
C ASN A 47 11.34 -1.16 3.62
N THR A 48 11.77 -0.71 2.44
CA THR A 48 10.94 -0.77 1.23
C THR A 48 10.20 -2.11 1.14
N THR A 49 8.90 -2.05 0.86
CA THR A 49 8.08 -3.27 0.78
C THR A 49 7.15 -3.24 -0.45
N LEU A 50 6.92 -4.42 -1.04
CA LEU A 50 6.05 -4.55 -2.21
C LEU A 50 4.68 -5.10 -1.82
N ASP A 51 3.76 -5.12 -2.79
CA ASP A 51 2.41 -5.62 -2.57
C ASP A 51 1.88 -6.36 -3.80
N GLN A 52 0.88 -7.22 -3.60
CA GLN A 52 0.27 -8.00 -4.69
C GLN A 52 -0.05 -7.13 -5.90
N ILE A 53 -0.82 -6.06 -5.68
CA ILE A 53 -1.20 -5.13 -6.75
C ILE A 53 0.01 -4.34 -7.28
N GLY A 54 1.12 -4.36 -6.54
CA GLY A 54 2.31 -3.64 -6.95
C GLY A 54 2.63 -2.43 -6.07
N THR A 55 1.86 -2.24 -4.99
CA THR A 55 2.06 -1.11 -4.09
C THR A 55 3.47 -1.14 -3.48
N CYS A 56 4.27 -0.14 -3.82
CA CYS A 56 5.65 -0.03 -3.31
C CYS A 56 5.69 0.84 -2.06
N TRP A 57 5.92 0.21 -0.91
CA TRP A 57 6.00 0.92 0.36
C TRP A 57 7.45 1.24 0.72
N PRO A 58 7.73 2.49 1.13
CA PRO A 58 9.09 2.92 1.49
C PRO A 58 9.49 2.52 2.93
N GLN A 59 10.72 2.87 3.32
CA GLN A 59 11.22 2.54 4.65
C GLN A 59 10.45 3.26 5.76
N SER A 60 9.70 2.49 6.55
CA SER A 60 8.92 3.01 7.66
C SER A 60 9.45 2.46 9.00
N ALA A 61 8.63 2.53 10.05
CA ALA A 61 9.03 2.02 11.37
C ALA A 61 7.81 1.67 12.23
N PRO A 62 7.96 0.69 13.16
CA PRO A 62 6.89 0.23 14.05
C PRO A 62 6.06 1.38 14.63
N GLY A 63 4.74 1.23 14.58
CA GLY A 63 3.83 2.25 15.10
C GLY A 63 3.50 3.35 14.10
N ALA A 64 4.34 3.53 13.08
CA ALA A 64 4.11 4.56 12.07
C ALA A 64 3.14 4.07 11.00
N LEU A 65 2.17 4.93 10.67
CA LEU A 65 1.18 4.61 9.65
C LEU A 65 1.58 5.21 8.30
N VAL A 66 1.89 4.34 7.35
CA VAL A 66 2.28 4.79 6.02
C VAL A 66 1.06 4.89 5.09
N GLU A 67 1.00 5.96 4.30
CA GLU A 67 -0.11 6.18 3.38
C GLU A 67 0.34 6.13 1.92
N ARG A 68 -0.47 5.52 1.07
CA ARG A 68 -0.15 5.41 -0.36
C ARG A 68 -1.43 5.42 -1.21
N PRO A 69 -1.31 5.77 -2.51
CA PRO A 69 -2.47 5.81 -3.41
C PRO A 69 -3.05 4.41 -3.66
N CYS A 70 -4.35 4.27 -3.48
CA CYS A 70 -5.02 2.98 -3.68
C CYS A 70 -5.25 2.69 -5.17
N PRO A 71 -4.57 1.65 -5.72
CA PRO A 71 -4.73 1.29 -7.14
C PRO A 71 -6.14 0.77 -7.48
N GLU A 72 -7.10 1.68 -7.45
CA GLU A 72 -8.50 1.34 -7.75
C GLU A 72 -8.73 1.10 -9.24
N TYR A 73 -7.89 1.72 -10.08
CA TYR A 73 -8.01 1.60 -11.52
C TYR A 73 -7.22 0.39 -12.06
N PHE A 74 -7.95 -0.61 -12.56
CA PHE A 74 -7.32 -1.81 -13.12
C PHE A 74 -7.88 -2.12 -14.51
N ASN A 75 -8.04 -1.07 -15.33
CA ASN A 75 -8.58 -1.21 -16.68
C ASN A 75 -8.70 0.18 -17.35
N GLY A 76 -9.75 0.91 -16.96
CA GLY A 76 -9.99 2.24 -17.51
C GLY A 76 -11.23 2.89 -16.90
N ILE A 77 -11.52 2.53 -15.65
CA ILE A 77 -12.69 3.05 -14.94
C ILE A 77 -12.27 3.81 -13.69
N LYS A 78 -13.10 4.76 -13.29
CA LYS A 78 -12.83 5.56 -12.09
C LYS A 78 -11.69 6.52 -12.32
N TYR A 79 -11.94 7.78 -12.02
CA TYR A 79 -10.96 8.84 -12.19
C TYR A 79 -11.15 9.87 -11.08
N ASN A 80 -11.23 9.36 -9.85
CA ASN A 80 -11.45 10.21 -8.69
C ASN A 80 -10.65 9.73 -7.47
N THR A 81 -11.26 8.84 -6.66
CA THR A 81 -10.64 8.31 -5.43
C THR A 81 -9.75 9.36 -4.76
N THR A 82 -10.36 10.49 -4.39
CA THR A 82 -9.65 11.59 -3.74
C THR A 82 -9.25 11.26 -2.30
N ARG A 83 -8.54 10.13 -2.12
CA ARG A 83 -8.08 9.69 -0.81
C ARG A 83 -6.80 8.87 -0.92
N ASN A 84 -6.38 8.28 0.20
CA ASN A 84 -5.17 7.45 0.24
C ASN A 84 -5.35 6.24 1.15
N ALA A 85 -4.34 5.38 1.19
CA ALA A 85 -4.37 4.18 2.03
C ALA A 85 -3.69 4.42 3.38
N TYR A 86 -3.90 3.50 4.31
CA TYR A 86 -3.32 3.60 5.66
C TYR A 86 -2.69 2.27 6.07
N ARG A 87 -1.37 2.26 6.26
CA ARG A 87 -0.66 1.05 6.67
C ARG A 87 0.25 1.32 7.87
N GLU A 88 -0.17 0.87 9.05
CA GLU A 88 0.60 1.07 10.27
C GLU A 88 1.65 -0.04 10.44
N CYS A 89 2.88 0.37 10.77
CA CYS A 89 3.97 -0.59 10.96
C CYS A 89 3.81 -1.33 12.28
N LEU A 90 3.95 -2.66 12.22
CA LEU A 90 3.82 -3.50 13.42
C LEU A 90 4.86 -3.13 14.47
N GLU A 91 4.39 -3.04 15.71
CA GLU A 91 5.24 -2.69 16.86
C GLU A 91 6.47 -3.56 16.95
N ASN A 92 6.33 -4.85 16.62
CA ASN A 92 7.45 -5.78 16.65
C ASN A 92 8.61 -5.30 15.75
N GLY A 93 8.30 -4.38 14.82
CA GLY A 93 9.32 -3.85 13.93
C GLY A 93 9.16 -4.32 12.50
N THR A 94 7.92 -4.42 12.01
CA THR A 94 7.69 -4.85 10.63
C THR A 94 6.46 -4.19 10.00
N TRP A 95 6.06 -4.74 8.86
CA TRP A 95 4.90 -4.23 8.11
C TRP A 95 3.63 -5.01 8.48
N ALA A 96 2.47 -4.40 8.24
CA ALA A 96 1.19 -5.05 8.55
C ALA A 96 0.83 -6.10 7.48
N SER A 97 0.27 -7.22 7.94
CA SER A 97 -0.12 -8.32 7.05
C SER A 97 -0.91 -7.83 5.84
N ARG A 98 -1.94 -7.02 6.07
CA ARG A 98 -2.77 -6.50 4.99
C ARG A 98 -2.94 -4.97 5.08
N VAL A 99 -3.72 -4.42 4.17
CA VAL A 99 -3.97 -2.97 4.12
C VAL A 99 -5.47 -2.65 4.22
N ASN A 100 -5.81 -1.71 5.08
CA ASN A 100 -7.19 -1.29 5.24
C ASN A 100 -7.63 -0.44 4.05
N TYR A 101 -7.77 -1.08 2.89
CA TYR A 101 -8.16 -0.39 1.66
C TYR A 101 -9.67 -0.12 1.62
N SER A 102 -10.18 0.52 2.67
CA SER A 102 -11.61 0.87 2.75
C SER A 102 -11.80 2.32 2.30
N HIS A 103 -11.17 2.66 1.19
CA HIS A 103 -11.22 4.00 0.62
C HIS A 103 -11.32 3.91 -0.90
N CYS A 104 -10.88 4.96 -1.61
CA CYS A 104 -10.90 4.97 -3.07
C CYS A 104 -12.32 5.16 -3.60
N GLU A 105 -12.75 6.42 -3.67
CA GLU A 105 -14.08 6.77 -4.18
C GLU A 105 -14.04 6.98 -5.70
N PRO A 106 -14.62 6.05 -6.48
CA PRO A 106 -14.62 6.16 -7.95
C PRO A 106 -15.51 7.28 -8.47
N ILE A 107 -15.15 7.81 -9.65
CA ILE A 107 -15.90 8.89 -10.32
C ILE A 107 -16.81 9.68 -9.38
N LEU A 108 -18.13 9.50 -9.53
CA LEU A 108 -19.12 10.21 -8.72
C LEU A 108 -19.18 9.65 -7.30
N LEU B 16 -16.56 0.63 -16.80
CA LEU B 16 -16.34 -0.76 -16.48
C LEU B 16 -16.97 -1.09 -15.15
N ALA B 17 -18.19 -0.62 -15.00
CA ALA B 17 -18.99 -0.82 -13.78
C ALA B 17 -18.73 -2.19 -13.15
N GLN B 18 -18.99 -3.26 -13.91
CA GLN B 18 -18.78 -4.62 -13.44
C GLN B 18 -17.29 -4.92 -13.28
N GLU B 19 -16.48 -4.45 -14.22
CA GLU B 19 -15.03 -4.66 -14.18
C GLU B 19 -14.40 -3.97 -12.97
N ALA B 20 -14.75 -2.69 -12.75
CA ALA B 20 -14.24 -1.92 -11.61
C ALA B 20 -14.32 -2.71 -10.30
N HIS B 21 -15.27 -3.66 -10.22
CA HIS B 21 -15.44 -4.48 -9.02
C HIS B 21 -14.22 -5.39 -8.80
N LYS B 22 -13.90 -6.21 -9.81
CA LYS B 22 -12.74 -7.10 -9.74
C LYS B 22 -11.48 -6.29 -9.44
N ASN B 23 -11.42 -5.08 -10.02
CA ASN B 23 -10.30 -4.17 -9.82
C ASN B 23 -10.04 -3.95 -8.33
N ARG B 24 -11.09 -3.56 -7.62
CA ARG B 24 -10.99 -3.31 -6.19
C ARG B 24 -10.83 -4.62 -5.40
N LYS B 25 -11.49 -5.69 -5.85
CA LYS B 25 -11.39 -6.98 -5.18
C LYS B 25 -9.92 -7.33 -4.94
N LEU B 26 -9.09 -7.13 -5.95
CA LEU B 26 -7.66 -7.39 -5.84
C LEU B 26 -7.04 -6.66 -4.63
N GLU B 28 -8.56 -6.44 -1.66
CA GLU B 28 -8.85 -7.27 -0.48
C GLU B 28 -7.72 -8.28 -0.24
N ILE B 29 -7.00 -8.62 -1.32
CA ILE B 29 -5.88 -9.56 -1.25
C ILE B 29 -4.71 -8.95 -0.46
N ILE B 30 -4.53 -7.63 -0.57
CA ILE B 30 -3.44 -6.94 0.12
C ILE B 30 -3.65 -6.97 1.63
N TYR A 30 13.28 -6.21 -1.75
CA TYR A 30 13.73 -5.41 -2.92
C TYR A 30 12.55 -4.95 -3.77
N CYS A 31 12.58 -3.70 -4.23
CA CYS A 31 11.49 -3.15 -5.04
C CYS A 31 12.00 -2.63 -6.39
N HIS A 32 13.10 -1.87 -6.37
CA HIS A 32 13.68 -1.31 -7.60
C HIS A 32 15.16 -0.98 -7.45
N ARG A 33 15.47 -0.02 -6.58
CA ARG A 33 16.85 0.39 -6.35
C ARG A 33 17.60 -0.61 -5.47
N THR A 34 18.89 -0.79 -5.76
CA THR A 34 19.72 -1.73 -5.00
C THR A 34 20.63 -0.98 -4.02
N THR A 35 21.33 0.06 -4.51
CA THR A 35 22.22 0.85 -3.67
C THR A 35 22.13 2.34 -4.02
N ILE A 36 20.94 2.78 -4.42
CA ILE A 36 20.69 4.17 -4.78
C ILE A 36 20.07 4.94 -3.61
N GLY A 37 19.29 4.23 -2.79
CA GLY A 37 18.65 4.86 -1.64
C GLY A 37 19.31 4.45 -0.33
N ASN A 38 20.29 5.24 0.09
CA ASN A 38 21.02 4.96 1.34
C ASN A 38 20.12 5.15 2.57
N PHE A 39 20.69 4.94 3.76
CA PHE A 39 19.94 5.08 5.00
C PHE A 39 19.99 6.51 5.55
N SER A 40 19.03 6.83 6.43
CA SER A 40 18.94 8.15 7.05
C SER A 40 17.91 8.14 8.17
N GLY A 41 18.33 7.66 9.34
CA GLY A 41 17.42 7.60 10.49
C GLY A 41 17.52 6.27 11.21
N PRO A 42 17.88 6.27 12.51
CA PRO A 42 18.01 5.03 13.29
C PRO A 42 16.66 4.40 13.63
N TYR A 43 15.97 3.87 12.61
CA TYR A 43 14.68 3.22 12.84
C TYR A 43 14.89 1.75 13.23
N THR A 44 13.80 1.07 13.53
CA THR A 44 13.87 -0.34 13.94
C THR A 44 13.70 -1.29 12.76
N TYR A 45 12.61 -1.12 12.00
CA TYR A 45 12.34 -1.99 10.86
C TYR A 45 11.48 -1.29 9.80
N CYS A 46 10.86 -2.10 8.91
CA CYS A 46 10.00 -1.58 7.85
C CYS A 46 10.79 -1.03 6.67
N ASN A 47 11.35 -1.92 5.86
CA ASN A 47 12.10 -1.52 4.67
C ASN A 47 11.17 -1.52 3.45
N THR A 48 11.68 -1.05 2.31
CA THR A 48 10.86 -1.01 1.09
C THR A 48 10.20 -2.38 0.87
N THR A 49 8.87 -2.38 0.83
CA THR A 49 8.10 -3.61 0.67
C THR A 49 7.15 -3.53 -0.52
N LEU A 50 6.90 -4.67 -1.16
CA LEU A 50 6.00 -4.73 -2.32
C LEU A 50 4.60 -5.20 -1.93
N ASP A 51 3.73 -5.32 -2.93
CA ASP A 51 2.35 -5.76 -2.72
C ASP A 51 1.85 -6.56 -3.94
N GLN A 52 0.84 -7.41 -3.73
CA GLN A 52 0.28 -8.22 -4.83
C GLN A 52 -0.29 -7.31 -5.92
N ILE A 53 -0.85 -6.17 -5.51
CA ILE A 53 -1.43 -5.20 -6.45
C ILE A 53 -0.34 -4.31 -7.09
N GLY A 54 0.90 -4.42 -6.60
CA GLY A 54 1.98 -3.61 -7.13
C GLY A 54 2.21 -2.35 -6.31
N THR A 55 1.91 -2.43 -5.01
CA THR A 55 2.09 -1.29 -4.11
C THR A 55 3.45 -1.33 -3.43
N CYS A 56 4.36 -0.45 -3.83
CA CYS A 56 5.70 -0.40 -3.25
C CYS A 56 5.72 0.50 -2.02
N TRP A 57 5.83 -0.12 -0.86
CA TRP A 57 5.87 0.60 0.41
C TRP A 57 7.32 0.89 0.80
N PRO A 58 7.73 2.17 0.72
CA PRO A 58 9.11 2.58 1.05
C PRO A 58 9.51 2.29 2.50
N GLN A 59 10.78 2.57 2.82
CA GLN A 59 11.31 2.34 4.16
C GLN A 59 10.58 3.19 5.20
N SER A 60 10.04 2.52 6.20
CA SER A 60 9.31 3.18 7.28
C SER A 60 9.81 2.69 8.64
N ALA A 61 8.89 2.38 9.55
CA ALA A 61 9.26 1.90 10.90
C ALA A 61 8.01 1.70 11.76
N PRO A 62 8.13 0.95 12.87
CA PRO A 62 7.00 0.69 13.77
C PRO A 62 6.40 1.99 14.32
N GLY A 63 5.08 2.02 14.41
CA GLY A 63 4.39 3.20 14.90
C GLY A 63 4.41 4.35 13.90
N ALA A 64 4.41 4.02 12.60
CA ALA A 64 4.43 5.01 11.54
C ALA A 64 3.27 4.80 10.57
N LEU A 65 2.35 5.76 10.52
CA LEU A 65 1.20 5.68 9.63
C LEU A 65 1.61 5.95 8.18
N VAL A 66 2.06 4.89 7.51
CA VAL A 66 2.48 4.99 6.12
C VAL A 66 1.27 5.04 5.19
N GLU A 67 0.76 6.24 4.96
CA GLU A 67 -0.39 6.43 4.09
C GLU A 67 0.03 6.43 2.61
N ARG A 68 -0.78 5.81 1.76
CA ARG A 68 -0.47 5.73 0.33
C ARG A 68 -1.73 5.45 -0.50
N PRO A 69 -2.11 6.38 -1.40
CA PRO A 69 -3.30 6.20 -2.25
C PRO A 69 -3.27 4.87 -2.99
N CYS A 70 -4.34 4.08 -2.84
CA CYS A 70 -4.43 2.77 -3.50
C CYS A 70 -4.60 2.93 -5.01
N PRO A 71 -3.97 2.04 -5.80
CA PRO A 71 -4.05 2.08 -7.26
C PRO A 71 -5.37 1.54 -7.82
N GLU A 72 -6.41 2.37 -7.79
CA GLU A 72 -7.73 2.00 -8.30
C GLU A 72 -7.85 2.34 -9.79
N TYR A 73 -7.00 3.26 -10.26
CA TYR A 73 -7.00 3.68 -11.66
C TYR A 73 -6.37 2.62 -12.56
N PHE A 74 -7.02 1.45 -12.65
CA PHE A 74 -6.51 0.36 -13.50
C PHE A 74 -7.20 0.36 -14.87
N ASN A 75 -7.57 1.56 -15.35
CA ASN A 75 -8.24 1.71 -16.64
C ASN A 75 -8.67 3.16 -16.86
N GLY A 76 -9.53 3.66 -15.97
CA GLY A 76 -10.01 5.03 -16.06
C GLY A 76 -11.46 5.15 -15.59
N ILE A 77 -11.69 4.87 -14.32
CA ILE A 77 -13.04 4.94 -13.75
C ILE A 77 -13.26 6.19 -12.92
N LYS A 78 -12.24 6.58 -12.18
CA LYS A 78 -12.31 7.76 -11.33
C LYS A 78 -11.59 8.97 -11.93
N TYR A 79 -11.95 10.16 -11.46
CA TYR A 79 -11.35 11.41 -11.93
C TYR A 79 -11.26 12.43 -10.79
N ASN A 80 -11.05 11.93 -9.56
CA ASN A 80 -10.93 12.78 -8.37
C ASN A 80 -10.78 11.93 -7.10
N THR A 81 -9.61 11.35 -6.90
CA THR A 81 -9.34 10.51 -5.72
C THR A 81 -9.13 11.38 -4.47
N THR A 82 -10.14 11.39 -3.60
CA THR A 82 -10.07 12.20 -2.37
C THR A 82 -9.88 11.34 -1.11
N ARG A 83 -9.57 10.05 -1.28
CA ARG A 83 -9.37 9.16 -0.14
C ARG A 83 -7.95 8.55 -0.15
N ASN A 84 -7.43 8.22 1.02
CA ASN A 84 -6.08 7.66 1.14
C ASN A 84 -6.07 6.29 1.80
N ALA A 85 -5.01 5.54 1.51
CA ALA A 85 -4.82 4.21 2.08
C ALA A 85 -3.84 4.24 3.24
N TYR A 86 -4.30 3.86 4.42
CA TYR A 86 -3.48 3.87 5.61
C TYR A 86 -2.83 2.52 5.87
N ARG A 87 -1.52 2.51 6.07
CA ARG A 87 -0.78 1.29 6.34
C ARG A 87 0.30 1.51 7.40
N GLU A 88 -0.06 1.31 8.65
CA GLU A 88 0.86 1.48 9.76
C GLU A 88 1.81 0.28 9.89
N CYS A 89 2.94 0.47 10.56
CA CYS A 89 3.92 -0.59 10.76
C CYS A 89 3.85 -1.12 12.19
N LEU A 90 3.77 -2.44 12.32
CA LEU A 90 3.69 -3.09 13.62
C LEU A 90 4.85 -2.67 14.54
N GLU A 91 4.47 -2.33 15.77
CA GLU A 91 5.40 -1.87 16.81
C GLU A 91 6.69 -2.70 16.89
N ASN A 92 6.56 -4.03 16.81
CA ASN A 92 7.73 -4.91 16.88
C ASN A 92 8.67 -4.73 15.68
N GLY A 93 8.24 -3.96 14.67
CA GLY A 93 9.07 -3.74 13.49
C GLY A 93 8.68 -4.64 12.33
N THR A 94 7.38 -4.73 12.07
CA THR A 94 6.88 -5.56 10.97
C THR A 94 5.72 -4.90 10.25
N TRP A 95 5.59 -5.14 8.95
CA TRP A 95 4.49 -4.56 8.18
C TRP A 95 3.17 -5.22 8.57
N ALA A 96 2.07 -4.49 8.42
CA ALA A 96 0.75 -5.02 8.77
C ALA A 96 0.25 -6.01 7.73
N SER A 97 -0.47 -7.03 8.18
CA SER A 97 -1.00 -8.07 7.28
C SER A 97 -1.75 -7.46 6.09
N ARG A 98 -2.74 -6.62 6.39
CA ARG A 98 -3.54 -5.98 5.33
C ARG A 98 -3.49 -4.44 5.43
N VAL A 99 -4.14 -3.78 4.47
CA VAL A 99 -4.19 -2.32 4.43
C VAL A 99 -5.62 -1.81 4.53
N ASN A 100 -5.80 -0.50 4.77
CA ASN A 100 -7.14 0.10 4.86
C ASN A 100 -7.81 0.17 3.49
N TYR A 101 -8.19 -0.99 2.95
CA TYR A 101 -8.84 -1.07 1.64
C TYR A 101 -10.12 -0.24 1.60
N SER A 102 -10.80 -0.13 2.75
CA SER A 102 -12.03 0.66 2.84
C SER A 102 -11.88 2.01 2.14
N HIS A 103 -10.73 2.64 2.32
CA HIS A 103 -10.45 3.93 1.68
C HIS A 103 -10.00 3.71 0.23
N CYS A 104 -10.83 3.02 -0.53
CA CYS A 104 -10.54 2.72 -1.94
C CYS A 104 -11.84 2.64 -2.74
N GLU A 105 -12.38 3.81 -3.08
CA GLU A 105 -13.64 3.88 -3.83
C GLU A 105 -13.49 4.61 -5.17
N PRO A 106 -14.57 4.71 -5.96
CA PRO A 106 -14.57 5.41 -7.23
C PRO A 106 -14.81 6.91 -7.01
N ILE A 107 -16.08 7.32 -7.00
CA ILE A 107 -16.42 8.72 -6.76
C ILE A 107 -17.91 8.87 -6.40
N LEU A 108 -18.24 8.62 -5.14
CA LEU A 108 -19.61 8.71 -4.66
C LEU A 108 -19.70 9.49 -3.34
N LEU B 16 -16.74 -0.10 -17.29
CA LEU B 16 -15.62 0.17 -16.41
C LEU B 16 -16.01 -0.09 -14.96
N ALA B 17 -17.31 -0.06 -14.68
CA ALA B 17 -17.82 -0.31 -13.33
C ALA B 17 -17.27 -1.65 -12.81
N GLN B 18 -17.38 -2.69 -13.64
CA GLN B 18 -16.89 -4.02 -13.29
C GLN B 18 -15.36 -3.98 -13.17
N GLU B 19 -14.71 -3.28 -14.11
CA GLU B 19 -13.26 -3.15 -14.10
C GLU B 19 -12.82 -2.61 -12.75
N ALA B 20 -13.34 -1.44 -12.39
CA ALA B 20 -13.05 -0.83 -11.10
C ALA B 20 -13.33 -1.83 -9.97
N HIS B 21 -14.45 -2.55 -10.08
CA HIS B 21 -14.82 -3.54 -9.08
C HIS B 21 -13.76 -4.63 -8.99
N LYS B 22 -13.44 -5.27 -10.12
CA LYS B 22 -12.41 -6.30 -10.15
C LYS B 22 -11.07 -5.71 -9.70
N ASN B 23 -10.81 -4.47 -10.10
CA ASN B 23 -9.59 -3.76 -9.71
C ASN B 23 -9.54 -3.59 -8.20
N ARG B 24 -10.61 -3.04 -7.63
CA ARG B 24 -10.68 -2.90 -6.18
C ARG B 24 -10.65 -4.28 -5.55
N LYS B 25 -11.40 -5.22 -6.16
CA LYS B 25 -11.42 -6.60 -5.69
C LYS B 25 -9.99 -7.10 -5.50
N LEU B 26 -9.08 -6.69 -6.39
CA LEU B 26 -7.67 -7.05 -6.30
C LEU B 26 -7.13 -6.80 -4.89
N GLU B 28 -8.60 -7.47 -2.24
CA GLU B 28 -8.96 -8.67 -1.48
C GLU B 28 -7.77 -9.63 -1.45
N ILE B 29 -7.03 -9.65 -2.54
CA ILE B 29 -5.83 -10.49 -2.69
C ILE B 29 -4.73 -10.07 -1.72
N ILE B 30 -4.78 -8.83 -1.24
CA ILE B 30 -3.78 -8.33 -0.30
C ILE B 30 -4.03 -8.86 1.10
N TYR A 30 15.32 2.25 -3.39
CA TYR A 30 15.33 1.10 -4.33
C TYR A 30 14.37 0.00 -3.85
N CYS A 31 13.38 -0.33 -4.69
CA CYS A 31 12.41 -1.36 -4.36
C CYS A 31 12.82 -2.72 -4.94
N HIS A 32 11.84 -3.61 -5.16
CA HIS A 32 12.11 -4.95 -5.70
C HIS A 32 13.05 -5.75 -4.79
N ARG A 33 13.17 -5.35 -3.52
CA ARG A 33 14.05 -6.05 -2.57
C ARG A 33 13.24 -6.71 -1.45
N THR A 34 12.87 -5.91 -0.44
CA THR A 34 12.09 -6.34 0.74
C THR A 34 12.90 -7.26 1.66
N THR A 35 13.72 -8.12 1.07
CA THR A 35 14.56 -9.04 1.86
C THR A 35 15.80 -9.46 1.07
N ILE A 36 16.95 -9.03 1.56
CA ILE A 36 18.24 -9.33 0.93
C ILE A 36 19.39 -9.17 1.92
N GLY A 37 19.32 -8.11 2.73
CA GLY A 37 20.37 -7.85 3.71
C GLY A 37 19.85 -7.83 5.14
N ASN A 38 18.60 -7.36 5.32
CA ASN A 38 17.98 -7.29 6.64
C ASN A 38 18.64 -6.22 7.52
N PHE A 39 18.19 -6.14 8.76
CA PHE A 39 18.74 -5.19 9.73
C PHE A 39 19.90 -5.80 10.50
N SER A 40 20.57 -4.98 11.29
CA SER A 40 21.71 -5.44 12.09
C SER A 40 22.15 -4.37 13.09
N GLY A 41 21.39 -4.25 14.18
CA GLY A 41 21.69 -3.25 15.20
C GLY A 41 20.53 -2.30 15.44
N PRO A 42 20.15 -1.50 14.43
CA PRO A 42 19.03 -0.55 14.53
C PRO A 42 17.66 -1.24 14.55
N TYR A 43 17.01 -1.23 15.71
CA TYR A 43 15.69 -1.85 15.87
C TYR A 43 14.56 -0.87 15.54
N THR A 44 13.31 -1.34 15.69
CA THR A 44 12.11 -0.53 15.42
C THR A 44 12.20 0.25 14.10
N TYR A 45 12.36 -0.48 12.99
CA TYR A 45 12.43 0.12 11.65
C TYR A 45 11.87 -0.83 10.58
N CYS A 46 11.32 -0.27 9.48
CA CYS A 46 10.75 -1.08 8.40
C CYS A 46 11.44 -0.77 7.05
N ASN A 47 11.70 -1.82 6.26
CA ASN A 47 12.36 -1.65 4.95
C ASN A 47 11.36 -1.74 3.77
N THR A 48 11.89 -1.57 2.54
CA THR A 48 11.10 -1.63 1.31
C THR A 48 10.21 -2.88 1.28
N THR A 49 9.00 -2.73 0.72
CA THR A 49 8.06 -3.86 0.66
C THR A 49 7.17 -3.79 -0.59
N LEU A 50 6.80 -4.96 -1.12
CA LEU A 50 5.93 -5.07 -2.30
C LEU A 50 4.51 -5.47 -1.92
N ASP A 51 3.61 -5.55 -2.91
CA ASP A 51 2.21 -5.92 -2.66
C ASP A 51 1.59 -6.62 -3.88
N GLN A 52 0.68 -7.58 -3.67
CA GLN A 52 0.03 -8.31 -4.77
C GLN A 52 -0.57 -7.31 -5.80
N ILE A 53 -1.06 -6.18 -5.29
CA ILE A 53 -1.65 -5.12 -6.12
C ILE A 53 -0.56 -4.38 -6.94
N GLY A 54 0.71 -4.56 -6.57
CA GLY A 54 1.80 -3.89 -7.26
C GLY A 54 2.24 -2.61 -6.54
N THR A 55 1.93 -2.54 -5.24
CA THR A 55 2.28 -1.36 -4.44
C THR A 55 3.66 -1.51 -3.81
N CYS A 56 4.62 -0.72 -4.27
CA CYS A 56 5.97 -0.74 -3.74
C CYS A 56 6.10 0.26 -2.59
N TRP A 57 6.14 -0.25 -1.37
CA TRP A 57 6.26 0.59 -0.18
C TRP A 57 7.73 0.90 0.10
N PRO A 58 8.15 2.18 -0.10
CA PRO A 58 9.53 2.63 0.08
C PRO A 58 9.96 2.84 1.54
N GLN A 59 10.15 1.74 2.27
CA GLN A 59 10.60 1.78 3.67
C GLN A 59 9.47 2.22 4.61
N SER A 60 9.77 2.20 5.92
CA SER A 60 8.79 2.58 6.94
C SER A 60 9.38 2.42 8.36
N ALA A 61 8.51 2.37 9.36
CA ALA A 61 8.91 2.21 10.76
C ALA A 61 7.71 1.84 11.63
N PRO A 62 7.95 1.24 12.82
CA PRO A 62 6.87 0.84 13.73
C PRO A 62 6.00 2.02 14.16
N GLY A 63 4.69 1.78 14.22
CA GLY A 63 3.76 2.82 14.61
C GLY A 63 3.72 3.99 13.63
N ALA A 64 4.15 3.77 12.39
CA ALA A 64 4.17 4.81 11.38
C ALA A 64 3.09 4.60 10.33
N LEU A 65 2.11 5.49 10.31
CA LEU A 65 1.01 5.41 9.35
C LEU A 65 1.50 5.78 7.96
N VAL A 66 1.80 4.77 7.16
CA VAL A 66 2.28 5.00 5.80
C VAL A 66 1.12 4.93 4.79
N GLU A 67 0.59 6.11 4.46
CA GLU A 67 -0.55 6.21 3.53
C GLU A 67 -0.11 6.30 2.07
N ARG A 68 -0.86 5.63 1.19
CA ARG A 68 -0.58 5.64 -0.25
C ARG A 68 -1.88 5.50 -1.04
N PRO A 69 -2.03 6.22 -2.16
CA PRO A 69 -3.25 6.14 -2.98
C PRO A 69 -3.46 4.73 -3.56
N CYS A 70 -4.64 4.16 -3.32
CA CYS A 70 -4.94 2.81 -3.83
C CYS A 70 -5.23 2.85 -5.33
N PRO A 71 -4.75 1.84 -6.08
CA PRO A 71 -4.94 1.77 -7.55
C PRO A 71 -6.39 1.49 -7.98
N GLU A 72 -7.26 2.46 -7.76
CA GLU A 72 -8.68 2.33 -8.15
C GLU A 72 -8.87 2.51 -9.65
N TYR A 73 -7.82 2.95 -10.35
CA TYR A 73 -7.91 3.18 -11.78
C TYR A 73 -6.82 2.44 -12.55
N PHE A 74 -6.88 1.11 -12.55
CA PHE A 74 -5.91 0.28 -13.27
C PHE A 74 -6.16 0.33 -14.79
N ASN A 75 -7.16 1.12 -15.20
CA ASN A 75 -7.50 1.29 -16.61
C ASN A 75 -7.83 2.76 -16.94
N GLY A 76 -8.64 3.39 -16.09
CA GLY A 76 -9.03 4.78 -16.29
C GLY A 76 -10.40 5.08 -15.71
N ILE A 77 -10.57 4.84 -14.42
CA ILE A 77 -11.87 5.05 -13.75
C ILE A 77 -11.81 6.07 -12.60
N LYS A 78 -10.72 6.81 -12.47
CA LYS A 78 -10.62 7.81 -11.41
C LYS A 78 -10.46 9.22 -11.98
N TYR A 79 -11.34 10.11 -11.55
CA TYR A 79 -11.35 11.49 -12.02
C TYR A 79 -11.01 12.50 -10.90
N ASN A 80 -10.89 12.01 -9.65
CA ASN A 80 -10.55 12.85 -8.50
C ASN A 80 -10.48 12.03 -7.20
N THR A 81 -9.28 11.61 -6.81
CA THR A 81 -9.08 10.82 -5.59
C THR A 81 -9.23 11.68 -4.34
N THR A 82 -9.80 11.06 -3.31
CA THR A 82 -10.03 11.73 -2.02
C THR A 82 -9.27 11.06 -0.88
N ARG A 83 -9.58 9.79 -0.63
CA ARG A 83 -8.93 9.04 0.44
C ARG A 83 -7.77 8.18 -0.10
N ASN A 84 -7.07 7.51 0.81
CA ASN A 84 -5.92 6.66 0.45
C ASN A 84 -5.89 5.36 1.27
N ALA A 85 -4.86 4.54 1.00
CA ALA A 85 -4.69 3.28 1.71
C ALA A 85 -3.81 3.46 2.95
N TYR A 86 -4.36 3.14 4.12
CA TYR A 86 -3.63 3.29 5.37
C TYR A 86 -2.89 2.00 5.76
N ARG A 87 -1.57 1.97 5.54
CA ARG A 87 -0.76 0.81 5.88
C ARG A 87 0.27 1.17 6.95
N GLU A 88 -0.10 0.93 8.22
CA GLU A 88 0.78 1.24 9.34
C GLU A 88 1.73 0.07 9.63
N CYS A 89 2.98 0.38 9.99
CA CYS A 89 3.96 -0.67 10.30
C CYS A 89 3.85 -1.13 11.75
N LEU A 90 3.93 -2.43 11.96
CA LEU A 90 3.85 -3.02 13.30
C LEU A 90 4.91 -2.45 14.24
N GLU A 91 4.55 -2.37 15.51
CA GLU A 91 5.43 -1.85 16.56
C GLU A 91 6.68 -2.73 16.75
N ASN A 92 6.52 -4.04 16.53
CA ASN A 92 7.64 -4.99 16.67
C ASN A 92 8.75 -4.72 15.65
N GLY A 93 8.47 -3.87 14.66
CA GLY A 93 9.46 -3.55 13.64
C GLY A 93 9.22 -4.29 12.34
N THR A 94 7.95 -4.56 12.01
CA THR A 94 7.60 -5.26 10.78
C THR A 94 6.33 -4.67 10.16
N TRP A 95 6.07 -4.99 8.90
CA TRP A 95 4.89 -4.47 8.21
C TRP A 95 3.61 -5.13 8.74
N ALA A 96 2.48 -4.45 8.58
CA ALA A 96 1.18 -4.95 9.06
C ALA A 96 0.65 -6.09 8.16
N SER A 97 -0.18 -6.95 8.76
CA SER A 97 -0.77 -8.10 8.05
C SER A 97 -1.80 -7.66 7.00
N ARG A 98 -2.79 -6.87 7.42
CA ARG A 98 -3.84 -6.40 6.52
C ARG A 98 -3.75 -4.87 6.32
N VAL A 99 -3.94 -4.42 5.07
CA VAL A 99 -3.90 -2.98 4.76
C VAL A 99 -5.26 -2.35 5.05
N ASN A 100 -5.27 -1.21 5.77
CA ASN A 100 -6.52 -0.54 6.10
C ASN A 100 -7.16 0.14 4.89
N TYR A 101 -7.53 -0.67 3.89
CA TYR A 101 -8.17 -0.15 2.68
C TYR A 101 -9.70 -0.15 2.82
N SER A 102 -10.18 0.21 4.01
CA SER A 102 -11.62 0.28 4.25
C SER A 102 -12.27 1.37 3.38
N HIS A 103 -11.44 2.34 2.95
CA HIS A 103 -11.93 3.43 2.11
C HIS A 103 -11.85 3.05 0.62
N CYS A 104 -10.92 3.64 -0.14
CA CYS A 104 -10.77 3.34 -1.57
C CYS A 104 -12.11 3.40 -2.29
N GLU A 105 -12.83 4.50 -2.10
CA GLU A 105 -14.16 4.69 -2.72
C GLU A 105 -14.05 4.94 -4.23
N PRO A 106 -15.12 4.65 -4.99
CA PRO A 106 -15.17 4.83 -6.46
C PRO A 106 -15.31 6.30 -6.84
N ILE A 107 -15.93 6.58 -8.01
CA ILE A 107 -16.11 7.95 -8.48
C ILE A 107 -16.84 8.02 -9.83
N LEU A 108 -17.56 9.12 -10.05
CA LEU A 108 -18.31 9.33 -11.30
C LEU A 108 -17.37 9.37 -12.51
N LEU B 16 -16.80 0.09 -16.83
CA LEU B 16 -16.74 1.33 -16.08
C LEU B 16 -16.65 1.03 -14.59
N ALA B 17 -17.79 1.00 -13.90
CA ALA B 17 -17.82 0.69 -12.47
C ALA B 17 -17.42 -0.76 -12.25
N GLN B 18 -17.77 -1.62 -13.23
CA GLN B 18 -17.41 -3.03 -13.15
C GLN B 18 -15.92 -3.20 -13.42
N GLU B 19 -15.39 -2.43 -14.37
CA GLU B 19 -13.97 -2.50 -14.70
C GLU B 19 -13.14 -2.02 -13.51
N ALA B 20 -13.48 -0.85 -12.95
CA ALA B 20 -12.76 -0.35 -11.77
C ALA B 20 -12.95 -1.32 -10.59
N HIS B 21 -14.08 -2.05 -10.60
CA HIS B 21 -14.38 -3.03 -9.55
C HIS B 21 -13.27 -4.08 -9.45
N LYS B 22 -13.04 -4.83 -10.53
CA LYS B 22 -11.97 -5.84 -10.54
C LYS B 22 -10.65 -5.21 -10.10
N ASN B 23 -10.42 -3.98 -10.57
CA ASN B 23 -9.22 -3.23 -10.21
C ASN B 23 -9.12 -3.15 -8.69
N ARG B 24 -10.18 -2.62 -8.06
CA ARG B 24 -10.23 -2.52 -6.60
C ARG B 24 -10.26 -3.90 -5.95
N LYS B 25 -11.04 -4.83 -6.53
CA LYS B 25 -11.15 -6.21 -6.01
C LYS B 25 -9.77 -6.77 -5.68
N LEU B 26 -8.79 -6.49 -6.55
CA LEU B 26 -7.41 -6.93 -6.36
C LEU B 26 -6.92 -6.60 -4.93
N GLU B 28 -8.58 -6.99 -2.08
CA GLU B 28 -8.91 -8.10 -1.19
C GLU B 28 -7.77 -9.11 -1.13
N ILE B 29 -7.06 -9.25 -2.24
CA ILE B 29 -5.91 -10.16 -2.34
C ILE B 29 -4.73 -9.70 -1.49
N ILE B 30 -4.75 -8.44 -1.07
CA ILE B 30 -3.68 -7.88 -0.25
C ILE B 30 -3.80 -8.32 1.20
N TYR A 30 14.35 2.63 -1.43
CA TYR A 30 15.10 1.95 -2.52
C TYR A 30 14.21 0.99 -3.31
N CYS A 31 13.32 1.54 -4.14
CA CYS A 31 12.41 0.74 -4.96
C CYS A 31 13.01 0.43 -6.34
N HIS A 32 14.07 1.14 -6.71
CA HIS A 32 14.73 0.95 -8.01
C HIS A 32 15.61 -0.31 -8.06
N ARG A 33 15.62 -1.11 -7.00
CA ARG A 33 16.43 -2.32 -6.95
C ARG A 33 17.92 -2.02 -7.14
N THR A 34 18.73 -3.06 -7.39
CA THR A 34 20.17 -2.91 -7.60
C THR A 34 20.89 -2.78 -6.25
N THR A 35 21.18 -3.93 -5.65
CA THR A 35 21.88 -3.99 -4.35
C THR A 35 21.01 -3.39 -3.24
N ILE A 36 19.93 -4.09 -2.91
CA ILE A 36 19.01 -3.64 -1.84
C ILE A 36 19.44 -4.18 -0.47
N GLY A 37 20.06 -5.36 -0.47
CA GLY A 37 20.51 -5.98 0.78
C GLY A 37 21.67 -5.24 1.43
N ASN A 38 21.38 -4.10 2.05
CA ASN A 38 22.40 -3.30 2.73
C ASN A 38 22.03 -3.08 4.19
N PHE A 39 22.98 -2.61 4.99
CA PHE A 39 22.74 -2.36 6.42
C PHE A 39 22.36 -0.89 6.67
N SER A 40 22.08 -0.56 7.93
CA SER A 40 21.70 0.79 8.32
C SER A 40 20.29 1.14 7.83
N GLY A 41 19.28 0.63 8.53
CA GLY A 41 17.89 0.90 8.15
C GLY A 41 17.39 2.24 8.66
N PRO A 42 16.08 2.35 8.98
CA PRO A 42 15.48 3.59 9.48
C PRO A 42 15.64 3.76 11.00
N TYR A 43 14.56 3.62 11.76
CA TYR A 43 14.62 3.77 13.22
C TYR A 43 14.56 2.42 13.95
N THR A 44 14.30 1.35 13.19
CA THR A 44 14.22 -0.01 13.76
C THR A 44 13.99 -1.04 12.66
N TYR A 45 12.88 -0.89 11.94
CA TYR A 45 12.53 -1.81 10.86
C TYR A 45 11.60 -1.16 9.84
N CYS A 46 10.91 -1.99 9.04
CA CYS A 46 10.00 -1.49 8.00
C CYS A 46 10.76 -0.79 6.89
N ASN A 47 11.31 -1.57 5.98
CA ASN A 47 12.04 -1.02 4.85
C ASN A 47 11.27 -1.26 3.55
N THR A 48 11.93 -1.09 2.40
CA THR A 48 11.29 -1.30 1.10
C THR A 48 10.44 -2.57 1.12
N THR A 49 9.19 -2.45 0.71
CA THR A 49 8.28 -3.58 0.71
C THR A 49 7.26 -3.48 -0.42
N LEU A 50 6.78 -4.63 -0.90
CA LEU A 50 5.80 -4.65 -1.98
C LEU A 50 4.60 -5.50 -1.63
N ASP A 51 3.53 -5.33 -2.39
CA ASP A 51 2.29 -6.09 -2.19
C ASP A 51 1.79 -6.68 -3.52
N GLN A 52 0.75 -7.53 -3.45
CA GLN A 52 0.20 -8.18 -4.64
C GLN A 52 -0.21 -7.17 -5.72
N ILE A 53 -0.78 -6.04 -5.31
CA ILE A 53 -1.22 -5.00 -6.24
C ILE A 53 -0.03 -4.23 -6.86
N GLY A 54 1.13 -4.30 -6.21
CA GLY A 54 2.31 -3.60 -6.70
C GLY A 54 2.64 -2.36 -5.86
N THR A 55 2.09 -2.32 -4.63
CA THR A 55 2.31 -1.21 -3.72
C THR A 55 3.73 -1.24 -3.16
N CYS A 56 4.67 -0.58 -3.84
CA CYS A 56 6.05 -0.54 -3.37
C CYS A 56 6.20 0.43 -2.21
N TRP A 57 6.09 -0.10 -1.00
CA TRP A 57 6.22 0.69 0.22
C TRP A 57 7.68 1.15 0.39
N PRO A 58 7.93 2.47 0.26
CA PRO A 58 9.28 3.04 0.34
C PRO A 58 9.85 3.19 1.76
N GLN A 59 9.96 2.07 2.49
CA GLN A 59 10.53 2.09 3.85
C GLN A 59 9.63 2.82 4.85
N SER A 60 9.91 2.60 6.15
CA SER A 60 9.14 3.22 7.23
C SER A 60 9.69 2.79 8.60
N ALA A 61 8.82 2.36 9.50
CA ALA A 61 9.22 1.90 10.84
C ALA A 61 7.99 1.52 11.68
N PRO A 62 8.21 0.85 12.82
CA PRO A 62 7.12 0.42 13.72
C PRO A 62 6.26 1.60 14.19
N GLY A 63 4.94 1.37 14.29
CA GLY A 63 4.04 2.41 14.73
C GLY A 63 3.98 3.61 13.79
N ALA A 64 4.22 3.37 12.50
CA ALA A 64 4.21 4.44 11.50
C ALA A 64 3.07 4.27 10.51
N LEU A 65 2.26 5.30 10.35
CA LEU A 65 1.13 5.26 9.43
C LEU A 65 1.60 5.60 8.01
N VAL A 66 2.00 4.57 7.28
CA VAL A 66 2.48 4.73 5.92
C VAL A 66 1.31 4.69 4.94
N GLU A 67 0.95 5.86 4.42
CA GLU A 67 -0.17 5.99 3.50
C GLU A 67 0.23 5.72 2.03
N ARG A 68 -0.77 5.39 1.22
CA ARG A 68 -0.55 5.10 -0.19
C ARG A 68 -1.84 5.35 -1.00
N PRO A 69 -1.72 6.01 -2.18
CA PRO A 69 -2.89 6.28 -3.02
C PRO A 69 -3.48 4.98 -3.60
N CYS A 70 -4.80 4.88 -3.60
CA CYS A 70 -5.49 3.68 -4.10
C CYS A 70 -5.33 3.55 -5.62
N PRO A 71 -4.55 2.56 -6.09
CA PRO A 71 -4.33 2.34 -7.53
C PRO A 71 -5.62 1.90 -8.25
N GLU A 72 -6.54 2.85 -8.38
CA GLU A 72 -7.82 2.60 -9.04
C GLU A 72 -7.67 2.68 -10.56
N TYR A 73 -6.64 3.37 -11.02
CA TYR A 73 -6.39 3.53 -12.45
C TYR A 73 -5.83 2.24 -13.06
N PHE A 74 -6.49 1.12 -12.80
CA PHE A 74 -6.08 -0.17 -13.35
C PHE A 74 -6.78 -0.43 -14.69
N ASN A 75 -7.28 0.64 -15.31
CA ASN A 75 -7.98 0.55 -16.59
C ASN A 75 -8.38 1.95 -17.08
N GLY A 76 -9.04 2.70 -16.21
CA GLY A 76 -9.48 4.05 -16.55
C GLY A 76 -10.71 4.49 -15.77
N ILE A 77 -10.67 4.28 -14.45
CA ILE A 77 -11.80 4.65 -13.59
C ILE A 77 -11.35 5.54 -12.43
N LYS A 78 -12.31 6.21 -11.79
CA LYS A 78 -12.03 7.11 -10.68
C LYS A 78 -11.47 8.43 -11.16
N TYR A 79 -11.98 9.51 -10.58
CA TYR A 79 -11.58 10.86 -10.93
C TYR A 79 -11.68 11.80 -9.71
N ASN A 80 -11.12 11.35 -8.59
CA ASN A 80 -11.13 12.13 -7.35
C ASN A 80 -9.99 11.70 -6.42
N THR A 81 -9.96 10.40 -6.08
CA THR A 81 -8.94 9.83 -5.20
C THR A 81 -8.61 10.77 -4.03
N THR A 82 -9.63 11.20 -3.31
CA THR A 82 -9.46 12.10 -2.16
C THR A 82 -9.01 11.34 -0.91
N ARG A 83 -9.18 10.02 -0.91
CA ARG A 83 -8.79 9.18 0.23
C ARG A 83 -7.46 8.47 -0.05
N ASN A 84 -6.88 7.89 1.00
CA ASN A 84 -5.60 7.18 0.88
C ASN A 84 -5.65 5.82 1.59
N ALA A 85 -4.72 4.94 1.21
CA ALA A 85 -4.63 3.61 1.80
C ALA A 85 -3.80 3.64 3.09
N TYR A 86 -4.49 3.59 4.23
CA TYR A 86 -3.82 3.62 5.53
C TYR A 86 -3.14 2.28 5.83
N ARG A 87 -1.82 2.31 5.98
CA ARG A 87 -1.03 1.11 6.25
C ARG A 87 0.01 1.36 7.35
N GLU A 88 -0.33 1.00 8.59
CA GLU A 88 0.57 1.21 9.73
C GLU A 88 1.48 0.01 9.97
N CYS A 89 2.72 0.28 10.41
CA CYS A 89 3.69 -0.79 10.69
C CYS A 89 3.53 -1.32 12.11
N LEU A 90 3.82 -2.61 12.32
CA LEU A 90 3.71 -3.24 13.63
C LEU A 90 4.51 -2.48 14.69
N GLU A 91 4.21 -2.75 15.96
CA GLU A 91 4.87 -2.09 17.07
C GLU A 91 6.33 -2.56 17.22
N ASN A 92 6.53 -3.87 17.11
CA ASN A 92 7.88 -4.45 17.23
C ASN A 92 8.80 -3.95 16.11
N GLY A 93 8.27 -3.87 14.90
CA GLY A 93 9.06 -3.42 13.77
C GLY A 93 8.85 -4.28 12.54
N THR A 94 7.61 -4.37 12.08
CA THR A 94 7.28 -5.19 10.91
C THR A 94 6.05 -4.65 10.19
N TRP A 95 5.93 -4.95 8.90
CA TRP A 95 4.77 -4.52 8.13
C TRP A 95 3.55 -5.36 8.56
N ALA A 96 2.37 -4.75 8.51
CA ALA A 96 1.14 -5.44 8.93
C ALA A 96 0.47 -6.18 7.77
N SER A 97 -0.11 -7.34 8.07
CA SER A 97 -0.80 -8.15 7.07
C SER A 97 -2.25 -7.66 6.85
N ARG A 98 -2.38 -6.36 6.61
CA ARG A 98 -3.69 -5.75 6.38
C ARG A 98 -3.55 -4.33 5.83
N VAL A 99 -4.55 -3.90 5.07
CA VAL A 99 -4.57 -2.57 4.47
C VAL A 99 -5.97 -1.98 4.50
N ASN A 100 -6.06 -0.67 4.73
CA ASN A 100 -7.35 0.01 4.80
C ASN A 100 -7.95 0.27 3.41
N TYR A 101 -8.53 -0.77 2.80
CA TYR A 101 -9.15 -0.64 1.48
C TYR A 101 -10.41 0.21 1.51
N SER A 102 -11.13 0.20 2.64
CA SER A 102 -12.38 0.96 2.79
C SER A 102 -12.27 2.40 2.25
N HIS A 103 -11.05 2.96 2.24
CA HIS A 103 -10.85 4.31 1.73
C HIS A 103 -10.78 4.34 0.19
N CYS A 104 -10.63 3.16 -0.42
CA CYS A 104 -10.57 3.04 -1.87
C CYS A 104 -11.95 2.82 -2.48
N GLU A 105 -12.65 3.90 -2.77
CA GLU A 105 -13.99 3.84 -3.37
C GLU A 105 -13.96 4.32 -4.83
N PRO A 106 -14.97 3.95 -5.64
CA PRO A 106 -15.02 4.35 -7.05
C PRO A 106 -15.17 5.88 -7.26
N ILE A 107 -16.40 6.37 -7.45
CA ILE A 107 -16.62 7.80 -7.66
C ILE A 107 -18.09 8.11 -7.97
N LEU A 108 -18.93 8.09 -6.94
CA LEU A 108 -20.35 8.39 -7.11
C LEU A 108 -20.64 9.86 -6.85
N LEU B 16 -16.72 1.07 -16.78
CA LEU B 16 -16.93 2.07 -15.77
C LEU B 16 -17.99 1.63 -14.75
N ALA B 17 -17.72 0.48 -14.13
CA ALA B 17 -18.61 -0.09 -13.13
C ALA B 17 -18.07 -1.43 -12.62
N GLN B 18 -17.97 -2.40 -13.52
CA GLN B 18 -17.47 -3.72 -13.16
C GLN B 18 -15.94 -3.75 -13.20
N GLU B 19 -15.34 -3.00 -14.13
CA GLU B 19 -13.87 -2.94 -14.25
C GLU B 19 -13.25 -2.44 -12.96
N ALA B 20 -13.66 -1.24 -12.50
CA ALA B 20 -13.16 -0.68 -11.26
C ALA B 20 -13.37 -1.67 -10.11
N HIS B 21 -14.48 -2.42 -10.17
CA HIS B 21 -14.79 -3.42 -9.15
C HIS B 21 -13.65 -4.44 -9.09
N LYS B 22 -13.18 -4.88 -10.26
CA LYS B 22 -12.06 -5.81 -10.33
C LYS B 22 -10.80 -5.13 -9.80
N ASN B 23 -10.63 -3.85 -10.13
CA ASN B 23 -9.50 -3.06 -9.65
C ASN B 23 -9.46 -3.08 -8.13
N ARG B 24 -10.56 -2.65 -7.51
CA ARG B 24 -10.65 -2.64 -6.04
C ARG B 24 -10.58 -4.06 -5.48
N LYS B 25 -11.32 -4.99 -6.11
CA LYS B 25 -11.33 -6.39 -5.67
C LYS B 25 -9.91 -6.91 -5.48
N LEU B 26 -9.00 -6.46 -6.36
CA LEU B 26 -7.59 -6.84 -6.28
C LEU B 26 -7.01 -6.53 -4.90
N GLU B 28 -8.45 -7.05 -2.03
CA GLU B 28 -8.75 -8.19 -1.15
C GLU B 28 -7.60 -9.20 -1.17
N ILE B 29 -6.92 -9.28 -2.31
CA ILE B 29 -5.80 -10.21 -2.47
C ILE B 29 -4.63 -9.85 -1.55
N ILE B 30 -4.53 -8.58 -1.15
CA ILE B 30 -3.45 -8.13 -0.26
C ILE B 30 -3.61 -8.72 1.14
N TYR A 30 16.97 -1.00 -1.65
CA TYR A 30 16.13 -0.90 -2.88
C TYR A 30 14.74 -1.53 -2.66
N CYS A 31 13.72 -0.97 -3.32
CA CYS A 31 12.34 -1.48 -3.19
C CYS A 31 12.14 -2.86 -3.84
N HIS A 32 13.07 -3.27 -4.70
CA HIS A 32 12.97 -4.56 -5.38
C HIS A 32 13.14 -5.76 -4.42
N ARG A 33 13.61 -5.48 -3.18
CA ARG A 33 13.84 -6.51 -2.16
C ARG A 33 14.91 -7.54 -2.55
N THR A 34 14.78 -8.11 -3.73
CA THR A 34 15.73 -9.11 -4.24
C THR A 34 17.18 -8.72 -3.91
N THR A 35 17.51 -7.44 -4.06
CA THR A 35 18.86 -6.95 -3.77
C THR A 35 18.82 -5.88 -2.67
N ILE A 36 18.58 -6.32 -1.43
CA ILE A 36 18.54 -5.41 -0.29
C ILE A 36 19.78 -5.57 0.60
N GLY A 37 20.21 -6.82 0.79
CA GLY A 37 21.38 -7.09 1.61
C GLY A 37 21.08 -7.97 2.81
N ASN A 38 22.11 -8.30 3.58
CA ASN A 38 21.96 -9.15 4.77
C ASN A 38 21.78 -8.30 6.03
N PHE A 39 21.32 -8.95 7.11
CA PHE A 39 21.11 -8.26 8.39
C PHE A 39 22.05 -8.77 9.48
N SER A 40 22.04 -8.10 10.63
CA SER A 40 22.88 -8.48 11.77
C SER A 40 22.57 -7.62 13.00
N GLY A 41 21.50 -7.96 13.72
CA GLY A 41 21.11 -7.22 14.91
C GLY A 41 19.61 -6.98 15.01
N PRO A 42 19.17 -6.03 15.87
CA PRO A 42 17.75 -5.72 16.04
C PRO A 42 17.15 -4.97 14.85
N TYR A 43 15.83 -4.79 14.86
CA TYR A 43 15.16 -4.10 13.76
C TYR A 43 14.01 -3.20 14.24
N THR A 44 14.21 -1.89 14.14
CA THR A 44 13.18 -0.92 14.55
C THR A 44 12.81 0.01 13.40
N TYR A 45 12.77 -0.54 12.19
CA TYR A 45 12.42 0.22 11.00
C TYR A 45 12.02 -0.71 9.86
N CYS A 46 10.73 -0.68 9.52
CA CYS A 46 10.20 -1.53 8.44
C CYS A 46 10.99 -1.32 7.15
N ASN A 47 11.27 -2.41 6.45
CA ASN A 47 12.01 -2.35 5.20
C ASN A 47 11.07 -2.34 3.99
N THR A 48 11.66 -2.24 2.80
CA THR A 48 10.89 -2.23 1.56
C THR A 48 9.96 -3.43 1.47
N THR A 49 8.76 -3.22 0.92
CA THR A 49 7.78 -4.28 0.81
C THR A 49 6.99 -4.19 -0.49
N LEU A 50 6.87 -5.32 -1.19
CA LEU A 50 6.14 -5.39 -2.47
C LEU A 50 4.67 -5.72 -2.23
N ASP A 51 3.86 -5.59 -3.29
CA ASP A 51 2.42 -5.89 -3.22
C ASP A 51 1.89 -6.42 -4.56
N GLN A 52 0.82 -7.23 -4.48
CA GLN A 52 0.19 -7.84 -5.66
C GLN A 52 -0.17 -6.81 -6.74
N ILE A 53 -0.81 -5.72 -6.34
CA ILE A 53 -1.23 -4.66 -7.26
C ILE A 53 -0.05 -3.77 -7.72
N GLY A 54 1.16 -4.07 -7.26
CA GLY A 54 2.32 -3.27 -7.63
C GLY A 54 2.58 -2.11 -6.68
N THR A 55 2.11 -2.25 -5.44
CA THR A 55 2.30 -1.21 -4.41
C THR A 55 3.62 -1.44 -3.68
N CYS A 56 4.70 -0.86 -4.21
CA CYS A 56 6.02 -0.99 -3.60
C CYS A 56 6.18 -0.02 -2.44
N TRP A 57 6.23 -0.56 -1.22
CA TRP A 57 6.41 0.25 -0.02
C TRP A 57 7.90 0.45 0.25
N PRO A 58 8.39 1.70 0.09
CA PRO A 58 9.81 2.02 0.28
C PRO A 58 10.22 2.28 1.73
N GLN A 59 10.30 1.20 2.50
CA GLN A 59 10.71 1.27 3.91
C GLN A 59 9.68 1.94 4.81
N SER A 60 9.97 1.92 6.12
CA SER A 60 9.08 2.52 7.13
C SER A 60 9.64 2.25 8.54
N ALA A 61 8.83 2.53 9.55
CA ALA A 61 9.25 2.30 10.94
C ALA A 61 8.06 1.89 11.81
N PRO A 62 8.32 1.29 12.98
CA PRO A 62 7.26 0.85 13.88
C PRO A 62 6.35 1.99 14.31
N GLY A 63 5.05 1.73 14.31
CA GLY A 63 4.06 2.72 14.70
C GLY A 63 4.00 3.90 13.73
N ALA A 64 4.12 3.61 12.43
CA ALA A 64 4.07 4.66 11.40
C ALA A 64 2.90 4.44 10.45
N LEU A 65 2.02 5.43 10.38
CA LEU A 65 0.84 5.38 9.51
C LEU A 65 1.19 5.77 8.08
N VAL A 66 1.77 4.83 7.34
CA VAL A 66 2.16 5.06 5.96
C VAL A 66 0.92 5.17 5.06
N GLU A 67 0.49 6.42 4.82
CA GLU A 67 -0.70 6.70 4.01
C GLU A 67 -0.34 7.09 2.58
N ARG A 68 -1.19 6.69 1.63
CA ARG A 68 -0.98 7.01 0.22
C ARG A 68 -2.17 6.59 -0.63
N PRO A 69 -2.29 7.18 -1.85
CA PRO A 69 -3.39 6.84 -2.77
C PRO A 69 -3.39 5.35 -3.10
N CYS A 70 -4.54 4.70 -2.91
CA CYS A 70 -4.64 3.26 -3.18
C CYS A 70 -4.81 2.98 -4.66
N PRO A 71 -4.19 1.88 -5.16
CA PRO A 71 -4.29 1.50 -6.58
C PRO A 71 -5.70 1.10 -6.99
N GLU A 72 -6.65 2.03 -6.85
CA GLU A 72 -8.04 1.77 -7.22
C GLU A 72 -8.24 1.69 -8.73
N TYR A 73 -7.26 2.16 -9.50
CA TYR A 73 -7.37 2.12 -10.96
C TYR A 73 -6.02 1.85 -11.65
N PHE A 74 -5.95 0.71 -12.35
CA PHE A 74 -4.76 0.32 -13.09
C PHE A 74 -5.12 -0.02 -14.54
N ASN A 75 -6.23 0.54 -15.01
CA ASN A 75 -6.73 0.34 -16.37
C ASN A 75 -7.09 1.67 -17.01
N GLY A 76 -7.99 2.41 -16.36
CA GLY A 76 -8.42 3.71 -16.88
C GLY A 76 -9.76 4.16 -16.31
N ILE A 77 -9.88 4.09 -14.98
CA ILE A 77 -11.12 4.48 -14.30
C ILE A 77 -10.79 5.18 -12.99
N LYS A 78 -11.81 5.71 -12.30
CA LYS A 78 -11.61 6.41 -11.03
C LYS A 78 -10.99 7.78 -11.26
N TYR A 79 -11.73 8.81 -10.89
CA TYR A 79 -11.30 10.19 -11.07
C TYR A 79 -11.79 11.09 -9.92
N ASN A 80 -11.52 10.66 -8.69
CA ASN A 80 -11.93 11.42 -7.51
C ASN A 80 -11.16 11.00 -6.26
N THR A 81 -11.22 9.70 -5.92
CA THR A 81 -10.53 9.12 -4.77
C THR A 81 -10.45 10.08 -3.57
N THR A 82 -11.55 10.19 -2.82
CA THR A 82 -11.62 11.06 -1.64
C THR A 82 -10.78 10.51 -0.48
N ARG A 83 -10.71 9.18 -0.37
CA ARG A 83 -9.96 8.55 0.72
C ARG A 83 -8.55 8.12 0.28
N ASN A 84 -7.77 7.67 1.26
CA ASN A 84 -6.41 7.21 1.03
C ASN A 84 -6.15 5.89 1.77
N ALA A 85 -5.11 5.18 1.34
CA ALA A 85 -4.73 3.90 1.96
C ALA A 85 -3.57 4.08 2.93
N TYR A 86 -3.81 3.83 4.21
CA TYR A 86 -2.77 3.96 5.21
C TYR A 86 -2.41 2.62 5.84
N ARG A 87 -1.18 2.19 5.59
CA ARG A 87 -0.68 0.92 6.13
C ARG A 87 0.25 1.21 7.32
N GLU A 88 -0.26 1.01 8.53
CA GLU A 88 0.52 1.28 9.75
C GLU A 88 1.44 0.12 10.12
N CYS A 89 2.70 0.44 10.41
CA CYS A 89 3.70 -0.56 10.77
C CYS A 89 3.62 -0.92 12.27
N LEU A 90 3.79 -2.21 12.55
CA LEU A 90 3.75 -2.72 13.93
C LEU A 90 4.90 -2.16 14.77
N GLU A 91 4.75 -2.23 16.08
CA GLU A 91 5.77 -1.73 17.02
C GLU A 91 7.01 -2.64 17.09
N ASN A 92 6.81 -3.95 16.87
CA ASN A 92 7.92 -4.90 16.89
C ASN A 92 8.94 -4.60 15.78
N GLY A 93 8.53 -3.80 14.79
CA GLY A 93 9.42 -3.45 13.68
C GLY A 93 9.03 -4.13 12.39
N THR A 94 7.73 -4.38 12.19
CA THR A 94 7.26 -5.05 10.97
C THR A 94 5.96 -4.45 10.45
N TRP A 95 5.65 -4.72 9.19
CA TRP A 95 4.42 -4.23 8.56
C TRP A 95 3.18 -4.86 9.21
N ALA A 96 2.03 -4.18 9.07
CA ALA A 96 0.77 -4.67 9.64
C ALA A 96 0.21 -5.87 8.87
N SER A 97 -0.89 -6.42 9.39
CA SER A 97 -1.56 -7.60 8.79
C SER A 97 -2.06 -7.36 7.36
N ARG A 98 -2.88 -6.32 7.15
CA ARG A 98 -3.42 -6.02 5.82
C ARG A 98 -3.51 -4.51 5.58
N VAL A 99 -3.86 -4.14 4.35
CA VAL A 99 -3.99 -2.73 3.98
C VAL A 99 -5.44 -2.25 4.14
N ASN A 100 -5.62 -0.94 4.30
CA ASN A 100 -6.95 -0.35 4.47
C ASN A 100 -7.68 -0.15 3.14
N TYR A 101 -8.07 -1.25 2.52
CA TYR A 101 -8.79 -1.23 1.23
C TYR A 101 -10.16 -0.55 1.38
N SER A 102 -10.86 -0.88 2.48
CA SER A 102 -12.19 -0.29 2.74
C SER A 102 -12.18 1.23 2.54
N HIS A 103 -11.16 1.89 3.08
CA HIS A 103 -11.03 3.35 2.97
C HIS A 103 -10.62 3.78 1.55
N CYS A 104 -11.43 3.40 0.57
CA CYS A 104 -11.17 3.76 -0.83
C CYS A 104 -12.42 3.57 -1.68
N GLU A 105 -13.18 4.65 -1.88
CA GLU A 105 -14.40 4.59 -2.66
C GLU A 105 -14.27 5.26 -4.03
N PRO A 106 -15.06 4.81 -5.02
CA PRO A 106 -15.05 5.33 -6.39
C PRO A 106 -15.60 6.77 -6.48
N ILE A 107 -15.88 7.20 -7.71
CA ILE A 107 -16.42 8.54 -7.96
C ILE A 107 -17.89 8.64 -7.55
N LEU A 108 -18.23 9.73 -6.86
CA LEU A 108 -19.59 9.99 -6.39
C LEU A 108 -19.69 11.45 -5.92
N LEU B 16 -15.57 0.41 -16.87
CA LEU B 16 -15.93 1.53 -16.04
C LEU B 16 -16.33 1.12 -14.62
N ALA B 17 -17.47 0.47 -14.47
CA ALA B 17 -17.94 0.06 -13.14
C ALA B 17 -17.46 -1.36 -12.82
N GLN B 18 -17.91 -2.33 -13.60
CA GLN B 18 -17.51 -3.72 -13.38
C GLN B 18 -15.98 -3.85 -13.43
N GLU B 19 -15.36 -3.24 -14.45
CA GLU B 19 -13.91 -3.26 -14.59
C GLU B 19 -13.23 -2.71 -13.34
N ALA B 20 -13.60 -1.49 -12.94
CA ALA B 20 -13.02 -0.89 -11.74
C ALA B 20 -13.36 -1.71 -10.49
N HIS B 21 -14.43 -2.51 -10.55
CA HIS B 21 -14.82 -3.36 -9.43
C HIS B 21 -13.76 -4.43 -9.18
N LYS B 22 -13.40 -5.17 -10.24
CA LYS B 22 -12.38 -6.20 -10.14
C LYS B 22 -11.03 -5.58 -9.72
N ASN B 23 -10.78 -4.38 -10.21
CA ASN B 23 -9.54 -3.65 -9.89
C ASN B 23 -9.41 -3.54 -8.37
N ARG B 24 -10.47 -3.06 -7.71
CA ARG B 24 -10.44 -2.93 -6.25
C ARG B 24 -10.38 -4.32 -5.61
N LYS B 25 -11.13 -5.28 -6.17
CA LYS B 25 -11.12 -6.65 -5.65
C LYS B 25 -9.69 -7.17 -5.54
N LEU B 26 -8.84 -6.81 -6.50
CA LEU B 26 -7.44 -7.21 -6.48
C LEU B 26 -6.77 -6.78 -5.15
N GLU B 28 -8.08 -6.98 -2.24
CA GLU B 28 -8.36 -8.01 -1.25
C GLU B 28 -7.25 -9.07 -1.25
N ILE B 29 -6.60 -9.24 -2.41
CA ILE B 29 -5.50 -10.20 -2.56
C ILE B 29 -4.23 -9.73 -1.81
N ILE B 30 -4.12 -8.42 -1.56
CA ILE B 30 -2.96 -7.87 -0.88
C ILE B 30 -2.90 -8.33 0.58
N TYR A 30 12.84 3.26 -5.76
CA TYR A 30 13.09 1.92 -6.38
C TYR A 30 12.82 0.79 -5.39
N CYS A 31 12.57 -0.42 -5.90
CA CYS A 31 12.29 -1.57 -5.08
C CYS A 31 13.38 -2.64 -5.26
N HIS A 32 13.53 -3.50 -4.25
CA HIS A 32 14.54 -4.56 -4.30
C HIS A 32 14.00 -5.88 -3.73
N ARG A 33 13.86 -5.95 -2.42
CA ARG A 33 13.35 -7.17 -1.76
C ARG A 33 12.65 -6.83 -0.45
N THR A 34 11.64 -7.65 -0.11
CA THR A 34 10.88 -7.45 1.12
C THR A 34 11.14 -8.57 2.12
N THR A 35 10.30 -9.62 2.09
CA THR A 35 10.46 -10.76 3.00
C THR A 35 11.47 -11.78 2.45
N ILE A 36 12.58 -11.27 1.95
CA ILE A 36 13.64 -12.11 1.39
C ILE A 36 14.96 -12.00 2.17
N GLY A 37 15.12 -10.90 2.92
CA GLY A 37 16.32 -10.69 3.71
C GLY A 37 16.40 -11.57 4.94
N ASN A 38 17.61 -11.83 5.41
CA ASN A 38 17.84 -12.66 6.59
C ASN A 38 17.33 -11.99 7.86
N PHE A 39 17.27 -12.75 8.96
CA PHE A 39 16.81 -12.24 10.25
C PHE A 39 17.83 -11.27 10.87
N SER A 40 17.39 -10.57 11.93
CA SER A 40 18.25 -9.61 12.63
C SER A 40 18.62 -8.43 11.72
N GLY A 41 17.62 -7.85 11.07
CA GLY A 41 17.85 -6.73 10.16
C GLY A 41 16.98 -5.51 10.46
N PRO A 42 15.70 -5.53 10.04
CA PRO A 42 14.78 -4.40 10.26
C PRO A 42 14.45 -4.18 11.73
N TYR A 43 15.42 -3.69 12.48
CA TYR A 43 15.24 -3.42 13.90
C TYR A 43 14.54 -2.07 14.12
N THR A 44 13.39 -2.10 14.81
CA THR A 44 12.62 -0.88 15.07
C THR A 44 12.42 -0.07 13.78
N TYR A 45 12.36 -0.77 12.64
CA TYR A 45 12.19 -0.12 11.35
C TYR A 45 11.51 -1.05 10.35
N CYS A 46 11.03 -0.47 9.26
CA CYS A 46 10.36 -1.23 8.19
C CYS A 46 11.08 -1.03 6.87
N ASN A 47 11.64 -2.10 6.31
CA ASN A 47 12.36 -2.01 5.05
C ASN A 47 11.40 -1.92 3.85
N THR A 48 11.89 -1.37 2.74
CA THR A 48 11.08 -1.25 1.52
C THR A 48 10.43 -2.61 1.24
N THR A 49 9.13 -2.60 0.94
CA THR A 49 8.41 -3.86 0.72
C THR A 49 7.51 -3.82 -0.54
N LEU A 50 7.61 -4.86 -1.37
CA LEU A 50 6.81 -4.96 -2.59
C LEU A 50 5.39 -5.48 -2.29
N ASP A 51 4.60 -5.77 -3.33
CA ASP A 51 3.24 -6.26 -3.14
C ASP A 51 2.69 -6.98 -4.37
N GLN A 52 1.53 -7.64 -4.19
CA GLN A 52 0.86 -8.38 -5.26
C GLN A 52 0.43 -7.46 -6.40
N ILE A 53 -0.28 -6.39 -6.05
CA ILE A 53 -0.75 -5.40 -7.03
C ILE A 53 0.41 -4.67 -7.73
N GLY A 54 1.63 -4.81 -7.19
CA GLY A 54 2.79 -4.15 -7.78
C GLY A 54 3.14 -2.86 -7.07
N THR A 55 2.80 -2.77 -5.78
CA THR A 55 3.07 -1.59 -4.99
C THR A 55 4.30 -1.79 -4.10
N CYS A 56 5.22 -0.84 -4.13
CA CYS A 56 6.43 -0.93 -3.31
C CYS A 56 6.32 0.04 -2.13
N TRP A 57 6.25 -0.54 -0.93
CA TRP A 57 6.14 0.24 0.31
C TRP A 57 7.54 0.64 0.79
N PRO A 58 7.89 1.93 0.66
CA PRO A 58 9.21 2.46 1.05
C PRO A 58 9.58 2.19 2.52
N GLN A 59 10.88 2.32 2.81
CA GLN A 59 11.41 2.09 4.16
C GLN A 59 10.69 2.97 5.19
N SER A 60 10.17 2.34 6.24
CA SER A 60 9.47 3.04 7.33
C SER A 60 9.90 2.50 8.70
N ALA A 61 9.00 2.59 9.69
CA ALA A 61 9.27 2.10 11.04
C ALA A 61 7.98 1.68 11.76
N PRO A 62 8.10 1.11 12.99
CA PRO A 62 6.93 0.68 13.78
C PRO A 62 5.99 1.83 14.12
N GLY A 63 4.73 1.51 14.42
CA GLY A 63 3.76 2.54 14.75
C GLY A 63 3.72 3.65 13.72
N ALA A 64 3.54 3.27 12.45
CA ALA A 64 3.49 4.22 11.36
C ALA A 64 2.44 3.85 10.32
N LEU A 65 1.29 4.50 10.39
CA LEU A 65 0.20 4.26 9.44
C LEU A 65 0.57 4.80 8.07
N VAL A 66 1.48 4.11 7.40
CA VAL A 66 1.96 4.50 6.08
C VAL A 66 0.78 4.65 5.10
N GLU A 67 0.51 5.90 4.72
CA GLU A 67 -0.58 6.21 3.80
C GLU A 67 -0.03 6.60 2.42
N ARG A 68 -0.89 6.55 1.41
CA ARG A 68 -0.51 6.90 0.05
C ARG A 68 -1.65 6.63 -0.93
N PRO A 69 -1.63 7.27 -2.12
CA PRO A 69 -2.67 7.08 -3.14
C PRO A 69 -2.89 5.59 -3.46
N CYS A 70 -4.09 5.09 -3.15
CA CYS A 70 -4.41 3.69 -3.40
C CYS A 70 -4.53 3.40 -4.90
N PRO A 71 -3.92 2.29 -5.37
CA PRO A 71 -3.96 1.91 -6.79
C PRO A 71 -5.32 1.33 -7.21
N GLU A 72 -6.36 2.15 -7.06
CA GLU A 72 -7.72 1.75 -7.41
C GLU A 72 -7.93 1.67 -8.93
N TYR A 73 -7.06 2.33 -9.69
CA TYR A 73 -7.18 2.34 -11.15
C TYR A 73 -6.59 1.06 -11.77
N PHE A 74 -7.21 -0.07 -11.48
CA PHE A 74 -6.76 -1.36 -12.00
C PHE A 74 -7.51 -1.78 -13.28
N ASN A 75 -8.28 -0.87 -13.87
CA ASN A 75 -9.03 -1.17 -15.10
C ASN A 75 -9.63 0.11 -15.72
N GLY A 76 -8.82 1.17 -15.78
CA GLY A 76 -9.29 2.43 -16.34
C GLY A 76 -10.40 3.05 -15.51
N ILE A 77 -10.20 3.06 -14.19
CA ILE A 77 -11.19 3.61 -13.26
C ILE A 77 -10.57 4.69 -12.37
N LYS A 78 -11.43 5.47 -11.72
CA LYS A 78 -11.00 6.54 -10.81
C LYS A 78 -10.62 7.82 -11.58
N TYR A 79 -11.49 8.81 -11.48
CA TYR A 79 -11.28 10.10 -12.14
C TYR A 79 -11.31 11.23 -11.08
N ASN A 80 -11.19 10.84 -9.81
CA ASN A 80 -11.19 11.78 -8.69
C ASN A 80 -10.94 11.03 -7.38
N THR A 81 -9.77 10.39 -7.27
CA THR A 81 -9.40 9.62 -6.08
C THR A 81 -9.27 10.52 -4.85
N THR A 82 -10.41 10.84 -4.23
CA THR A 82 -10.43 11.69 -3.03
C THR A 82 -9.81 10.98 -1.82
N ARG A 83 -9.83 9.64 -1.80
CA ARG A 83 -9.26 8.89 -0.69
C ARG A 83 -7.90 8.29 -1.05
N ASN A 84 -7.31 7.56 -0.11
CA ASN A 84 -5.99 6.95 -0.29
C ASN A 84 -5.90 5.54 0.31
N ALA A 85 -4.69 4.99 0.40
CA ALA A 85 -4.47 3.65 0.97
C ALA A 85 -3.55 3.74 2.21
N TYR A 86 -3.80 2.88 3.20
CA TYR A 86 -2.99 2.89 4.42
C TYR A 86 -2.44 1.50 4.77
N ARG A 87 -1.17 1.46 5.17
CA ARG A 87 -0.52 0.22 5.57
C ARG A 87 0.40 0.48 6.76
N GLU A 88 -0.12 0.25 7.97
CA GLU A 88 0.66 0.46 9.19
C GLU A 88 1.83 -0.54 9.28
N CYS A 89 2.73 -0.32 10.24
CA CYS A 89 3.89 -1.21 10.41
C CYS A 89 3.90 -1.85 11.80
N LEU A 90 2.70 -2.03 12.38
CA LEU A 90 2.57 -2.66 13.70
C LEU A 90 3.40 -1.94 14.76
N GLU A 91 3.35 -2.47 15.98
CA GLU A 91 4.10 -1.89 17.10
C GLU A 91 5.52 -2.46 17.15
N ASN A 92 5.64 -3.74 16.80
CA ASN A 92 6.93 -4.42 16.80
C ASN A 92 7.86 -3.88 15.71
N GLY A 93 7.27 -3.34 14.63
CA GLY A 93 8.06 -2.79 13.54
C GLY A 93 8.01 -3.66 12.29
N THR A 94 6.80 -4.02 11.87
CA THR A 94 6.62 -4.86 10.69
C THR A 94 5.34 -4.49 9.94
N TRP A 95 5.44 -4.33 8.62
CA TRP A 95 4.28 -3.97 7.80
C TRP A 95 3.02 -4.75 8.20
N ALA A 96 1.89 -4.06 8.16
CA ALA A 96 0.61 -4.68 8.52
C ALA A 96 0.06 -5.53 7.36
N SER A 97 -0.23 -6.79 7.68
CA SER A 97 -0.74 -7.79 6.71
C SER A 97 -1.59 -7.19 5.59
N ARG A 98 -2.72 -6.57 5.95
CA ARG A 98 -3.61 -5.99 4.94
C ARG A 98 -3.53 -4.47 4.87
N VAL A 99 -3.89 -3.94 3.71
CA VAL A 99 -3.90 -2.51 3.46
C VAL A 99 -5.32 -1.93 3.60
N ASN A 100 -5.42 -0.66 3.93
CA ASN A 100 -6.71 0.00 4.08
C ASN A 100 -7.44 0.17 2.73
N TYR A 101 -7.79 -0.95 2.10
CA TYR A 101 -8.49 -0.91 0.80
C TYR A 101 -9.85 -0.23 0.95
N SER A 102 -10.60 -0.62 1.98
CA SER A 102 -11.93 -0.05 2.25
C SER A 102 -11.89 1.48 2.16
N HIS A 103 -10.84 2.07 2.73
CA HIS A 103 -10.67 3.52 2.70
C HIS A 103 -10.72 4.05 1.26
N CYS A 104 -10.16 3.28 0.34
CA CYS A 104 -10.14 3.64 -1.08
C CYS A 104 -11.54 3.65 -1.69
N GLU A 105 -12.29 4.71 -1.42
CA GLU A 105 -13.65 4.86 -1.92
C GLU A 105 -13.65 5.38 -3.36
N PRO A 106 -14.47 4.79 -4.24
CA PRO A 106 -14.56 5.21 -5.66
C PRO A 106 -15.08 6.64 -5.83
N ILE A 107 -15.42 6.99 -7.08
CA ILE A 107 -15.95 8.31 -7.40
C ILE A 107 -17.46 8.25 -7.63
N LEU A 108 -18.10 9.42 -7.74
CA LEU A 108 -19.54 9.50 -7.98
C LEU A 108 -19.86 10.33 -9.21
N LEU B 16 -17.72 2.12 -9.96
CA LEU B 16 -17.64 1.44 -11.24
C LEU B 16 -17.80 -0.07 -11.06
N ALA B 17 -18.95 -0.45 -10.54
CA ALA B 17 -19.31 -1.84 -10.29
C ALA B 17 -18.96 -2.72 -11.49
N GLN B 18 -18.45 -3.92 -11.21
CA GLN B 18 -18.04 -4.85 -12.26
C GLN B 18 -16.64 -4.51 -12.78
N GLU B 19 -16.25 -3.24 -12.70
CA GLU B 19 -14.92 -2.81 -13.16
C GLU B 19 -14.06 -2.37 -11.98
N ALA B 20 -14.50 -1.34 -11.27
CA ALA B 20 -13.77 -0.87 -10.10
C ALA B 20 -13.90 -1.87 -8.94
N HIS B 21 -14.99 -2.65 -8.95
CA HIS B 21 -15.21 -3.67 -7.93
C HIS B 21 -14.06 -4.67 -7.94
N LYS B 22 -13.79 -5.26 -9.11
CA LYS B 22 -12.69 -6.21 -9.24
C LYS B 22 -11.37 -5.54 -8.85
N ASN B 23 -11.22 -4.27 -9.24
CA ASN B 23 -10.03 -3.48 -8.90
C ASN B 23 -9.84 -3.45 -7.38
N ARG B 24 -10.87 -3.02 -6.67
CA ARG B 24 -10.82 -2.95 -5.22
C ARG B 24 -10.81 -4.36 -4.61
N LYS B 25 -11.50 -5.30 -5.25
CA LYS B 25 -11.53 -6.68 -4.79
C LYS B 25 -10.11 -7.24 -4.76
N LEU B 26 -9.40 -7.13 -5.89
CA LEU B 26 -8.01 -7.59 -5.99
C LEU B 26 -7.17 -6.89 -4.92
N GLU B 28 -7.88 -6.30 -1.99
CA GLU B 28 -7.96 -7.10 -0.77
C GLU B 28 -6.76 -8.04 -0.64
N ILE B 29 -6.29 -8.55 -1.78
CA ILE B 29 -5.14 -9.45 -1.82
C ILE B 29 -3.89 -8.78 -1.22
N ILE B 30 -3.80 -7.46 -1.38
CA ILE B 30 -2.66 -6.70 -0.88
C ILE B 30 -2.55 -6.77 0.63
N TYR A 30 16.44 -2.41 -4.56
CA TYR A 30 15.32 -1.63 -5.15
C TYR A 30 13.96 -2.10 -4.63
N CYS A 31 12.89 -1.38 -5.00
CA CYS A 31 11.54 -1.73 -4.57
C CYS A 31 10.72 -2.29 -5.73
N HIS A 32 10.56 -1.49 -6.78
CA HIS A 32 9.79 -1.90 -7.96
C HIS A 32 10.33 -3.19 -8.56
N ARG A 33 11.65 -3.28 -8.68
CA ARG A 33 12.34 -4.45 -9.26
C ARG A 33 13.82 -4.14 -9.44
N THR A 34 14.52 -4.94 -10.27
CA THR A 34 15.94 -4.74 -10.54
C THR A 34 16.81 -5.37 -9.46
N THR A 35 17.15 -6.64 -9.68
CA THR A 35 17.97 -7.42 -8.75
C THR A 35 17.53 -7.26 -7.30
N ILE A 36 16.24 -7.47 -7.04
CA ILE A 36 15.70 -7.36 -5.69
C ILE A 36 16.19 -8.53 -4.83
N GLY A 37 16.09 -9.75 -5.37
CA GLY A 37 16.52 -10.94 -4.64
C GLY A 37 15.97 -11.03 -3.23
N ASN A 38 16.77 -10.63 -2.26
CA ASN A 38 16.36 -10.65 -0.86
C ASN A 38 16.83 -9.41 -0.12
N PHE A 39 16.27 -9.17 1.06
CA PHE A 39 16.65 -8.00 1.87
C PHE A 39 17.19 -8.44 3.24
N SER A 40 17.45 -7.46 4.10
CA SER A 40 17.97 -7.74 5.44
C SER A 40 17.57 -6.63 6.42
N GLY A 41 16.28 -6.31 6.45
CA GLY A 41 15.79 -5.27 7.34
C GLY A 41 15.90 -5.66 8.81
N PRO A 42 16.51 -4.81 9.65
CA PRO A 42 16.69 -5.09 11.07
C PRO A 42 15.39 -4.97 11.88
N TYR A 43 15.44 -5.38 13.15
CA TYR A 43 14.28 -5.33 14.03
C TYR A 43 13.76 -3.88 14.16
N THR A 44 12.43 -3.74 14.24
CA THR A 44 11.80 -2.42 14.35
C THR A 44 12.18 -1.49 13.20
N TYR A 45 12.26 -2.04 11.99
CA TYR A 45 12.63 -1.27 10.81
C TYR A 45 11.87 -1.72 9.57
N CYS A 46 11.57 -0.76 8.71
CA CYS A 46 10.86 -1.02 7.46
C CYS A 46 11.58 -0.31 6.30
N ASN A 47 11.48 -0.87 5.10
CA ASN A 47 12.13 -0.28 3.94
C ASN A 47 11.47 -0.77 2.64
N THR A 48 11.96 -0.26 1.49
CA THR A 48 11.43 -0.63 0.16
C THR A 48 10.73 -1.99 0.22
N THR A 49 9.41 -1.94 0.36
CA THR A 49 8.59 -3.14 0.48
C THR A 49 7.64 -3.30 -0.70
N LEU A 50 7.34 -4.55 -1.04
CA LEU A 50 6.42 -4.85 -2.13
C LEU A 50 5.02 -5.18 -1.59
N ASP A 51 4.07 -5.37 -2.49
CA ASP A 51 2.69 -5.69 -2.09
C ASP A 51 1.98 -6.57 -3.13
N GLN A 52 0.92 -7.26 -2.69
CA GLN A 52 0.14 -8.13 -3.59
C GLN A 52 -0.31 -7.39 -4.85
N ILE A 53 -0.76 -6.15 -4.66
CA ILE A 53 -1.22 -5.30 -5.76
C ILE A 53 -0.04 -4.58 -6.45
N GLY A 54 1.13 -4.63 -5.82
CA GLY A 54 2.30 -3.94 -6.34
C GLY A 54 2.48 -2.60 -5.65
N THR A 55 1.75 -2.40 -4.56
CA THR A 55 1.80 -1.17 -3.78
C THR A 55 3.13 -1.03 -3.04
N CYS A 56 4.22 -0.82 -3.78
CA CYS A 56 5.56 -0.66 -3.19
C CYS A 56 5.51 0.32 -2.00
N TRP A 57 6.12 -0.08 -0.89
CA TRP A 57 6.15 0.74 0.31
C TRP A 57 7.58 1.17 0.63
N PRO A 58 7.87 2.49 0.65
CA PRO A 58 9.20 3.02 0.90
C PRO A 58 9.54 3.17 2.39
N GLN A 59 10.82 2.95 2.72
CA GLN A 59 11.33 3.08 4.09
C GLN A 59 10.25 2.74 5.13
N SER A 60 9.89 3.71 5.97
CA SER A 60 8.87 3.52 7.01
C SER A 60 9.43 2.75 8.22
N ALA A 61 8.72 2.79 9.34
CA ALA A 61 9.14 2.10 10.56
C ALA A 61 7.94 1.62 11.40
N PRO A 62 8.19 0.83 12.46
CA PRO A 62 7.14 0.32 13.35
C PRO A 62 6.31 1.42 14.00
N GLY A 63 5.01 1.18 14.11
CA GLY A 63 4.11 2.16 14.71
C GLY A 63 3.83 3.35 13.80
N ALA A 64 4.18 3.23 12.52
CA ALA A 64 3.96 4.31 11.56
C ALA A 64 2.91 3.92 10.52
N LEU A 65 1.78 4.61 10.54
CA LEU A 65 0.70 4.36 9.59
C LEU A 65 1.02 5.00 8.24
N VAL A 66 1.78 4.28 7.43
CA VAL A 66 2.20 4.75 6.12
C VAL A 66 1.03 4.78 5.13
N GLU A 67 0.38 5.93 5.05
CA GLU A 67 -0.76 6.12 4.14
C GLU A 67 -0.29 6.23 2.69
N ARG A 68 -1.12 5.81 1.74
CA ARG A 68 -0.74 5.88 0.32
C ARG A 68 -1.95 5.77 -0.63
N PRO A 69 -2.10 6.74 -1.54
CA PRO A 69 -3.22 6.77 -2.52
C PRO A 69 -3.44 5.41 -3.20
N CYS A 70 -4.70 5.04 -3.38
CA CYS A 70 -5.06 3.76 -4.01
C CYS A 70 -4.78 3.78 -5.52
N PRO A 71 -4.14 2.73 -6.04
CA PRO A 71 -3.82 2.62 -7.48
C PRO A 71 -4.95 1.98 -8.30
N GLU A 72 -5.72 2.81 -9.01
CA GLU A 72 -6.82 2.31 -9.85
C GLU A 72 -6.42 2.25 -11.33
N TYR A 73 -5.12 2.22 -11.59
CA TYR A 73 -4.63 2.18 -12.96
C TYR A 73 -4.03 0.80 -13.28
N PHE A 74 -4.51 -0.23 -12.57
CA PHE A 74 -4.06 -1.61 -12.75
C PHE A 74 -4.46 -2.15 -14.14
N ASN A 75 -5.46 -1.52 -14.72
CA ASN A 75 -5.98 -1.91 -16.03
C ASN A 75 -6.27 -0.68 -16.89
N GLY A 76 -7.11 0.21 -16.35
CA GLY A 76 -7.49 1.43 -17.06
C GLY A 76 -8.73 2.08 -16.47
N ILE A 77 -8.66 2.40 -15.18
CA ILE A 77 -9.80 3.01 -14.48
C ILE A 77 -9.37 4.24 -13.68
N LYS A 78 -10.35 4.92 -13.08
CA LYS A 78 -10.08 6.12 -12.29
C LYS A 78 -10.77 6.04 -10.94
N TYR A 79 -12.09 5.87 -10.96
CA TYR A 79 -12.88 5.78 -9.73
C TYR A 79 -12.49 6.86 -8.72
N ASN A 80 -12.22 8.08 -9.20
CA ASN A 80 -11.82 9.21 -8.35
C ASN A 80 -11.15 8.75 -7.06
N THR A 81 -10.09 7.93 -7.20
CA THR A 81 -9.37 7.42 -6.04
C THR A 81 -8.53 8.53 -5.40
N THR A 82 -9.23 9.55 -4.88
CA THR A 82 -8.59 10.69 -4.23
C THR A 82 -8.05 10.32 -2.84
N ARG A 83 -8.73 9.39 -2.17
CA ARG A 83 -8.32 8.94 -0.84
C ARG A 83 -7.07 8.05 -0.95
N ASN A 84 -6.51 7.69 0.20
CA ASN A 84 -5.32 6.86 0.23
C ASN A 84 -5.46 5.65 1.17
N ALA A 85 -4.61 4.65 0.95
CA ALA A 85 -4.58 3.43 1.73
C ALA A 85 -3.90 3.67 3.08
N TYR A 86 -4.04 2.72 3.99
CA TYR A 86 -3.46 2.81 5.32
C TYR A 86 -2.65 1.56 5.67
N ARG A 87 -1.34 1.63 5.44
CA ARG A 87 -0.45 0.50 5.72
C ARG A 87 0.52 0.84 6.85
N GLU A 88 0.21 0.34 8.05
CA GLU A 88 1.06 0.59 9.22
C GLU A 88 2.11 -0.50 9.40
N CYS A 89 3.25 -0.14 9.99
CA CYS A 89 4.33 -1.10 10.23
C CYS A 89 4.26 -1.60 11.68
N LEU A 90 3.99 -2.88 11.86
CA LEU A 90 3.89 -3.47 13.19
C LEU A 90 5.12 -3.16 14.05
N GLU A 91 4.90 -3.02 15.35
CA GLU A 91 5.95 -2.71 16.33
C GLU A 91 7.24 -3.50 16.06
N ASN A 92 7.11 -4.81 15.88
CA ASN A 92 8.28 -5.67 15.63
C ASN A 92 9.00 -5.27 14.33
N GLY A 93 8.27 -4.64 13.40
CA GLY A 93 8.84 -4.23 12.13
C GLY A 93 8.27 -4.99 10.96
N THR A 94 6.94 -5.13 10.93
CA THR A 94 6.27 -5.86 9.85
C THR A 94 5.01 -5.13 9.39
N TRP A 95 4.89 -4.94 8.08
CA TRP A 95 3.71 -4.24 7.52
C TRP A 95 2.43 -4.95 7.91
N ALA A 96 1.42 -4.16 8.27
CA ALA A 96 0.13 -4.69 8.67
C ALA A 96 -0.63 -5.28 7.47
N SER A 97 -1.22 -6.46 7.68
CA SER A 97 -1.98 -7.15 6.63
C SER A 97 -3.08 -6.25 6.06
N ARG A 98 -4.05 -5.90 6.89
CA ARG A 98 -5.16 -5.03 6.46
C ARG A 98 -4.65 -3.63 6.12
N VAL A 99 -5.24 -3.05 5.09
CA VAL A 99 -4.85 -1.70 4.65
C VAL A 99 -6.08 -0.82 4.41
N ASN A 100 -7.11 -1.02 5.26
CA ASN A 100 -8.36 -0.26 5.21
C ASN A 100 -8.76 0.09 3.77
N TYR A 101 -9.24 -0.90 3.03
CA TYR A 101 -9.66 -0.71 1.64
C TYR A 101 -11.07 -0.13 1.53
N SER A 102 -11.77 -0.01 2.67
CA SER A 102 -13.12 0.56 2.68
C SER A 102 -13.11 2.02 2.19
N HIS A 103 -11.92 2.64 2.20
CA HIS A 103 -11.75 4.02 1.76
C HIS A 103 -11.58 4.05 0.23
N CYS A 104 -11.18 5.20 -0.30
CA CYS A 104 -10.97 5.36 -1.74
C CYS A 104 -12.25 5.06 -2.53
N GLU A 105 -13.26 5.91 -2.37
CA GLU A 105 -14.54 5.73 -3.07
C GLU A 105 -14.34 5.87 -4.60
N PRO A 106 -15.16 5.14 -5.38
CA PRO A 106 -15.08 5.16 -6.85
C PRO A 106 -15.99 6.20 -7.52
N ILE A 107 -16.13 6.07 -8.84
CA ILE A 107 -16.97 6.96 -9.62
C ILE A 107 -18.13 6.18 -10.27
N LEU A 108 -18.86 6.81 -11.20
CA LEU A 108 -19.98 6.16 -11.90
C LEU A 108 -19.77 4.64 -12.00
N LEU B 16 -13.91 1.48 -16.21
CA LEU B 16 -13.70 0.03 -16.28
C LEU B 16 -14.50 -0.64 -15.19
N ALA B 17 -15.70 -0.12 -15.03
CA ALA B 17 -16.65 -0.60 -14.02
C ALA B 17 -16.58 -2.12 -13.80
N GLN B 18 -16.75 -2.89 -14.87
CA GLN B 18 -16.71 -4.36 -14.80
C GLN B 18 -15.28 -4.92 -14.71
N GLU B 19 -14.28 -4.04 -14.59
CA GLU B 19 -12.88 -4.46 -14.50
C GLU B 19 -12.23 -3.93 -13.22
N ALA B 20 -12.29 -2.61 -13.02
CA ALA B 20 -11.71 -2.00 -11.82
C ALA B 20 -12.10 -2.75 -10.55
N HIS B 21 -13.29 -3.37 -10.57
CA HIS B 21 -13.78 -4.14 -9.43
C HIS B 21 -12.77 -5.22 -9.02
N LYS B 22 -12.35 -6.05 -9.98
CA LYS B 22 -11.36 -7.08 -9.71
C LYS B 22 -10.03 -6.44 -9.31
N ASN B 23 -9.73 -5.30 -9.94
CA ASN B 23 -8.51 -4.56 -9.61
C ASN B 23 -8.52 -4.16 -8.14
N ARG B 24 -9.57 -3.46 -7.72
CA ARG B 24 -9.72 -3.05 -6.32
C ARG B 24 -9.82 -4.28 -5.41
N LYS B 25 -10.52 -5.32 -5.87
CA LYS B 25 -10.67 -6.54 -5.08
C LYS B 25 -9.31 -7.02 -4.58
N LEU B 26 -8.31 -6.93 -5.46
CA LEU B 26 -6.95 -7.31 -5.11
C LEU B 26 -6.47 -6.58 -3.84
N GLU B 28 -8.08 -6.03 -0.90
CA GLU B 28 -8.37 -6.82 0.28
C GLU B 28 -7.24 -7.82 0.58
N ILE B 29 -6.56 -8.27 -0.47
CA ILE B 29 -5.44 -9.21 -0.31
C ILE B 29 -4.18 -8.50 0.21
N ILE B 30 -4.11 -7.18 0.01
CA ILE B 30 -2.95 -6.39 0.44
C ILE B 30 -2.77 -6.44 1.96
N TYR A 30 12.94 -4.80 0.14
CA TYR A 30 13.41 -4.18 -1.13
C TYR A 30 12.35 -4.33 -2.23
N CYS A 31 12.31 -3.40 -3.19
CA CYS A 31 11.34 -3.46 -4.27
C CYS A 31 11.84 -4.36 -5.39
N HIS A 32 13.02 -4.06 -5.95
CA HIS A 32 13.59 -4.88 -7.02
C HIS A 32 15.08 -4.58 -7.25
N ARG A 33 15.40 -3.34 -7.65
CA ARG A 33 16.78 -2.94 -7.91
C ARG A 33 17.27 -1.84 -6.95
N THR A 34 16.35 -1.25 -6.19
CA THR A 34 16.70 -0.19 -5.23
C THR A 34 18.01 -0.52 -4.53
N THR A 35 18.07 -1.71 -3.95
CA THR A 35 19.29 -2.18 -3.28
C THR A 35 19.56 -3.65 -3.54
N ILE A 36 18.82 -4.22 -4.50
CA ILE A 36 18.94 -5.63 -4.87
C ILE A 36 18.54 -6.56 -3.73
N GLY A 37 18.26 -5.98 -2.57
CA GLY A 37 17.87 -6.75 -1.41
C GLY A 37 19.05 -7.15 -0.53
N ASN A 38 18.89 -7.02 0.78
CA ASN A 38 19.95 -7.36 1.72
C ASN A 38 19.46 -8.33 2.80
N PHE A 39 20.41 -8.96 3.51
CA PHE A 39 20.08 -9.91 4.56
C PHE A 39 21.09 -9.83 5.71
N SER A 40 20.83 -10.58 6.79
CA SER A 40 21.70 -10.61 7.97
C SER A 40 21.60 -9.30 8.78
N GLY A 41 20.52 -9.16 9.54
CA GLY A 41 20.33 -7.97 10.36
C GLY A 41 19.08 -8.03 11.22
N PRO A 42 18.97 -7.15 12.24
CA PRO A 42 17.81 -7.11 13.14
C PRO A 42 16.56 -6.55 12.46
N TYR A 43 15.44 -6.56 13.19
CA TYR A 43 14.17 -6.05 12.66
C TYR A 43 13.66 -4.87 13.50
N THR A 44 13.55 -3.70 12.87
CA THR A 44 13.06 -2.49 13.55
C THR A 44 12.44 -1.53 12.56
N TYR A 45 13.25 -0.98 11.65
CA TYR A 45 12.75 -0.04 10.66
C TYR A 45 12.23 -0.76 9.42
N CYS A 46 11.02 -0.40 8.99
CA CYS A 46 10.41 -1.01 7.82
C CYS A 46 11.07 -0.51 6.54
N ASN A 47 11.34 -1.43 5.61
CA ASN A 47 11.96 -1.07 4.34
C ASN A 47 11.04 -1.36 3.17
N THR A 48 11.38 -0.78 2.01
CA THR A 48 10.59 -0.96 0.77
C THR A 48 10.02 -2.38 0.67
N THR A 49 8.70 -2.48 0.71
CA THR A 49 8.00 -3.77 0.64
C THR A 49 7.10 -3.83 -0.61
N LEU A 50 6.86 -5.04 -1.12
CA LEU A 50 6.03 -5.23 -2.31
C LEU A 50 4.61 -5.70 -1.95
N ASP A 51 3.75 -5.77 -2.97
CA ASP A 51 2.36 -6.19 -2.80
C ASP A 51 1.86 -6.98 -4.02
N GLN A 52 0.78 -7.74 -3.83
CA GLN A 52 0.18 -8.54 -4.92
C GLN A 52 -0.21 -7.66 -6.12
N ILE A 53 -0.70 -6.46 -5.83
CA ILE A 53 -1.11 -5.50 -6.86
C ILE A 53 0.09 -4.69 -7.39
N GLY A 54 1.29 -4.94 -6.84
CA GLY A 54 2.47 -4.20 -7.25
C GLY A 54 2.65 -2.92 -6.45
N THR A 55 1.90 -2.80 -5.34
CA THR A 55 1.95 -1.62 -4.49
C THR A 55 3.20 -1.64 -3.61
N CYS A 56 4.27 -1.00 -4.09
CA CYS A 56 5.53 -0.94 -3.34
C CYS A 56 5.43 0.07 -2.18
N TRP A 57 5.73 -0.41 -0.97
CA TRP A 57 5.66 0.43 0.23
C TRP A 57 7.07 0.81 0.69
N PRO A 58 7.42 2.11 0.62
CA PRO A 58 8.75 2.62 1.02
C PRO A 58 9.10 2.36 2.50
N GLN A 59 10.26 2.89 2.92
CA GLN A 59 10.73 2.72 4.30
C GLN A 59 9.75 3.27 5.33
N SER A 60 9.82 2.70 6.53
CA SER A 60 8.96 3.10 7.65
C SER A 60 9.48 2.52 8.97
N ALA A 61 8.63 2.45 10.00
CA ALA A 61 9.05 1.91 11.30
C ALA A 61 7.85 1.67 12.24
N PRO A 62 8.09 1.05 13.42
CA PRO A 62 7.01 0.75 14.38
C PRO A 62 6.24 2.00 14.81
N GLY A 63 4.92 1.84 14.93
CA GLY A 63 4.06 2.94 15.32
C GLY A 63 3.96 4.02 14.26
N ALA A 64 4.35 3.70 13.03
CA ALA A 64 4.29 4.65 11.93
C ALA A 64 3.25 4.23 10.88
N LEU A 65 2.26 5.08 10.68
CA LEU A 65 1.20 4.82 9.72
C LEU A 65 1.59 5.38 8.35
N VAL A 66 1.99 4.48 7.44
CA VAL A 66 2.39 4.89 6.10
C VAL A 66 1.16 5.08 5.20
N GLU A 67 1.02 6.28 4.65
CA GLU A 67 -0.12 6.60 3.79
C GLU A 67 0.33 6.89 2.37
N ARG A 68 -0.56 6.66 1.41
CA ARG A 68 -0.27 6.90 0.00
C ARG A 68 -1.49 6.59 -0.89
N PRO A 69 -1.47 7.05 -2.15
CA PRO A 69 -2.58 6.82 -3.08
C PRO A 69 -2.71 5.35 -3.49
N CYS A 70 -3.91 4.81 -3.36
CA CYS A 70 -4.16 3.40 -3.72
C CYS A 70 -4.18 3.22 -5.23
N PRO A 71 -3.83 2.02 -5.73
CA PRO A 71 -3.80 1.73 -7.16
C PRO A 71 -5.18 1.56 -7.79
N GLU A 72 -6.05 2.56 -7.63
CA GLU A 72 -7.38 2.50 -8.23
C GLU A 72 -7.27 2.52 -9.76
N TYR A 73 -6.20 3.15 -10.25
CA TYR A 73 -5.95 3.25 -11.68
C TYR A 73 -5.24 1.98 -12.19
N PHE A 74 -5.80 0.83 -11.81
CA PHE A 74 -5.26 -0.48 -12.21
C PHE A 74 -5.91 -0.95 -13.53
N ASN A 75 -6.28 0.02 -14.37
CA ASN A 75 -6.92 -0.27 -15.66
C ASN A 75 -7.10 1.02 -16.48
N GLY A 76 -7.54 2.08 -15.79
CA GLY A 76 -7.77 3.38 -16.44
C GLY A 76 -9.16 3.91 -16.14
N ILE A 77 -9.56 3.82 -14.87
CA ILE A 77 -10.88 4.28 -14.43
C ILE A 77 -10.79 5.14 -13.17
N LYS A 78 -11.59 6.22 -13.16
CA LYS A 78 -11.69 7.17 -12.04
C LYS A 78 -12.12 8.54 -12.57
N TYR A 79 -12.81 9.33 -11.73
CA TYR A 79 -13.28 10.65 -12.15
C TYR A 79 -13.25 11.68 -11.00
N ASN A 80 -12.47 11.40 -9.96
CA ASN A 80 -12.34 12.31 -8.81
C ASN A 80 -11.15 11.89 -7.93
N THR A 81 -11.34 10.86 -7.13
CA THR A 81 -10.28 10.32 -6.27
C THR A 81 -9.89 11.28 -5.14
N THR A 82 -10.45 11.05 -3.95
CA THR A 82 -10.16 11.87 -2.77
C THR A 82 -9.88 11.01 -1.53
N ARG A 83 -9.60 9.72 -1.74
CA ARG A 83 -9.30 8.80 -0.64
C ARG A 83 -7.82 8.42 -0.64
N ASN A 84 -7.37 7.80 0.45
CA ASN A 84 -5.95 7.40 0.56
C ASN A 84 -5.80 6.01 1.19
N ALA A 85 -4.63 5.40 0.99
CA ALA A 85 -4.33 4.07 1.52
C ALA A 85 -3.57 4.17 2.85
N TYR A 86 -4.05 3.43 3.85
CA TYR A 86 -3.44 3.43 5.17
C TYR A 86 -2.72 2.11 5.47
N ARG A 87 -1.38 2.17 5.52
CA ARG A 87 -0.57 0.99 5.82
C ARG A 87 0.37 1.27 6.99
N GLU A 88 -0.03 0.84 8.19
CA GLU A 88 0.76 1.07 9.40
C GLU A 88 1.83 -0.01 9.63
N CYS A 89 2.88 0.36 10.35
CA CYS A 89 3.97 -0.58 10.67
C CYS A 89 3.87 -1.05 12.12
N LEU A 90 3.90 -2.37 12.30
CA LEU A 90 3.80 -2.99 13.63
C LEU A 90 4.90 -2.51 14.58
N GLU A 91 4.54 -2.44 15.86
CA GLU A 91 5.44 -2.00 16.93
C GLU A 91 6.72 -2.84 16.99
N ASN A 92 6.60 -4.13 16.71
CA ASN A 92 7.76 -5.04 16.73
C ASN A 92 8.75 -4.69 15.61
N GLY A 93 8.38 -3.79 14.71
CA GLY A 93 9.25 -3.41 13.60
C GLY A 93 8.96 -4.21 12.34
N THR A 94 7.68 -4.37 12.02
CA THR A 94 7.27 -5.12 10.84
C THR A 94 6.06 -4.49 10.17
N TRP A 95 5.78 -4.89 8.93
CA TRP A 95 4.63 -4.36 8.20
C TRP A 95 3.34 -4.98 8.72
N ALA A 96 2.23 -4.25 8.59
CA ALA A 96 0.94 -4.74 9.03
C ALA A 96 0.40 -5.84 8.11
N SER A 97 -0.35 -6.77 8.69
CA SER A 97 -0.93 -7.90 7.95
C SER A 97 -1.82 -7.46 6.78
N ARG A 98 -2.76 -6.56 7.05
CA ARG A 98 -3.66 -6.08 6.00
C ARG A 98 -3.63 -4.57 5.84
N VAL A 99 -4.32 -4.08 4.81
CA VAL A 99 -4.39 -2.65 4.52
C VAL A 99 -5.84 -2.19 4.38
N ASN A 100 -6.06 -0.89 4.51
CA ASN A 100 -7.41 -0.33 4.39
C ASN A 100 -7.82 -0.16 2.92
N TYR A 101 -8.74 -1.01 2.47
CA TYR A 101 -9.24 -0.97 1.09
C TYR A 101 -10.68 -0.44 1.04
N SER A 102 -11.35 -0.41 2.18
CA SER A 102 -12.74 0.08 2.27
C SER A 102 -12.81 1.58 1.99
N HIS A 103 -11.90 2.34 2.59
CA HIS A 103 -11.84 3.79 2.40
C HIS A 103 -11.61 4.14 0.93
N CYS A 104 -10.67 3.44 0.29
CA CYS A 104 -10.38 3.69 -1.11
C CYS A 104 -11.49 3.15 -2.00
N GLU A 105 -12.65 3.79 -1.92
CA GLU A 105 -13.81 3.38 -2.70
C GLU A 105 -13.92 4.17 -4.00
N PRO A 106 -14.69 3.64 -4.97
CA PRO A 106 -14.88 4.29 -6.27
C PRO A 106 -15.48 5.69 -6.15
N ILE A 107 -15.50 6.41 -7.28
CA ILE A 107 -16.06 7.76 -7.32
C ILE A 107 -17.57 7.76 -7.07
N LEU A 108 -18.15 6.58 -7.17
CA LEU A 108 -19.58 6.38 -6.95
C LEU A 108 -19.83 5.71 -5.59
N LEU B 16 -15.68 1.72 -14.05
CA LEU B 16 -16.09 2.26 -12.76
C LEU B 16 -16.97 1.26 -12.02
N ALA B 17 -17.70 0.44 -12.77
CA ALA B 17 -18.59 -0.56 -12.19
C ALA B 17 -18.43 -1.93 -12.87
N GLN B 18 -17.25 -2.20 -13.43
CA GLN B 18 -16.98 -3.47 -14.10
C GLN B 18 -15.51 -3.87 -13.98
N GLU B 19 -14.62 -2.99 -14.45
CA GLU B 19 -13.18 -3.24 -14.37
C GLU B 19 -12.61 -2.62 -13.10
N ALA B 20 -13.01 -1.39 -12.82
CA ALA B 20 -12.56 -0.69 -11.62
C ALA B 20 -12.96 -1.45 -10.36
N HIS B 21 -14.04 -2.24 -10.45
CA HIS B 21 -14.51 -3.03 -9.31
C HIS B 21 -13.54 -4.19 -9.04
N LYS B 22 -13.26 -4.96 -10.09
CA LYS B 22 -12.33 -6.09 -9.97
C LYS B 22 -10.94 -5.58 -9.59
N ASN B 23 -10.58 -4.41 -10.11
CA ASN B 23 -9.29 -3.80 -9.80
C ASN B 23 -9.21 -3.49 -8.30
N ARG B 24 -10.20 -2.76 -7.79
CA ARG B 24 -10.24 -2.46 -6.35
C ARG B 24 -10.39 -3.77 -5.57
N LYS B 25 -11.14 -4.71 -6.14
CA LYS B 25 -11.33 -6.02 -5.51
C LYS B 25 -9.98 -6.66 -5.24
N LEU B 26 -9.07 -6.54 -6.21
CA LEU B 26 -7.71 -7.08 -6.07
C LEU B 26 -7.06 -6.61 -4.75
N GLU B 28 -8.40 -6.64 -1.77
CA GLU B 28 -8.68 -7.63 -0.71
C GLU B 28 -7.68 -8.79 -0.77
N ILE B 29 -7.04 -8.97 -1.94
CA ILE B 29 -6.03 -10.02 -2.12
C ILE B 29 -4.77 -9.72 -1.29
N ILE B 30 -4.51 -8.43 -1.06
CA ILE B 30 -3.33 -8.01 -0.31
C ILE B 30 -3.48 -8.34 1.18
N TYR A 30 14.41 5.20 -3.32
CA TYR A 30 14.64 4.36 -4.53
C TYR A 30 14.00 2.98 -4.37
N CYS A 31 12.98 2.70 -5.18
CA CYS A 31 12.30 1.40 -5.13
C CYS A 31 12.86 0.44 -6.16
N HIS A 32 13.21 -0.75 -5.70
CA HIS A 32 13.77 -1.79 -6.58
C HIS A 32 13.80 -3.16 -5.88
N ARG A 33 14.52 -3.24 -4.76
CA ARG A 33 14.64 -4.48 -4.00
C ARG A 33 13.42 -4.70 -3.09
N THR A 34 13.39 -5.85 -2.42
CA THR A 34 12.29 -6.20 -1.51
C THR A 34 12.61 -7.48 -0.73
N THR A 35 13.46 -7.33 0.30
CA THR A 35 13.88 -8.46 1.16
C THR A 35 14.23 -9.70 0.32
N ILE A 36 14.93 -9.49 -0.79
CA ILE A 36 15.32 -10.58 -1.69
C ILE A 36 16.37 -11.51 -1.07
N GLY A 37 17.33 -10.94 -0.34
CA GLY A 37 18.38 -11.74 0.29
C GLY A 37 19.16 -10.99 1.35
N ASN A 38 20.34 -11.50 1.68
CA ASN A 38 21.21 -10.89 2.69
C ASN A 38 20.57 -10.96 4.08
N PHE A 39 21.37 -10.68 5.11
CA PHE A 39 20.89 -10.72 6.49
C PHE A 39 21.19 -9.43 7.25
N SER A 40 20.55 -9.29 8.42
CA SER A 40 20.74 -8.12 9.29
C SER A 40 20.07 -8.36 10.66
N GLY A 41 20.16 -9.59 11.16
CA GLY A 41 19.57 -9.92 12.46
C GLY A 41 18.05 -9.99 12.40
N PRO A 42 17.35 -9.36 13.36
CA PRO A 42 15.89 -9.35 13.41
C PRO A 42 15.27 -8.25 12.53
N TYR A 43 13.96 -8.11 12.61
CA TYR A 43 13.26 -7.09 11.82
C TYR A 43 12.87 -5.90 12.70
N THR A 44 13.10 -4.69 12.19
CA THR A 44 12.79 -3.46 12.93
C THR A 44 12.37 -2.33 11.99
N TYR A 45 13.35 -1.70 11.35
CA TYR A 45 13.07 -0.60 10.42
C TYR A 45 12.49 -1.12 9.10
N CYS A 46 11.29 -0.64 8.76
CA CYS A 46 10.63 -1.03 7.53
C CYS A 46 11.38 -0.48 6.33
N ASN A 47 11.67 -1.34 5.35
CA ASN A 47 12.39 -0.90 4.16
C ASN A 47 11.61 -1.24 2.89
N THR A 48 12.06 -0.64 1.76
CA THR A 48 11.45 -0.87 0.43
C THR A 48 10.60 -2.12 0.42
N THR A 49 9.31 -1.94 0.60
CA THR A 49 8.37 -3.04 0.66
C THR A 49 7.46 -3.08 -0.56
N LEU A 50 6.82 -4.23 -0.79
CA LEU A 50 5.92 -4.41 -1.93
C LEU A 50 4.53 -4.84 -1.49
N ASP A 51 3.69 -5.20 -2.45
CA ASP A 51 2.32 -5.63 -2.17
C ASP A 51 1.80 -6.52 -3.29
N GLN A 52 0.85 -7.41 -2.96
CA GLN A 52 0.27 -8.31 -3.97
C GLN A 52 -0.26 -7.54 -5.18
N ILE A 53 -0.76 -6.32 -4.93
CA ILE A 53 -1.30 -5.46 -5.98
C ILE A 53 -0.19 -4.64 -6.68
N GLY A 54 1.04 -4.71 -6.16
CA GLY A 54 2.14 -3.97 -6.76
C GLY A 54 2.33 -2.60 -6.12
N THR A 55 2.16 -2.53 -4.79
CA THR A 55 2.32 -1.28 -4.06
C THR A 55 3.66 -1.26 -3.32
N CYS A 56 4.58 -0.42 -3.81
CA CYS A 56 5.91 -0.31 -3.19
C CYS A 56 5.88 0.65 -2.01
N TRP A 57 6.02 0.09 -0.81
CA TRP A 57 6.02 0.89 0.41
C TRP A 57 7.46 1.28 0.78
N PRO A 58 7.74 2.60 0.86
CA PRO A 58 9.08 3.11 1.18
C PRO A 58 9.52 2.80 2.61
N GLN A 59 10.77 3.14 2.92
CA GLN A 59 11.36 2.91 4.24
C GLN A 59 10.45 3.47 5.36
N SER A 60 10.48 2.82 6.53
CA SER A 60 9.68 3.23 7.69
C SER A 60 10.11 2.49 8.96
N ALA A 61 9.22 2.41 9.96
CA ALA A 61 9.53 1.69 11.21
C ALA A 61 8.27 1.42 12.04
N PRO A 62 8.36 0.55 13.07
CA PRO A 62 7.23 0.18 13.94
C PRO A 62 6.48 1.40 14.49
N GLY A 63 5.16 1.30 14.46
CA GLY A 63 4.31 2.38 14.96
C GLY A 63 4.22 3.56 14.00
N ALA A 64 4.69 3.38 12.76
CA ALA A 64 4.64 4.44 11.76
C ALA A 64 3.49 4.25 10.79
N LEU A 65 2.54 5.16 10.82
CA LEU A 65 1.37 5.11 9.94
C LEU A 65 1.73 5.64 8.56
N VAL A 66 1.94 4.73 7.62
CA VAL A 66 2.28 5.11 6.26
C VAL A 66 1.07 4.98 5.34
N GLU A 67 0.48 6.11 4.99
CA GLU A 67 -0.69 6.12 4.13
C GLU A 67 -0.33 6.51 2.69
N ARG A 68 -1.19 6.13 1.76
CA ARG A 68 -0.97 6.43 0.33
C ARG A 68 -2.22 6.16 -0.49
N PRO A 69 -2.33 6.75 -1.68
CA PRO A 69 -3.48 6.53 -2.56
C PRO A 69 -3.50 5.09 -3.07
N CYS A 70 -4.63 4.41 -2.89
CA CYS A 70 -4.74 3.02 -3.33
C CYS A 70 -4.55 2.92 -4.85
N PRO A 71 -3.77 1.93 -5.31
CA PRO A 71 -3.51 1.74 -6.76
C PRO A 71 -4.77 1.39 -7.56
N GLU A 72 -5.75 2.29 -7.53
CA GLU A 72 -7.01 2.10 -8.25
C GLU A 72 -6.83 2.30 -9.76
N TYR A 73 -5.77 3.00 -10.15
CA TYR A 73 -5.51 3.27 -11.56
C TYR A 73 -4.95 2.05 -12.27
N PHE A 74 -5.85 1.16 -12.64
CA PHE A 74 -5.49 -0.08 -13.35
C PHE A 74 -6.08 -0.10 -14.76
N ASN A 75 -6.62 1.04 -15.23
CA ASN A 75 -7.21 1.12 -16.58
C ASN A 75 -7.82 2.52 -16.85
N GLY A 76 -8.59 3.04 -15.89
CA GLY A 76 -9.22 4.35 -16.07
C GLY A 76 -10.72 4.33 -15.83
N ILE A 77 -11.11 4.15 -14.57
CA ILE A 77 -12.53 4.10 -14.18
C ILE A 77 -12.74 4.84 -12.85
N LYS A 78 -12.41 6.12 -12.81
CA LYS A 78 -12.54 6.93 -11.59
C LYS A 78 -12.20 8.40 -11.85
N TYR A 79 -11.02 8.65 -12.44
CA TYR A 79 -10.59 10.00 -12.78
C TYR A 79 -10.86 10.99 -11.63
N ASN A 80 -10.56 10.55 -10.39
CA ASN A 80 -10.77 11.40 -9.22
C ASN A 80 -9.85 11.01 -8.05
N THR A 81 -10.11 9.86 -7.42
CA THR A 81 -9.30 9.37 -6.30
C THR A 81 -9.17 10.43 -5.18
N THR A 82 -10.19 10.51 -4.31
CA THR A 82 -10.18 11.47 -3.20
C THR A 82 -9.95 10.81 -1.83
N ARG A 83 -9.77 9.49 -1.82
CA ARG A 83 -9.52 8.74 -0.57
C ARG A 83 -8.06 8.27 -0.50
N ASN A 84 -7.69 7.54 0.54
CA ASN A 84 -6.30 7.05 0.69
C ASN A 84 -6.22 5.73 1.46
N ALA A 85 -5.07 5.08 1.33
CA ALA A 85 -4.80 3.81 2.02
C ALA A 85 -3.84 4.04 3.20
N TYR A 86 -4.17 3.50 4.36
CA TYR A 86 -3.33 3.66 5.54
C TYR A 86 -2.69 2.34 5.97
N ARG A 87 -1.35 2.31 5.92
CA ARG A 87 -0.59 1.11 6.30
C ARG A 87 0.45 1.45 7.38
N GLU A 88 0.13 1.10 8.61
CA GLU A 88 1.01 1.37 9.75
C GLU A 88 1.97 0.20 10.02
N CYS A 89 3.25 0.53 10.15
CA CYS A 89 4.27 -0.49 10.44
C CYS A 89 4.07 -1.09 11.83
N LEU A 90 4.00 -2.42 11.90
CA LEU A 90 3.79 -3.13 13.16
C LEU A 90 4.90 -2.86 14.17
N GLU A 91 4.54 -2.86 15.45
CA GLU A 91 5.47 -2.63 16.56
C GLU A 91 6.63 -3.61 16.56
N ASN A 92 6.33 -4.89 16.29
CA ASN A 92 7.36 -5.94 16.25
C ASN A 92 8.45 -5.63 15.20
N GLY A 93 8.15 -4.73 14.25
CA GLY A 93 9.12 -4.36 13.23
C GLY A 93 8.76 -4.91 11.86
N THR A 94 7.49 -4.77 11.47
CA THR A 94 7.03 -5.25 10.16
C THR A 94 5.87 -4.41 9.62
N TRP A 95 5.24 -4.87 8.53
CA TRP A 95 4.11 -4.14 7.93
C TRP A 95 2.78 -4.74 8.36
N ALA A 96 1.74 -3.92 8.35
CA ALA A 96 0.39 -4.38 8.72
C ALA A 96 -0.22 -5.22 7.59
N SER A 97 -0.68 -6.42 7.94
CA SER A 97 -1.27 -7.33 6.97
C SER A 97 -2.48 -6.69 6.26
N ARG A 98 -3.43 -6.21 7.06
CA ARG A 98 -4.62 -5.56 6.51
C ARG A 98 -4.38 -4.05 6.36
N VAL A 99 -4.74 -3.49 5.20
CA VAL A 99 -4.54 -2.07 4.95
C VAL A 99 -5.88 -1.33 4.92
N ASN A 100 -5.89 -0.09 5.41
CA ASN A 100 -7.11 0.72 5.44
C ASN A 100 -7.45 1.28 4.06
N TYR A 101 -7.89 0.40 3.16
CA TYR A 101 -8.26 0.79 1.79
C TYR A 101 -9.74 0.55 1.48
N SER A 102 -10.54 0.23 2.50
CA SER A 102 -11.98 -0.03 2.32
C SER A 102 -12.71 1.15 1.67
N HIS A 103 -12.07 2.32 1.63
CA HIS A 103 -12.68 3.51 1.04
C HIS A 103 -12.17 3.77 -0.39
N CYS A 104 -11.51 2.79 -1.01
CA CYS A 104 -11.01 2.95 -2.38
C CYS A 104 -12.17 3.00 -3.38
N GLU A 105 -12.92 4.10 -3.33
CA GLU A 105 -14.08 4.29 -4.20
C GLU A 105 -13.73 5.10 -5.46
N PRO A 106 -14.42 4.82 -6.59
CA PRO A 106 -14.18 5.52 -7.86
C PRO A 106 -14.93 6.85 -7.97
N ILE A 107 -16.12 6.81 -8.59
CA ILE A 107 -16.96 7.99 -8.79
C ILE A 107 -18.42 7.54 -9.04
N LEU A 108 -19.12 8.18 -9.99
CA LEU A 108 -20.51 7.79 -10.30
C LEU A 108 -20.66 6.26 -10.34
N LEU B 16 -15.73 0.03 -17.16
CA LEU B 16 -16.28 0.81 -16.08
C LEU B 16 -17.03 -0.09 -15.10
N ALA B 17 -17.30 -1.31 -15.55
CA ALA B 17 -17.97 -2.31 -14.74
C ALA B 17 -17.13 -3.58 -14.69
N GLN B 18 -17.15 -4.29 -13.57
CA GLN B 18 -16.36 -5.52 -13.40
C GLN B 18 -14.85 -5.23 -13.38
N GLU B 19 -14.35 -4.52 -14.40
CA GLU B 19 -12.92 -4.18 -14.49
C GLU B 19 -12.48 -3.42 -13.25
N ALA B 20 -13.10 -2.28 -12.99
CA ALA B 20 -12.76 -1.50 -11.80
C ALA B 20 -13.11 -2.30 -10.54
N HIS B 21 -14.19 -3.09 -10.61
CA HIS B 21 -14.61 -3.93 -9.48
C HIS B 21 -13.52 -4.96 -9.16
N LYS B 22 -13.07 -5.70 -10.18
CA LYS B 22 -12.02 -6.70 -9.99
C LYS B 22 -10.75 -6.01 -9.50
N ASN B 23 -10.49 -4.80 -10.02
CA ASN B 23 -9.33 -4.01 -9.60
C ASN B 23 -9.40 -3.77 -8.09
N ARG B 24 -10.52 -3.21 -7.62
CA ARG B 24 -10.70 -2.99 -6.18
C ARG B 24 -10.65 -4.31 -5.42
N LYS B 25 -11.37 -5.31 -5.93
CA LYS B 25 -11.39 -6.64 -5.32
C LYS B 25 -9.97 -7.12 -5.00
N LEU B 26 -9.03 -6.75 -5.87
CA LEU B 26 -7.62 -7.10 -5.68
C LEU B 26 -7.12 -6.63 -4.31
N GLU B 28 -8.63 -6.95 -1.50
CA GLU B 28 -8.92 -8.02 -0.54
C GLU B 28 -7.74 -8.99 -0.47
N ILE B 29 -7.01 -9.12 -1.58
CA ILE B 29 -5.85 -10.01 -1.65
C ILE B 29 -4.71 -9.52 -0.74
N ILE B 30 -4.64 -8.21 -0.49
CA ILE B 30 -3.59 -7.64 0.34
C ILE B 30 -3.79 -8.04 1.81
N TYR A 30 14.57 -1.79 -0.24
CA TYR A 30 14.80 -0.71 -1.25
C TYR A 30 13.96 -0.97 -2.51
N CYS A 31 13.03 -0.06 -2.82
CA CYS A 31 12.18 -0.21 -3.99
C CYS A 31 12.61 0.72 -5.12
N HIS A 32 12.42 2.03 -4.93
CA HIS A 32 12.79 3.03 -5.94
C HIS A 32 14.25 3.45 -5.83
N ARG A 33 14.89 3.20 -4.68
CA ARG A 33 16.29 3.58 -4.45
C ARG A 33 16.45 5.11 -4.44
N THR A 34 17.61 5.57 -3.93
CA THR A 34 17.93 7.00 -3.83
C THR A 34 17.19 7.69 -2.68
N THR A 35 15.95 7.27 -2.44
CA THR A 35 15.14 7.84 -1.37
C THR A 35 14.57 6.74 -0.47
N ILE A 36 15.39 6.31 0.48
CA ILE A 36 14.98 5.25 1.42
C ILE A 36 14.78 5.78 2.83
N GLY A 37 15.61 6.73 3.26
CA GLY A 37 15.50 7.29 4.60
C GLY A 37 16.64 6.89 5.52
N ASN A 38 16.40 6.93 6.82
CA ASN A 38 17.42 6.57 7.82
C ASN A 38 16.80 5.75 8.97
N PHE A 39 17.66 5.20 9.82
CA PHE A 39 17.22 4.41 10.97
C PHE A 39 17.98 4.79 12.24
N SER A 40 17.64 4.15 13.37
CA SER A 40 18.29 4.41 14.65
C SER A 40 17.75 5.68 15.31
N GLY A 41 16.65 5.52 16.07
CA GLY A 41 16.04 6.66 16.74
C GLY A 41 14.53 6.54 16.77
N PRO A 42 13.85 6.79 15.63
CA PRO A 42 12.39 6.69 15.53
C PRO A 42 11.93 5.23 15.54
N TYR A 43 12.00 4.60 16.73
CA TYR A 43 11.61 3.22 16.89
C TYR A 43 12.64 2.29 16.21
N THR A 44 12.21 1.12 15.72
CA THR A 44 13.13 0.19 15.07
C THR A 44 13.29 0.51 13.58
N TYR A 45 12.56 -0.19 12.73
CA TYR A 45 12.65 0.02 11.29
C TYR A 45 11.68 -0.87 10.50
N CYS A 46 11.32 -0.40 9.31
CA CYS A 46 10.43 -1.11 8.40
C CYS A 46 10.97 -1.00 6.98
N ASN A 47 11.44 -2.11 6.43
CA ASN A 47 12.00 -2.12 5.08
C ASN A 47 10.91 -1.91 4.02
N THR A 48 11.34 -1.52 2.81
CA THR A 48 10.40 -1.32 1.70
C THR A 48 9.54 -2.58 1.51
N THR A 49 8.28 -2.41 1.17
CA THR A 49 7.36 -3.53 0.98
C THR A 49 6.53 -3.37 -0.28
N LEU A 50 6.49 -4.41 -1.11
CA LEU A 50 5.70 -4.36 -2.34
C LEU A 50 4.41 -5.15 -2.18
N ASP A 51 3.37 -4.66 -2.85
CA ASP A 51 2.04 -5.26 -2.78
C ASP A 51 1.69 -5.96 -4.10
N GLN A 52 0.87 -7.02 -4.00
CA GLN A 52 0.45 -7.81 -5.17
C GLN A 52 -0.07 -6.92 -6.31
N ILE A 53 -0.85 -5.89 -5.97
CA ILE A 53 -1.40 -4.97 -6.96
C ILE A 53 -0.31 -4.13 -7.64
N GLY A 54 0.86 -4.04 -7.00
CA GLY A 54 1.97 -3.27 -7.54
C GLY A 54 2.47 -2.20 -6.58
N THR A 55 1.64 -1.83 -5.59
CA THR A 55 2.03 -0.82 -4.62
C THR A 55 3.39 -1.12 -3.98
N CYS A 56 4.19 -0.09 -3.77
CA CYS A 56 5.51 -0.25 -3.15
C CYS A 56 5.66 0.67 -1.94
N TRP A 57 5.58 0.08 -0.76
CA TRP A 57 5.72 0.82 0.49
C TRP A 57 7.19 1.01 0.85
N PRO A 58 7.66 2.27 0.87
CA PRO A 58 9.07 2.59 1.18
C PRO A 58 9.47 2.34 2.63
N GLN A 59 10.79 2.30 2.88
CA GLN A 59 11.34 2.06 4.22
C GLN A 59 10.77 3.05 5.25
N SER A 60 10.52 2.53 6.45
CA SER A 60 9.98 3.32 7.55
C SER A 60 10.26 2.62 8.88
N ALA A 61 9.33 2.68 9.83
CA ALA A 61 9.49 2.01 11.13
C ALA A 61 8.13 1.68 11.76
N PRO A 62 8.12 0.85 12.83
CA PRO A 62 6.89 0.43 13.52
C PRO A 62 6.06 1.59 14.08
N GLY A 63 4.78 1.32 14.31
CA GLY A 63 3.88 2.34 14.84
C GLY A 63 3.75 3.54 13.92
N ALA A 64 3.76 3.28 12.61
CA ALA A 64 3.64 4.33 11.61
C ALA A 64 2.59 3.96 10.56
N LEU A 65 1.42 4.57 10.65
CA LEU A 65 0.34 4.30 9.70
C LEU A 65 0.64 4.96 8.35
N VAL A 66 1.57 4.34 7.63
CA VAL A 66 2.00 4.84 6.32
C VAL A 66 0.84 4.80 5.31
N GLU A 67 0.56 5.94 4.70
CA GLU A 67 -0.50 6.05 3.71
C GLU A 67 0.07 6.06 2.29
N ARG A 68 -0.74 5.63 1.31
CA ARG A 68 -0.30 5.57 -0.08
C ARG A 68 -1.47 5.62 -1.05
N PRO A 69 -1.27 6.21 -2.24
CA PRO A 69 -2.32 6.30 -3.28
C PRO A 69 -2.73 4.92 -3.77
N CYS A 70 -4.03 4.61 -3.64
CA CYS A 70 -4.56 3.31 -4.06
C CYS A 70 -4.50 3.14 -5.57
N PRO A 71 -3.85 2.07 -6.05
CA PRO A 71 -3.75 1.78 -7.49
C PRO A 71 -5.08 1.32 -8.09
N GLU A 72 -6.12 2.12 -7.90
CA GLU A 72 -7.44 1.81 -8.45
C GLU A 72 -7.43 1.89 -9.99
N TYR A 73 -6.37 2.51 -10.52
CA TYR A 73 -6.21 2.64 -11.97
C TYR A 73 -5.48 1.42 -12.55
N PHE A 74 -5.36 0.37 -11.75
CA PHE A 74 -4.70 -0.88 -12.15
C PHE A 74 -5.43 -1.53 -13.33
N ASN A 75 -6.71 -1.25 -13.44
CA ASN A 75 -7.54 -1.76 -14.52
C ASN A 75 -7.92 -0.65 -15.51
N GLY A 76 -7.96 0.59 -15.01
CA GLY A 76 -8.31 1.73 -15.83
C GLY A 76 -9.56 2.45 -15.32
N ILE A 77 -9.79 2.40 -14.01
CA ILE A 77 -10.95 3.04 -13.40
C ILE A 77 -10.51 4.14 -12.43
N LYS A 78 -11.46 5.01 -12.07
CA LYS A 78 -11.19 6.13 -11.16
C LYS A 78 -10.40 7.20 -11.89
N TYR A 79 -10.61 8.46 -11.51
CA TYR A 79 -9.93 9.58 -12.18
C TYR A 79 -9.67 10.74 -11.20
N ASN A 80 -9.37 10.41 -9.96
CA ASN A 80 -9.10 11.41 -8.93
C ASN A 80 -8.71 10.72 -7.63
N THR A 81 -9.66 9.97 -7.06
CA THR A 81 -9.45 9.24 -5.82
C THR A 81 -9.32 10.19 -4.62
N THR A 82 -10.45 10.42 -3.94
CA THR A 82 -10.51 11.32 -2.80
C THR A 82 -9.52 10.93 -1.70
N ARG A 83 -9.51 9.66 -1.31
CA ARG A 83 -8.61 9.20 -0.24
C ARG A 83 -7.57 8.20 -0.75
N ASN A 84 -6.66 7.84 0.16
CA ASN A 84 -5.58 6.90 -0.13
C ASN A 84 -5.61 5.70 0.81
N ALA A 85 -4.71 4.75 0.58
CA ALA A 85 -4.61 3.55 1.40
C ALA A 85 -3.69 3.79 2.60
N TYR A 86 -3.97 3.08 3.68
CA TYR A 86 -3.18 3.21 4.91
C TYR A 86 -2.62 1.85 5.35
N ARG A 87 -1.29 1.74 5.39
CA ARG A 87 -0.63 0.50 5.79
C ARG A 87 0.27 0.74 7.00
N GLU A 88 -0.17 0.27 8.16
CA GLU A 88 0.59 0.43 9.40
C GLU A 88 1.80 -0.51 9.46
N CYS A 89 2.63 -0.32 10.48
CA CYS A 89 3.82 -1.14 10.67
C CYS A 89 3.88 -1.67 12.10
N LEU A 90 3.75 -2.99 12.23
CA LEU A 90 3.77 -3.65 13.54
C LEU A 90 4.98 -3.23 14.37
N GLU A 91 4.70 -2.91 15.63
CA GLU A 91 5.69 -2.45 16.61
C GLU A 91 7.01 -3.23 16.53
N ASN A 92 6.92 -4.55 16.39
CA ASN A 92 8.13 -5.39 16.31
C ASN A 92 9.01 -4.99 15.12
N GLY A 93 8.46 -4.20 14.19
CA GLY A 93 9.22 -3.76 13.02
C GLY A 93 8.82 -4.53 11.78
N THR A 94 7.52 -4.74 11.59
CA THR A 94 7.02 -5.48 10.43
C THR A 94 5.74 -4.86 9.87
N TRP A 95 5.69 -4.71 8.55
CA TRP A 95 4.51 -4.14 7.90
C TRP A 95 3.25 -4.91 8.29
N ALA A 96 2.11 -4.23 8.28
CA ALA A 96 0.85 -4.88 8.64
C ALA A 96 0.33 -5.76 7.49
N SER A 97 -0.86 -6.32 7.66
CA SER A 97 -1.45 -7.20 6.64
C SER A 97 -2.45 -6.45 5.74
N ARG A 98 -3.71 -6.38 6.18
CA ARG A 98 -4.77 -5.72 5.43
C ARG A 98 -4.61 -4.19 5.43
N VAL A 99 -4.76 -3.59 4.26
CA VAL A 99 -4.64 -2.13 4.12
C VAL A 99 -6.03 -1.48 4.14
N ASN A 100 -6.10 -0.20 4.53
CA ASN A 100 -7.37 0.53 4.59
C ASN A 100 -7.94 0.79 3.18
N TYR A 101 -8.29 -0.29 2.49
CA TYR A 101 -8.86 -0.18 1.14
C TYR A 101 -10.14 0.66 1.14
N SER A 102 -10.95 0.52 2.19
CA SER A 102 -12.21 1.26 2.31
C SER A 102 -12.02 2.74 1.96
N HIS A 103 -10.89 3.32 2.39
CA HIS A 103 -10.58 4.72 2.10
C HIS A 103 -10.50 4.97 0.59
N CYS A 104 -10.07 3.95 -0.15
CA CYS A 104 -9.93 4.03 -1.61
C CYS A 104 -11.29 4.18 -2.32
N GLU A 105 -12.08 5.17 -1.92
CA GLU A 105 -13.38 5.41 -2.52
C GLU A 105 -13.26 5.90 -3.97
N PRO A 106 -14.31 5.68 -4.80
CA PRO A 106 -14.33 6.06 -6.20
C PRO A 106 -14.77 7.52 -6.42
N ILE A 107 -15.04 7.88 -7.68
CA ILE A 107 -15.47 9.24 -8.02
C ILE A 107 -16.85 9.23 -8.67
N LEU A 108 -17.70 8.34 -8.18
CA LEU A 108 -19.07 8.19 -8.71
C LEU A 108 -19.78 9.54 -8.78
N LEU B 16 -16.56 -0.72 -9.66
CA LEU B 16 -17.31 -1.70 -10.39
C LEU B 16 -17.59 -1.28 -11.83
N ALA B 17 -17.23 -0.03 -12.17
CA ALA B 17 -17.46 0.52 -13.51
C ALA B 17 -17.50 -0.54 -14.62
N GLN B 18 -16.34 -1.12 -14.91
CA GLN B 18 -16.23 -2.16 -15.94
C GLN B 18 -15.02 -3.06 -15.65
N GLU B 19 -14.70 -3.19 -14.36
CA GLU B 19 -13.56 -3.99 -13.87
C GLU B 19 -13.20 -3.58 -12.45
N ALA B 20 -13.46 -2.31 -12.13
CA ALA B 20 -13.17 -1.76 -10.81
C ALA B 20 -13.60 -2.69 -9.68
N HIS B 21 -14.65 -3.48 -9.92
CA HIS B 21 -15.13 -4.43 -8.91
C HIS B 21 -14.09 -5.52 -8.69
N LYS B 22 -13.56 -6.06 -9.78
CA LYS B 22 -12.52 -7.06 -9.71
C LYS B 22 -11.21 -6.37 -9.34
N ASN B 23 -11.03 -5.14 -9.83
CA ASN B 23 -9.85 -4.35 -9.53
C ASN B 23 -9.72 -4.15 -8.02
N ARG B 24 -10.77 -3.59 -7.40
CA ARG B 24 -10.74 -3.38 -5.95
C ARG B 24 -10.57 -4.72 -5.24
N LYS B 25 -11.27 -5.75 -5.72
CA LYS B 25 -11.17 -7.09 -5.16
C LYS B 25 -9.69 -7.48 -5.00
N LEU B 26 -8.89 -7.17 -6.02
CA LEU B 26 -7.46 -7.48 -5.99
C LEU B 26 -6.77 -6.90 -4.73
N GLU B 28 -7.89 -6.95 -1.57
CA GLU B 28 -7.98 -7.91 -0.46
C GLU B 28 -6.80 -8.88 -0.46
N ILE B 29 -6.25 -9.15 -1.66
CA ILE B 29 -5.11 -10.04 -1.78
C ILE B 29 -3.89 -9.48 -1.03
N ILE B 30 -3.84 -8.15 -0.90
CA ILE B 30 -2.74 -7.48 -0.21
C ILE B 30 -2.86 -7.60 1.31
N TYR A 30 13.72 4.46 -6.21
CA TYR A 30 14.44 3.17 -6.04
C TYR A 30 13.77 2.31 -4.96
N CYS A 31 13.39 1.07 -5.32
CA CYS A 31 12.72 0.18 -4.36
C CYS A 31 13.57 -1.04 -4.03
N HIS A 32 14.44 -1.46 -4.94
CA HIS A 32 15.30 -2.62 -4.71
C HIS A 32 16.76 -2.21 -4.54
N ARG A 33 17.26 -1.36 -5.45
CA ARG A 33 18.64 -0.89 -5.39
C ARG A 33 18.74 0.40 -4.55
N THR A 34 19.96 0.70 -4.08
CA THR A 34 20.23 1.89 -3.25
C THR A 34 19.95 1.63 -1.77
N THR A 35 18.95 0.78 -1.49
CA THR A 35 18.59 0.44 -0.11
C THR A 35 18.28 -1.06 -0.01
N ILE A 36 19.22 -1.88 -0.49
CA ILE A 36 19.05 -3.34 -0.48
C ILE A 36 19.75 -3.98 0.72
N GLY A 37 20.88 -3.41 1.13
CA GLY A 37 21.61 -3.94 2.27
C GLY A 37 21.49 -3.07 3.51
N ASN A 38 22.40 -2.10 3.64
CA ASN A 38 22.41 -1.18 4.78
C ASN A 38 22.62 -1.93 6.11
N PHE A 39 22.72 -1.18 7.21
CA PHE A 39 22.93 -1.77 8.53
C PHE A 39 22.33 -0.90 9.63
N SER A 40 22.52 -1.31 10.89
CA SER A 40 22.00 -0.59 12.06
C SER A 40 20.47 -0.61 12.12
N GLY A 41 19.91 -1.80 12.33
CA GLY A 41 18.46 -1.93 12.42
C GLY A 41 18.01 -3.35 12.75
N PRO A 42 18.39 -3.86 13.94
CA PRO A 42 18.02 -5.22 14.36
C PRO A 42 16.55 -5.36 14.77
N TYR A 43 15.90 -4.23 15.04
CA TYR A 43 14.50 -4.21 15.47
C TYR A 43 13.88 -2.82 15.26
N THR A 44 12.64 -2.66 15.71
CA THR A 44 11.89 -1.39 15.61
C THR A 44 12.22 -0.60 14.33
N TYR A 45 12.08 -1.25 13.17
CA TYR A 45 12.34 -0.60 11.88
C TYR A 45 11.55 -1.28 10.75
N CYS A 46 11.19 -0.50 9.73
CA CYS A 46 10.45 -1.04 8.58
C CYS A 46 11.23 -0.79 7.29
N ASN A 47 11.45 -1.84 6.51
CA ASN A 47 12.19 -1.71 5.25
C ASN A 47 11.26 -1.85 4.04
N THR A 48 11.82 -1.59 2.84
CA THR A 48 11.07 -1.68 1.59
C THR A 48 10.26 -2.97 1.53
N THR A 49 9.00 -2.86 1.11
CA THR A 49 8.11 -4.02 1.03
C THR A 49 7.25 -3.96 -0.23
N LEU A 50 6.93 -5.13 -0.78
CA LEU A 50 6.10 -5.22 -1.98
C LEU A 50 4.80 -5.96 -1.71
N ASP A 51 3.90 -5.97 -2.69
CA ASP A 51 2.62 -6.65 -2.57
C ASP A 51 2.06 -7.09 -3.94
N GLN A 52 0.87 -7.71 -3.95
CA GLN A 52 0.24 -8.19 -5.18
C GLN A 52 -0.12 -7.06 -6.14
N ILE A 53 -0.72 -6.00 -5.59
CA ILE A 53 -1.12 -4.83 -6.38
C ILE A 53 0.11 -4.12 -6.98
N GLY A 54 1.24 -4.20 -6.27
CA GLY A 54 2.47 -3.55 -6.73
C GLY A 54 2.75 -2.22 -6.05
N THR A 55 2.18 -2.01 -4.86
CA THR A 55 2.40 -0.75 -4.11
C THR A 55 3.71 -0.78 -3.31
N CYS A 56 4.84 -0.74 -4.02
CA CYS A 56 6.17 -0.75 -3.36
C CYS A 56 6.19 0.13 -2.10
N TRP A 57 6.28 -0.53 -0.95
CA TRP A 57 6.31 0.16 0.34
C TRP A 57 7.74 0.48 0.77
N PRO A 58 8.11 1.77 0.79
CA PRO A 58 9.47 2.22 1.15
C PRO A 58 9.80 2.12 2.65
N GLN A 59 11.10 2.26 2.97
CA GLN A 59 11.60 2.19 4.34
C GLN A 59 10.79 3.06 5.31
N SER A 60 10.79 2.65 6.59
CA SER A 60 10.05 3.37 7.63
C SER A 60 10.38 2.81 9.03
N ALA A 61 9.51 3.07 10.00
CA ALA A 61 9.72 2.60 11.37
C ALA A 61 8.41 2.12 12.01
N PRO A 62 8.49 1.47 13.19
CA PRO A 62 7.31 0.96 13.90
C PRO A 62 6.36 2.05 14.39
N GLY A 63 5.07 1.73 14.38
CA GLY A 63 4.05 2.69 14.82
C GLY A 63 3.93 3.88 13.89
N ALA A 64 4.31 3.71 12.61
CA ALA A 64 4.24 4.78 11.64
C ALA A 64 3.19 4.52 10.56
N LEU A 65 2.12 5.32 10.59
CA LEU A 65 1.05 5.19 9.60
C LEU A 65 1.52 5.66 8.23
N VAL A 66 1.99 4.71 7.41
CA VAL A 66 2.48 5.03 6.08
C VAL A 66 1.37 4.93 5.04
N GLU A 67 0.75 6.07 4.72
CA GLU A 67 -0.34 6.10 3.75
C GLU A 67 0.18 6.21 2.31
N ARG A 68 -0.62 5.73 1.36
CA ARG A 68 -0.25 5.77 -0.05
C ARG A 68 -1.48 5.77 -0.95
N PRO A 69 -1.43 6.49 -2.09
CA PRO A 69 -2.56 6.54 -3.02
C PRO A 69 -2.83 5.16 -3.62
N CYS A 70 -4.03 4.64 -3.38
CA CYS A 70 -4.41 3.32 -3.90
C CYS A 70 -4.45 3.35 -5.42
N PRO A 71 -3.68 2.47 -6.09
CA PRO A 71 -3.64 2.42 -7.55
C PRO A 71 -4.98 1.99 -8.17
N GLU A 72 -6.01 2.77 -7.91
CA GLU A 72 -7.34 2.49 -8.45
C GLU A 72 -7.34 2.63 -9.96
N TYR A 73 -6.50 3.53 -10.47
CA TYR A 73 -6.43 3.79 -11.90
C TYR A 73 -5.83 2.61 -12.67
N PHE A 74 -6.56 1.51 -12.66
CA PHE A 74 -6.17 0.30 -13.39
C PHE A 74 -6.95 0.23 -14.70
N ASN A 75 -7.16 1.41 -15.32
CA ASN A 75 -7.93 1.52 -16.58
C ASN A 75 -8.31 2.98 -16.86
N GLY A 76 -8.79 3.67 -15.82
CA GLY A 76 -9.21 5.06 -15.94
C GLY A 76 -10.68 5.21 -15.57
N ILE A 77 -10.99 4.94 -14.29
CA ILE A 77 -12.37 4.99 -13.80
C ILE A 77 -12.50 5.87 -12.56
N LYS A 78 -13.70 5.90 -11.95
CA LYS A 78 -13.97 6.70 -10.74
C LYS A 78 -14.06 8.21 -11.03
N TYR A 79 -13.08 8.75 -11.77
CA TYR A 79 -13.05 10.19 -12.14
C TYR A 79 -13.46 11.16 -11.01
N ASN A 80 -13.39 10.74 -9.74
CA ASN A 80 -13.76 11.61 -8.63
C ASN A 80 -13.56 10.96 -7.25
N THR A 81 -12.30 10.69 -6.89
CA THR A 81 -12.00 10.10 -5.58
C THR A 81 -10.78 10.76 -4.95
N THR A 82 -10.90 11.13 -3.67
CA THR A 82 -9.82 11.78 -2.92
C THR A 82 -9.49 10.97 -1.65
N ARG A 83 -9.32 9.68 -1.83
CA ARG A 83 -9.02 8.77 -0.73
C ARG A 83 -7.58 8.24 -0.83
N ASN A 84 -7.14 7.51 0.21
CA ASN A 84 -5.78 6.95 0.23
C ASN A 84 -5.71 5.61 0.98
N ALA A 85 -4.59 4.91 0.79
CA ALA A 85 -4.34 3.62 1.43
C ALA A 85 -3.57 3.81 2.74
N TYR A 86 -4.15 3.34 3.84
CA TYR A 86 -3.52 3.48 5.15
C TYR A 86 -2.81 2.19 5.57
N ARG A 87 -1.48 2.25 5.59
CA ARG A 87 -0.67 1.09 5.97
C ARG A 87 0.36 1.46 7.04
N GLU A 88 0.05 1.14 8.30
CA GLU A 88 0.96 1.44 9.41
C GLU A 88 1.96 0.32 9.65
N CYS A 89 3.17 0.70 10.09
CA CYS A 89 4.23 -0.27 10.39
C CYS A 89 4.11 -0.70 11.86
N LEU A 90 4.05 -2.01 12.10
CA LEU A 90 3.90 -2.52 13.47
C LEU A 90 5.12 -2.28 14.34
N GLU A 91 4.86 -2.24 15.64
CA GLU A 91 5.88 -2.00 16.69
C GLU A 91 7.07 -2.95 16.58
N ASN A 92 6.79 -4.23 16.35
CA ASN A 92 7.84 -5.25 16.21
C ASN A 92 8.82 -4.88 15.11
N GLY A 93 8.39 -4.04 14.17
CA GLY A 93 9.23 -3.62 13.07
C GLY A 93 8.82 -4.29 11.78
N THR A 94 7.51 -4.35 11.53
CA THR A 94 7.02 -5.01 10.31
C THR A 94 5.74 -4.37 9.79
N TRP A 95 5.52 -4.52 8.49
CA TRP A 95 4.33 -3.97 7.84
C TRP A 95 3.09 -4.77 8.27
N ALA A 96 1.95 -4.09 8.32
CA ALA A 96 0.69 -4.72 8.74
C ALA A 96 0.28 -5.82 7.75
N SER A 97 -0.23 -6.94 8.27
CA SER A 97 -0.66 -8.05 7.41
C SER A 97 -1.70 -7.57 6.39
N ARG A 98 -2.74 -6.88 6.86
CA ARG A 98 -3.79 -6.37 5.99
C ARG A 98 -3.55 -4.91 5.62
N VAL A 99 -4.45 -4.38 4.77
CA VAL A 99 -4.38 -2.99 4.32
C VAL A 99 -5.74 -2.32 4.43
N ASN A 100 -5.80 -1.19 5.13
CA ASN A 100 -7.06 -0.46 5.29
C ASN A 100 -7.38 0.34 4.03
N TYR A 101 -7.86 -0.36 3.00
CA TYR A 101 -8.19 0.25 1.72
C TYR A 101 -9.70 0.42 1.50
N SER A 102 -10.52 0.07 2.50
CA SER A 102 -11.98 0.21 2.39
C SER A 102 -12.37 1.63 1.95
N HIS A 103 -11.59 2.61 2.42
CA HIS A 103 -11.83 4.03 2.09
C HIS A 103 -11.86 4.29 0.58
N CYS A 104 -11.00 3.61 -0.18
CA CYS A 104 -10.92 3.80 -1.65
C CYS A 104 -12.17 3.29 -2.37
N GLU A 105 -13.31 3.93 -2.11
CA GLU A 105 -14.59 3.57 -2.72
C GLU A 105 -14.86 4.38 -4.01
N PRO A 106 -15.39 3.74 -5.08
CA PRO A 106 -15.68 4.38 -6.36
C PRO A 106 -17.09 4.99 -6.42
N ILE A 107 -17.56 5.25 -7.64
CA ILE A 107 -18.87 5.84 -7.89
C ILE A 107 -19.84 4.80 -8.51
N LEU A 108 -20.83 5.27 -9.27
CA LEU A 108 -21.81 4.38 -9.90
C LEU A 108 -21.18 3.59 -11.05
N LEU B 16 -19.72 1.47 -14.94
CA LEU B 16 -18.43 0.81 -14.88
C LEU B 16 -18.32 -0.11 -13.69
N ALA B 17 -19.33 -0.07 -12.83
CA ALA B 17 -19.38 -0.91 -11.63
C ALA B 17 -18.72 -2.27 -11.87
N GLN B 18 -19.27 -3.03 -12.83
CA GLN B 18 -18.74 -4.35 -13.18
C GLN B 18 -17.23 -4.34 -13.45
N GLU B 19 -16.73 -3.24 -14.05
CA GLU B 19 -15.31 -3.13 -14.38
C GLU B 19 -14.50 -2.66 -13.18
N ALA B 20 -14.77 -1.46 -12.70
CA ALA B 20 -14.03 -0.93 -11.56
C ALA B 20 -14.08 -1.87 -10.34
N HIS B 21 -15.14 -2.69 -10.25
CA HIS B 21 -15.26 -3.64 -9.14
C HIS B 21 -14.05 -4.57 -9.09
N LYS B 22 -13.80 -5.30 -10.18
CA LYS B 22 -12.66 -6.21 -10.24
C LYS B 22 -11.35 -5.44 -10.00
N ASN B 23 -11.28 -4.21 -10.51
CA ASN B 23 -10.11 -3.37 -10.31
C ASN B 23 -9.82 -3.21 -8.81
N ARG B 24 -10.84 -2.82 -8.05
CA ARG B 24 -10.70 -2.66 -6.60
C ARG B 24 -10.57 -4.02 -5.91
N LYS B 25 -11.31 -5.02 -6.41
CA LYS B 25 -11.26 -6.39 -5.86
C LYS B 25 -9.82 -6.81 -5.61
N LEU B 26 -8.94 -6.50 -6.56
CA LEU B 26 -7.51 -6.80 -6.45
C LEU B 26 -6.96 -6.43 -5.05
N GLU B 28 -8.33 -6.90 -2.13
CA GLU B 28 -8.52 -8.02 -1.21
C GLU B 28 -7.43 -9.08 -1.37
N ILE B 29 -6.80 -9.10 -2.55
CA ILE B 29 -5.73 -10.05 -2.83
C ILE B 29 -4.46 -9.73 -2.04
N ILE B 30 -4.33 -8.47 -1.60
CA ILE B 30 -3.16 -8.03 -0.84
C ILE B 30 -3.06 -8.79 0.48
N TYR A 30 13.36 4.61 -4.62
CA TYR A 30 13.83 3.39 -5.35
C TYR A 30 13.21 2.12 -4.78
N CYS A 31 12.78 1.22 -5.64
CA CYS A 31 12.17 -0.04 -5.21
C CYS A 31 13.21 -1.14 -5.02
N HIS A 32 13.99 -1.41 -6.07
CA HIS A 32 15.02 -2.44 -6.00
C HIS A 32 16.27 -1.94 -5.27
N ARG A 33 16.75 -0.74 -5.65
CA ARG A 33 17.94 -0.14 -5.04
C ARG A 33 19.14 -1.11 -5.03
N THR A 34 20.19 -0.72 -4.30
CA THR A 34 21.41 -1.54 -4.20
C THR A 34 22.43 -0.87 -3.27
N THR A 35 23.16 0.12 -3.79
CA THR A 35 24.17 0.83 -3.01
C THR A 35 23.87 2.33 -2.98
N ILE A 36 22.59 2.68 -2.81
CA ILE A 36 22.17 4.08 -2.77
C ILE A 36 22.47 4.73 -1.41
N GLY A 37 22.40 3.93 -0.35
CA GLY A 37 22.68 4.45 0.99
C GLY A 37 21.50 4.33 1.94
N ASN A 38 20.50 5.21 1.77
CA ASN A 38 19.32 5.21 2.63
C ASN A 38 19.65 5.65 4.06
N PHE A 39 18.62 5.95 4.84
CA PHE A 39 18.81 6.41 6.22
C PHE A 39 18.17 5.47 7.24
N SER A 40 18.45 5.71 8.52
CA SER A 40 17.88 4.89 9.59
C SER A 40 18.11 5.53 10.97
N GLY A 41 17.86 6.84 11.08
CA GLY A 41 18.02 7.53 12.35
C GLY A 41 16.95 7.11 13.34
N PRO A 42 15.73 7.66 13.22
CA PRO A 42 14.61 7.30 14.09
C PRO A 42 13.84 6.09 13.56
N TYR A 43 14.57 5.11 13.02
CA TYR A 43 13.98 3.90 12.47
C TYR A 43 14.59 2.64 13.10
N THR A 44 14.19 1.48 12.60
CA THR A 44 14.70 0.20 13.10
C THR A 44 14.37 -0.94 12.14
N TYR A 45 13.12 -1.00 11.67
CA TYR A 45 12.69 -2.03 10.74
C TYR A 45 11.78 -1.47 9.64
N CYS A 46 11.27 -2.36 8.79
CA CYS A 46 10.38 -1.98 7.68
C CYS A 46 11.15 -1.30 6.55
N ASN A 47 11.63 -2.09 5.60
CA ASN A 47 12.37 -1.57 4.45
C ASN A 47 11.58 -1.77 3.15
N THR A 48 12.18 -1.40 2.01
CA THR A 48 11.55 -1.54 0.69
C THR A 48 10.66 -2.78 0.64
N THR A 49 9.35 -2.55 0.65
CA THR A 49 8.38 -3.63 0.65
C THR A 49 7.52 -3.61 -0.62
N LEU A 50 7.02 -4.77 -1.02
CA LEU A 50 6.19 -4.89 -2.22
C LEU A 50 4.75 -5.29 -1.89
N ASP A 51 3.96 -5.53 -2.94
CA ASP A 51 2.55 -5.91 -2.77
C ASP A 51 2.01 -6.66 -3.99
N GLN A 52 1.00 -7.49 -3.77
CA GLN A 52 0.37 -8.26 -4.86
C GLN A 52 -0.04 -7.37 -6.03
N ILE A 53 -0.57 -6.20 -5.70
CA ILE A 53 -1.03 -5.24 -6.70
C ILE A 53 0.15 -4.44 -7.30
N GLY A 54 1.34 -4.59 -6.72
CA GLY A 54 2.52 -3.88 -7.22
C GLY A 54 2.80 -2.62 -6.43
N THR A 55 2.47 -2.64 -5.14
CA THR A 55 2.68 -1.49 -4.25
C THR A 55 4.03 -1.57 -3.55
N CYS A 56 5.00 -0.80 -4.03
CA CYS A 56 6.33 -0.77 -3.43
C CYS A 56 6.36 0.16 -2.23
N TRP A 57 6.05 -0.39 -1.05
CA TRP A 57 6.06 0.39 0.19
C TRP A 57 7.50 0.72 0.59
N PRO A 58 7.87 2.02 0.56
CA PRO A 58 9.22 2.45 0.92
C PRO A 58 9.60 2.13 2.36
N GLN A 59 10.89 2.24 2.67
CA GLN A 59 11.40 1.96 4.01
C GLN A 59 10.62 2.76 5.05
N SER A 60 10.27 2.11 6.16
CA SER A 60 9.52 2.74 7.23
C SER A 60 10.04 2.29 8.61
N ALA A 61 9.13 1.94 9.52
CA ALA A 61 9.49 1.48 10.88
C ALA A 61 8.24 1.36 11.76
N PRO A 62 8.37 0.75 12.96
CA PRO A 62 7.24 0.57 13.89
C PRO A 62 6.53 1.88 14.23
N GLY A 63 5.25 1.78 14.60
CA GLY A 63 4.47 2.96 14.95
C GLY A 63 4.40 3.98 13.83
N ALA A 64 4.40 3.51 12.58
CA ALA A 64 4.35 4.39 11.42
C ALA A 64 3.16 4.07 10.53
N LEU A 65 2.11 4.88 10.62
CA LEU A 65 0.92 4.69 9.79
C LEU A 65 1.20 5.14 8.36
N VAL A 66 1.77 4.24 7.59
CA VAL A 66 2.12 4.52 6.20
C VAL A 66 0.87 4.55 5.31
N GLU A 67 0.45 5.76 4.97
CA GLU A 67 -0.74 5.95 4.13
C GLU A 67 -0.36 6.02 2.64
N ARG A 68 -1.31 5.68 1.76
CA ARG A 68 -1.04 5.70 0.33
C ARG A 68 -2.33 5.57 -0.49
N PRO A 69 -2.49 6.41 -1.53
CA PRO A 69 -3.68 6.37 -2.40
C PRO A 69 -3.82 5.02 -3.11
N CYS A 70 -5.02 4.45 -3.09
CA CYS A 70 -5.26 3.16 -3.72
C CYS A 70 -5.17 3.25 -5.25
N PRO A 71 -4.45 2.31 -5.89
CA PRO A 71 -4.31 2.30 -7.37
C PRO A 71 -5.60 1.90 -8.08
N GLU A 72 -6.66 2.68 -7.85
CA GLU A 72 -7.97 2.43 -8.45
C GLU A 72 -8.01 2.73 -9.95
N TYR A 73 -7.01 3.46 -10.45
CA TYR A 73 -6.97 3.82 -11.86
C TYR A 73 -6.30 2.73 -12.72
N PHE A 74 -6.90 1.54 -12.71
CA PHE A 74 -6.40 0.41 -13.49
C PHE A 74 -7.20 0.25 -14.80
N ASN A 75 -7.98 1.27 -15.15
CA ASN A 75 -8.82 1.23 -16.36
C ASN A 75 -9.34 2.62 -16.77
N GLY A 76 -9.55 3.50 -15.79
CA GLY A 76 -10.06 4.83 -16.07
C GLY A 76 -11.34 5.14 -15.30
N ILE A 77 -11.42 4.62 -14.07
CA ILE A 77 -12.59 4.84 -13.23
C ILE A 77 -12.27 5.81 -12.09
N LYS A 78 -13.27 6.58 -11.68
CA LYS A 78 -13.09 7.57 -10.63
C LYS A 78 -12.24 8.73 -11.15
N TYR A 79 -12.66 9.95 -10.85
CA TYR A 79 -11.97 11.13 -11.34
C TYR A 79 -11.80 12.19 -10.24
N ASN A 80 -11.48 11.72 -9.03
CA ASN A 80 -11.27 12.59 -7.88
C ASN A 80 -11.09 11.75 -6.60
N THR A 81 -10.02 10.97 -6.55
CA THR A 81 -9.74 10.11 -5.39
C THR A 81 -9.50 10.98 -4.14
N THR A 82 -10.46 10.95 -3.22
CA THR A 82 -10.40 11.75 -1.98
C THR A 82 -9.78 10.99 -0.81
N ARG A 83 -10.05 9.69 -0.72
CA ARG A 83 -9.52 8.87 0.39
C ARG A 83 -8.39 7.96 -0.09
N ASN A 84 -7.46 7.68 0.82
CA ASN A 84 -6.29 6.83 0.54
C ASN A 84 -6.26 5.58 1.43
N ALA A 85 -5.19 4.78 1.29
CA ALA A 85 -5.00 3.56 2.06
C ALA A 85 -4.11 3.83 3.28
N TYR A 86 -4.24 2.96 4.28
CA TYR A 86 -3.46 3.08 5.52
C TYR A 86 -2.76 1.76 5.84
N ARG A 87 -1.42 1.78 5.92
CA ARG A 87 -0.64 0.59 6.22
C ARG A 87 0.42 0.87 7.28
N GLU A 88 0.11 0.57 8.54
CA GLU A 88 1.03 0.79 9.65
C GLU A 88 2.05 -0.35 9.78
N CYS A 89 3.17 -0.07 10.44
CA CYS A 89 4.23 -1.06 10.65
C CYS A 89 4.22 -1.63 12.07
N LEU A 90 3.01 -1.76 12.65
CA LEU A 90 2.86 -2.31 14.00
C LEU A 90 3.72 -1.56 15.04
N GLU A 91 3.70 -2.05 16.28
CA GLU A 91 4.47 -1.45 17.36
C GLU A 91 5.86 -2.08 17.48
N ASN A 92 5.95 -3.38 17.16
CA ASN A 92 7.22 -4.10 17.22
C ASN A 92 8.17 -3.64 16.11
N GLY A 93 7.61 -3.35 14.93
CA GLY A 93 8.41 -2.91 13.81
C GLY A 93 8.27 -3.80 12.60
N THR A 94 7.04 -4.14 12.25
CA THR A 94 6.76 -4.99 11.10
C THR A 94 5.48 -4.55 10.40
N TRP A 95 5.53 -4.49 9.06
CA TRP A 95 4.36 -4.08 8.28
C TRP A 95 3.11 -4.82 8.74
N ALA A 96 1.97 -4.15 8.67
CA ALA A 96 0.71 -4.73 9.07
C ALA A 96 0.26 -5.80 8.07
N SER A 97 -0.46 -6.81 8.55
CA SER A 97 -0.94 -7.90 7.69
C SER A 97 -1.75 -7.37 6.50
N ARG A 98 -2.81 -6.62 6.80
CA ARG A 98 -3.67 -6.06 5.75
C ARG A 98 -3.50 -4.54 5.63
N VAL A 99 -4.04 -3.97 4.56
CA VAL A 99 -3.95 -2.54 4.32
C VAL A 99 -5.35 -1.90 4.37
N ASN A 100 -5.47 -0.81 5.10
CA ASN A 100 -6.76 -0.12 5.22
C ASN A 100 -7.09 0.68 3.95
N TYR A 101 -7.72 0.01 2.98
CA TYR A 101 -8.08 0.67 1.72
C TYR A 101 -9.59 0.64 1.46
N SER A 102 -10.38 0.24 2.46
CA SER A 102 -11.84 0.18 2.33
C SER A 102 -12.42 1.51 1.83
N HIS A 103 -11.70 2.61 2.08
CA HIS A 103 -12.15 3.94 1.64
C HIS A 103 -12.04 4.11 0.13
N CYS A 104 -11.45 3.14 -0.57
CA CYS A 104 -11.28 3.21 -2.02
C CYS A 104 -12.61 3.09 -2.76
N GLU A 105 -13.54 4.01 -2.47
CA GLU A 105 -14.85 4.04 -3.13
C GLU A 105 -14.74 4.78 -4.47
N PRO A 106 -15.76 4.66 -5.34
CA PRO A 106 -15.75 5.32 -6.66
C PRO A 106 -16.30 6.73 -6.63
N ILE A 107 -16.33 7.36 -7.80
CA ILE A 107 -16.85 8.70 -7.95
C ILE A 107 -18.35 8.65 -8.20
N LEU A 108 -19.11 9.49 -7.49
CA LEU A 108 -20.57 9.51 -7.62
C LEU A 108 -21.16 8.20 -7.11
N LEU B 16 -16.90 0.63 -15.54
CA LEU B 16 -17.26 1.47 -14.41
C LEU B 16 -17.88 0.62 -13.31
N ALA B 17 -18.48 -0.48 -13.73
CA ALA B 17 -19.12 -1.42 -12.82
C ALA B 17 -18.46 -2.81 -12.87
N GLN B 18 -17.29 -2.89 -13.52
CA GLN B 18 -16.56 -4.16 -13.63
C GLN B 18 -15.05 -3.95 -13.45
N GLU B 19 -14.44 -3.16 -14.33
CA GLU B 19 -13.00 -2.89 -14.25
C GLU B 19 -12.61 -2.35 -12.88
N ALA B 20 -13.35 -1.34 -12.42
CA ALA B 20 -13.08 -0.76 -11.11
C ALA B 20 -13.38 -1.78 -10.01
N HIS B 21 -14.40 -2.61 -10.25
CA HIS B 21 -14.80 -3.65 -9.31
C HIS B 21 -13.67 -4.69 -9.21
N LYS B 22 -13.21 -5.18 -10.37
CA LYS B 22 -12.12 -6.15 -10.39
C LYS B 22 -10.86 -5.52 -9.79
N ASN B 23 -10.65 -4.22 -10.08
CA ASN B 23 -9.51 -3.50 -9.53
C ASN B 23 -9.61 -3.47 -8.01
N ARG B 24 -10.72 -2.94 -7.53
CA ARG B 24 -10.96 -2.85 -6.10
C ARG B 24 -10.82 -4.24 -5.47
N LYS B 25 -11.22 -5.27 -6.22
CA LYS B 25 -11.10 -6.65 -5.77
C LYS B 25 -9.63 -6.98 -5.52
N LEU B 26 -8.77 -6.63 -6.50
CA LEU B 26 -7.33 -6.85 -6.38
C LEU B 26 -6.83 -6.33 -5.03
N GLU B 28 -8.44 -6.40 -2.07
CA GLU B 28 -8.71 -7.40 -1.04
C GLU B 28 -7.63 -8.50 -1.05
N ILE B 29 -6.94 -8.66 -2.18
CA ILE B 29 -5.87 -9.65 -2.29
C ILE B 29 -4.67 -9.27 -1.40
N ILE B 30 -4.54 -7.97 -1.11
CA ILE B 30 -3.45 -7.49 -0.26
C ILE B 30 -3.68 -7.85 1.21
N TYR A 30 16.26 -0.75 -5.45
CA TYR A 30 15.31 -1.90 -5.48
C TYR A 30 14.20 -1.75 -4.44
N CYS A 31 13.03 -2.34 -4.72
CA CYS A 31 11.89 -2.25 -3.81
C CYS A 31 11.80 -3.46 -2.88
N HIS A 32 11.94 -4.67 -3.44
CA HIS A 32 11.86 -5.89 -2.64
C HIS A 32 13.14 -6.13 -1.85
N ARG A 33 14.27 -6.27 -2.57
CA ARG A 33 15.59 -6.51 -1.97
C ARG A 33 16.53 -7.21 -2.93
N THR A 34 17.82 -7.04 -2.68
CA THR A 34 18.88 -7.68 -3.47
C THR A 34 20.00 -8.12 -2.54
N THR A 35 20.81 -7.16 -2.09
CA THR A 35 21.91 -7.42 -1.17
C THR A 35 21.67 -6.71 0.16
N ILE A 36 20.40 -6.63 0.56
CA ILE A 36 20.02 -5.96 1.81
C ILE A 36 19.52 -6.96 2.87
N GLY A 37 19.77 -8.25 2.65
CA GLY A 37 19.35 -9.26 3.60
C GLY A 37 20.24 -9.31 4.83
N ASN A 38 20.25 -8.20 5.58
CA ASN A 38 21.07 -8.10 6.79
C ASN A 38 20.45 -7.14 7.79
N PHE A 39 20.58 -7.46 9.08
CA PHE A 39 20.02 -6.62 10.15
C PHE A 39 20.90 -6.64 11.40
N SER A 40 20.88 -5.53 12.14
CA SER A 40 21.65 -5.41 13.37
C SER A 40 21.21 -4.19 14.19
N GLY A 41 19.89 -3.97 14.26
CA GLY A 41 19.36 -2.84 15.00
C GLY A 41 18.28 -3.25 15.98
N PRO A 42 18.07 -2.48 17.06
CA PRO A 42 17.04 -2.77 18.07
C PRO A 42 15.62 -2.58 17.55
N TYR A 43 15.23 -3.41 16.58
CA TYR A 43 13.90 -3.35 15.99
C TYR A 43 13.57 -1.93 15.49
N THR A 44 12.28 -1.61 15.39
CA THR A 44 11.84 -0.27 14.94
C THR A 44 12.19 -0.03 13.46
N TYR A 45 12.04 -1.07 12.63
CA TYR A 45 12.34 -0.96 11.19
C TYR A 45 11.13 -1.32 10.32
N CYS A 46 11.17 -0.85 9.08
CA CYS A 46 10.10 -1.11 8.09
C CYS A 46 10.34 -0.29 6.82
N ASN A 47 11.50 -0.49 6.20
CA ASN A 47 11.86 0.24 4.98
C ASN A 47 11.11 -0.31 3.75
N THR A 48 11.61 0.02 2.56
CA THR A 48 10.99 -0.43 1.29
C THR A 48 10.33 -1.79 1.44
N THR A 49 9.12 -1.90 0.91
CA THR A 49 8.35 -3.14 0.98
C THR A 49 7.25 -3.16 -0.08
N LEU A 50 7.15 -4.27 -0.82
CA LEU A 50 6.14 -4.40 -1.87
C LEU A 50 4.97 -5.27 -1.41
N ASP A 51 3.86 -5.22 -2.13
CA ASP A 51 2.68 -6.01 -1.78
C ASP A 51 2.12 -6.79 -2.98
N GLN A 52 1.19 -7.70 -2.69
CA GLN A 52 0.55 -8.54 -3.71
C GLN A 52 -0.02 -7.73 -4.89
N ILE A 53 -0.43 -6.48 -4.63
CA ILE A 53 -0.99 -5.62 -5.66
C ILE A 53 0.09 -4.96 -6.52
N GLY A 54 1.35 -5.06 -6.09
CA GLY A 54 2.44 -4.45 -6.82
C GLY A 54 2.73 -3.03 -6.36
N THR A 55 2.33 -2.72 -5.12
CA THR A 55 2.55 -1.39 -4.56
C THR A 55 3.77 -1.40 -3.64
N CYS A 56 4.66 -0.43 -3.85
CA CYS A 56 5.89 -0.34 -3.06
C CYS A 56 5.74 0.65 -1.90
N TRP A 57 6.04 0.18 -0.69
CA TRP A 57 5.96 1.01 0.51
C TRP A 57 7.37 1.33 1.02
N PRO A 58 8.00 2.40 0.47
CA PRO A 58 9.36 2.81 0.82
C PRO A 58 9.49 3.56 2.15
N GLN A 59 10.51 3.15 2.93
CA GLN A 59 10.84 3.77 4.22
C GLN A 59 9.66 3.82 5.22
N SER A 60 9.89 3.23 6.39
CA SER A 60 8.86 3.21 7.46
C SER A 60 9.36 2.47 8.70
N ALA A 61 8.51 2.40 9.71
CA ALA A 61 8.84 1.71 10.96
C ALA A 61 7.60 1.02 11.54
N PRO A 62 7.76 0.26 12.65
CA PRO A 62 6.62 -0.43 13.28
C PRO A 62 5.55 0.55 13.76
N GLY A 63 4.30 0.10 13.78
CA GLY A 63 3.20 0.94 14.23
C GLY A 63 3.12 2.27 13.49
N ALA A 64 3.55 2.28 12.22
CA ALA A 64 3.55 3.50 11.42
C ALA A 64 2.48 3.44 10.32
N LEU A 65 1.40 4.19 10.50
CA LEU A 65 0.32 4.23 9.52
C LEU A 65 0.78 4.98 8.27
N VAL A 66 1.14 4.22 7.24
CA VAL A 66 1.63 4.80 5.99
C VAL A 66 0.51 4.92 4.94
N GLU A 67 0.38 6.10 4.34
CA GLU A 67 -0.65 6.35 3.33
C GLU A 67 -0.08 6.34 1.91
N ARG A 68 -0.74 5.62 1.00
CA ARG A 68 -0.27 5.54 -0.39
C ARG A 68 -1.45 5.53 -1.37
N PRO A 69 -1.21 5.84 -2.65
CA PRO A 69 -2.27 5.86 -3.66
C PRO A 69 -2.98 4.51 -3.78
N CYS A 70 -4.26 4.50 -3.43
CA CYS A 70 -5.06 3.27 -3.48
C CYS A 70 -5.27 2.82 -4.92
N PRO A 71 -4.62 1.71 -5.34
CA PRO A 71 -4.74 1.17 -6.70
C PRO A 71 -6.16 0.69 -7.03
N GLU A 72 -7.13 1.60 -6.92
CA GLU A 72 -8.53 1.28 -7.21
C GLU A 72 -8.73 0.91 -8.67
N TYR A 73 -7.85 1.42 -9.54
CA TYR A 73 -7.94 1.18 -10.96
C TYR A 73 -6.64 0.66 -11.57
N PHE A 74 -6.79 -0.29 -12.48
CA PHE A 74 -5.66 -0.88 -13.21
C PHE A 74 -6.02 -0.95 -14.70
N ASN A 75 -6.79 0.05 -15.15
CA ASN A 75 -7.24 0.12 -16.54
C ASN A 75 -7.46 1.58 -16.97
N GLY A 76 -8.56 2.17 -16.49
CA GLY A 76 -8.89 3.55 -16.83
C GLY A 76 -9.99 4.11 -15.95
N ILE A 77 -9.84 3.92 -14.63
CA ILE A 77 -10.83 4.38 -13.66
C ILE A 77 -10.22 5.44 -12.72
N LYS A 78 -11.09 6.01 -11.87
CA LYS A 78 -10.67 7.04 -10.90
C LYS A 78 -10.09 8.28 -11.58
N TYR A 79 -10.85 9.37 -11.51
CA TYR A 79 -10.45 10.63 -12.10
C TYR A 79 -10.46 11.73 -11.03
N ASN A 80 -10.08 11.35 -9.82
CA ASN A 80 -10.03 12.26 -8.67
C ASN A 80 -9.36 11.58 -7.48
N THR A 81 -9.99 10.49 -7.00
CA THR A 81 -9.46 9.72 -5.86
C THR A 81 -8.85 10.62 -4.79
N THR A 82 -9.67 11.50 -4.22
CA THR A 82 -9.21 12.44 -3.18
C THR A 82 -8.99 11.73 -1.85
N ARG A 83 -8.20 10.66 -1.87
CA ARG A 83 -7.89 9.88 -0.67
C ARG A 83 -6.76 8.89 -0.94
N ASN A 84 -6.13 8.39 0.12
CA ASN A 84 -5.03 7.45 -0.03
C ASN A 84 -5.23 6.18 0.83
N ALA A 85 -4.46 5.14 0.53
CA ALA A 85 -4.52 3.87 1.24
C ALA A 85 -3.61 3.88 2.46
N TYR A 86 -4.19 3.66 3.64
CA TYR A 86 -3.42 3.64 4.89
C TYR A 86 -2.96 2.23 5.25
N ARG A 87 -1.64 2.05 5.33
CA ARG A 87 -1.04 0.75 5.66
C ARG A 87 -0.07 0.91 6.84
N GLU A 88 -0.33 0.15 7.91
CA GLU A 88 0.52 0.22 9.11
C GLU A 88 1.49 -0.95 9.20
N CYS A 89 2.57 -0.75 9.94
CA CYS A 89 3.59 -1.78 10.14
C CYS A 89 3.41 -2.50 11.47
N LEU A 90 4.13 -3.61 11.66
CA LEU A 90 4.07 -4.40 12.89
C LEU A 90 4.62 -3.61 14.08
N GLU A 91 4.93 -4.31 15.17
CA GLU A 91 5.46 -3.64 16.37
C GLU A 91 6.88 -4.11 16.70
N ASN A 92 7.64 -4.42 15.66
CA ASN A 92 9.01 -4.88 15.82
C ASN A 92 9.87 -4.50 14.63
N GLY A 93 9.43 -4.90 13.44
CA GLY A 93 10.17 -4.58 12.23
C GLY A 93 9.64 -5.29 10.99
N THR A 94 8.35 -5.12 10.74
CA THR A 94 7.69 -5.74 9.58
C THR A 94 6.40 -5.01 9.26
N TRP A 95 5.90 -5.18 8.05
CA TRP A 95 4.65 -4.54 7.66
C TRP A 95 3.47 -5.43 8.03
N ALA A 96 2.33 -4.82 8.32
CA ALA A 96 1.14 -5.58 8.71
C ALA A 96 0.41 -6.19 7.51
N SER A 97 -0.58 -7.03 7.78
CA SER A 97 -1.36 -7.68 6.74
C SER A 97 -2.74 -7.03 6.60
N ARG A 98 -2.88 -5.81 7.13
CA ARG A 98 -4.14 -5.07 7.08
C ARG A 98 -3.90 -3.66 6.55
N VAL A 99 -4.71 -3.26 5.58
CA VAL A 99 -4.60 -1.93 4.98
C VAL A 99 -5.97 -1.27 4.88
N ASN A 100 -6.00 0.06 5.01
CA ASN A 100 -7.24 0.82 4.93
C ASN A 100 -7.71 0.96 3.49
N TYR A 101 -8.20 -0.13 2.91
CA TYR A 101 -8.70 -0.12 1.54
C TYR A 101 -9.98 0.74 1.44
N SER A 102 -10.64 0.97 2.58
CA SER A 102 -11.87 1.77 2.63
C SER A 102 -11.79 3.00 1.72
N HIS A 103 -10.65 3.68 1.74
CA HIS A 103 -10.44 4.88 0.92
C HIS A 103 -10.35 4.53 -0.59
N CYS A 104 -11.38 3.86 -1.10
CA CYS A 104 -11.43 3.46 -2.51
C CYS A 104 -12.89 3.35 -2.99
N GLU A 105 -13.39 4.42 -3.61
CA GLU A 105 -14.77 4.45 -4.11
C GLU A 105 -14.83 5.18 -5.47
N PRO A 106 -15.97 5.09 -6.20
CA PRO A 106 -16.10 5.75 -7.50
C PRO A 106 -16.19 7.27 -7.41
N ILE A 107 -16.02 7.94 -8.56
CA ILE A 107 -16.07 9.39 -8.64
C ILE A 107 -17.01 9.87 -9.76
N LEU A 108 -17.11 11.18 -9.93
CA LEU A 108 -17.98 11.76 -10.97
C LEU A 108 -17.36 13.03 -11.55
N LEU B 16 -17.84 0.94 -12.18
CA LEU B 16 -17.11 0.10 -13.09
C LEU B 16 -16.89 -1.29 -12.49
N ALA B 17 -17.99 -1.89 -12.07
CA ALA B 17 -17.98 -3.22 -11.45
C ALA B 17 -17.20 -4.25 -12.26
N GLN B 18 -17.45 -4.30 -13.57
CA GLN B 18 -16.79 -5.26 -14.45
C GLN B 18 -15.27 -5.04 -14.58
N GLU B 19 -14.74 -3.95 -14.02
CA GLU B 19 -13.30 -3.68 -14.11
C GLU B 19 -12.71 -3.08 -12.83
N ALA B 20 -13.28 -1.99 -12.34
CA ALA B 20 -12.78 -1.35 -11.13
C ALA B 20 -13.06 -2.19 -9.88
N HIS B 21 -14.21 -2.86 -9.83
CA HIS B 21 -14.56 -3.70 -8.67
C HIS B 21 -13.51 -4.80 -8.46
N LYS B 22 -13.29 -5.61 -9.49
CA LYS B 22 -12.28 -6.68 -9.39
C LYS B 22 -10.94 -6.08 -8.97
N ASN B 23 -10.62 -4.91 -9.51
CA ASN B 23 -9.40 -4.21 -9.15
C ASN B 23 -9.38 -3.93 -7.65
N ARG B 24 -10.44 -3.27 -7.14
CA ARG B 24 -10.53 -2.98 -5.72
C ARG B 24 -10.48 -4.26 -4.88
N LYS B 25 -11.14 -5.33 -5.36
CA LYS B 25 -11.13 -6.61 -4.65
C LYS B 25 -9.69 -7.09 -4.41
N LEU B 26 -8.85 -6.92 -5.42
CA LEU B 26 -7.43 -7.29 -5.33
C LEU B 26 -6.74 -6.56 -4.17
N GLU B 28 -8.08 -6.00 -1.15
CA GLU B 28 -8.37 -6.74 0.08
C GLU B 28 -7.20 -7.66 0.42
N ILE B 29 -6.60 -8.22 -0.64
CA ILE B 29 -5.45 -9.13 -0.51
C ILE B 29 -4.27 -8.45 0.20
N ILE B 30 -4.14 -7.14 0.03
CA ILE B 30 -3.06 -6.39 0.66
C ILE B 30 -3.32 -6.19 2.15
N TYR A 30 13.19 8.42 -2.40
CA TYR A 30 12.18 7.87 -3.36
C TYR A 30 12.12 6.34 -3.27
N CYS A 31 11.04 5.76 -3.77
CA CYS A 31 10.86 4.31 -3.74
C CYS A 31 11.23 3.68 -5.09
N HIS A 32 11.97 2.57 -5.01
CA HIS A 32 12.41 1.85 -6.21
C HIS A 32 12.80 0.40 -5.87
N ARG A 33 13.63 0.24 -4.84
CA ARG A 33 14.12 -1.07 -4.40
C ARG A 33 15.21 -1.60 -5.33
N THR A 34 15.70 -2.81 -5.05
CA THR A 34 16.77 -3.44 -5.84
C THR A 34 18.14 -2.94 -5.37
N THR A 35 18.19 -1.67 -4.99
CA THR A 35 19.39 -1.02 -4.50
C THR A 35 18.98 0.09 -3.51
N ILE A 36 19.86 1.06 -3.29
CA ILE A 36 19.53 2.17 -2.38
C ILE A 36 19.35 1.71 -0.93
N GLY A 37 19.94 0.56 -0.58
CA GLY A 37 19.82 0.01 0.76
C GLY A 37 19.97 1.05 1.86
N ASN A 38 18.90 1.27 2.62
CA ASN A 38 18.90 2.25 3.71
C ASN A 38 19.21 1.58 5.06
N PHE A 39 18.43 1.92 6.11
CA PHE A 39 18.63 1.36 7.44
C PHE A 39 18.10 -0.07 7.51
N SER A 40 18.62 -0.84 8.47
CA SER A 40 18.20 -2.23 8.64
C SER A 40 18.97 -2.91 9.77
N GLY A 41 18.50 -2.73 11.00
CA GLY A 41 19.15 -3.34 12.15
C GLY A 41 18.23 -4.28 12.90
N PRO A 42 17.78 -3.91 14.11
CA PRO A 42 16.88 -4.75 14.91
C PRO A 42 15.47 -4.83 14.32
N TYR A 43 14.60 -5.65 14.92
CA TYR A 43 13.22 -5.81 14.46
C TYR A 43 12.34 -4.62 14.88
N THR A 44 12.83 -3.40 14.63
CA THR A 44 12.09 -2.19 14.98
C THR A 44 12.09 -1.18 13.82
N TYR A 45 12.04 -1.69 12.59
CA TYR A 45 12.04 -0.84 11.40
C TYR A 45 11.46 -1.57 10.19
N CYS A 46 10.83 -0.82 9.30
CA CYS A 46 10.25 -1.38 8.08
C CYS A 46 11.07 -0.93 6.87
N ASN A 47 11.19 -1.81 5.87
CA ASN A 47 11.97 -1.48 4.67
C ASN A 47 11.11 -1.51 3.39
N THR A 48 11.69 -1.01 2.31
CA THR A 48 11.01 -0.98 1.00
C THR A 48 10.45 -2.36 0.69
N THR A 49 9.14 -2.43 0.51
CA THR A 49 8.47 -3.70 0.24
C THR A 49 7.60 -3.62 -1.00
N LEU A 50 7.31 -4.78 -1.58
CA LEU A 50 6.46 -4.86 -2.77
C LEU A 50 5.04 -5.23 -2.37
N ASP A 51 4.16 -5.43 -3.35
CA ASP A 51 2.78 -5.76 -3.07
C ASP A 51 2.19 -6.71 -4.11
N GLN A 52 1.12 -7.40 -3.73
CA GLN A 52 0.42 -8.30 -4.65
C GLN A 52 -0.16 -7.49 -5.82
N ILE A 53 -0.58 -6.26 -5.50
CA ILE A 53 -1.13 -5.34 -6.49
C ILE A 53 -0.01 -4.70 -7.33
N GLY A 54 1.22 -4.72 -6.80
CA GLY A 54 2.36 -4.12 -7.49
C GLY A 54 2.75 -2.78 -6.90
N THR A 55 2.41 -2.58 -5.62
CA THR A 55 2.70 -1.33 -4.92
C THR A 55 3.99 -1.43 -4.10
N CYS A 56 4.90 -0.50 -4.33
CA CYS A 56 6.15 -0.45 -3.61
C CYS A 56 6.00 0.37 -2.32
N TRP A 57 6.30 -0.25 -1.19
CA TRP A 57 6.17 0.41 0.10
C TRP A 57 7.56 0.67 0.69
N PRO A 58 8.06 1.94 0.57
CA PRO A 58 9.40 2.35 1.04
C PRO A 58 9.65 2.09 2.53
N GLN A 59 10.86 2.43 2.97
CA GLN A 59 11.27 2.25 4.37
C GLN A 59 10.28 2.89 5.34
N SER A 60 10.22 2.34 6.56
CA SER A 60 9.34 2.85 7.60
C SER A 60 9.74 2.28 8.97
N ALA A 61 8.85 2.37 9.95
CA ALA A 61 9.15 1.87 11.30
C ALA A 61 7.88 1.43 12.05
N PRO A 62 8.02 0.92 13.29
CA PRO A 62 6.86 0.49 14.08
C PRO A 62 5.87 1.62 14.33
N GLY A 63 4.58 1.29 14.31
CA GLY A 63 3.56 2.30 14.52
C GLY A 63 3.64 3.46 13.54
N ALA A 64 3.97 3.16 12.28
CA ALA A 64 4.10 4.17 11.25
C ALA A 64 2.98 4.08 10.21
N LEU A 65 2.15 5.12 10.15
CA LEU A 65 1.04 5.18 9.21
C LEU A 65 1.51 5.56 7.81
N VAL A 66 1.85 4.55 7.02
CA VAL A 66 2.32 4.76 5.65
C VAL A 66 1.13 4.76 4.67
N GLU A 67 0.78 5.94 4.16
CA GLU A 67 -0.36 6.07 3.23
C GLU A 67 0.07 6.62 1.86
N ARG A 68 -0.78 6.39 0.86
CA ARG A 68 -0.54 6.86 -0.50
C ARG A 68 -1.77 6.58 -1.38
N PRO A 69 -2.16 7.55 -2.26
CA PRO A 69 -3.31 7.42 -3.14
C PRO A 69 -3.60 5.97 -3.56
N CYS A 70 -4.84 5.54 -3.31
CA CYS A 70 -5.28 4.18 -3.63
C CYS A 70 -4.97 3.82 -5.09
N PRO A 71 -4.11 2.81 -5.33
CA PRO A 71 -3.77 2.37 -6.69
C PRO A 71 -4.94 1.64 -7.36
N GLU A 72 -6.04 2.37 -7.52
CA GLU A 72 -7.26 1.84 -8.13
C GLU A 72 -7.26 2.00 -9.66
N TYR A 73 -6.28 2.74 -10.17
CA TYR A 73 -6.20 3.02 -11.59
C TYR A 73 -5.68 1.82 -12.39
N PHE A 74 -6.47 0.75 -12.38
CA PHE A 74 -6.13 -0.47 -13.11
C PHE A 74 -6.94 -0.57 -14.42
N ASN A 75 -7.39 0.58 -14.92
CA ASN A 75 -8.17 0.65 -16.15
C ASN A 75 -8.58 2.10 -16.46
N GLY A 76 -9.24 2.74 -15.50
CA GLY A 76 -9.67 4.12 -15.68
C GLY A 76 -10.84 4.48 -14.77
N ILE A 77 -10.59 4.48 -13.47
CA ILE A 77 -11.63 4.81 -12.48
C ILE A 77 -11.08 5.68 -11.36
N LYS A 78 -11.98 6.32 -10.61
CA LYS A 78 -11.60 7.20 -9.49
C LYS A 78 -10.83 8.43 -10.00
N TYR A 79 -11.54 9.25 -10.76
CA TYR A 79 -10.97 10.48 -11.31
C TYR A 79 -10.96 11.60 -10.27
N ASN A 80 -10.38 11.29 -9.10
CA ASN A 80 -10.29 12.22 -7.98
C ASN A 80 -9.66 11.51 -6.77
N THR A 81 -10.21 10.33 -6.44
CA THR A 81 -9.73 9.50 -5.33
C THR A 81 -9.16 10.32 -4.17
N THR A 82 -10.02 11.05 -3.47
CA THR A 82 -9.57 11.84 -2.32
C THR A 82 -9.33 10.92 -1.11
N ARG A 83 -8.44 9.95 -1.29
CA ARG A 83 -8.10 8.98 -0.24
C ARG A 83 -6.70 8.40 -0.48
N ASN A 84 -6.28 7.47 0.38
CA ASN A 84 -4.95 6.87 0.23
C ASN A 84 -4.86 5.47 0.85
N ALA A 85 -4.04 4.62 0.24
CA ALA A 85 -3.82 3.26 0.72
C ALA A 85 -3.05 3.27 2.03
N TYR A 86 -3.79 3.30 3.14
CA TYR A 86 -3.19 3.33 4.47
C TYR A 86 -2.60 1.99 4.85
N ARG A 87 -1.28 1.89 4.72
CA ARG A 87 -0.56 0.67 5.05
C ARG A 87 0.34 0.89 6.26
N GLU A 88 -0.26 0.87 7.45
CA GLU A 88 0.49 1.09 8.69
C GLU A 88 1.40 -0.11 9.03
N CYS A 89 2.47 0.17 9.77
CA CYS A 89 3.42 -0.89 10.16
C CYS A 89 3.06 -1.44 11.55
N LEU A 90 3.64 -2.58 11.90
CA LEU A 90 3.39 -3.22 13.19
C LEU A 90 3.92 -2.38 14.35
N GLU A 91 3.59 -2.79 15.57
CA GLU A 91 4.02 -2.10 16.78
C GLU A 91 5.48 -2.40 17.10
N ASN A 92 5.88 -3.66 16.89
CA ASN A 92 7.25 -4.10 17.15
C ASN A 92 8.24 -3.40 16.21
N GLY A 93 7.84 -3.25 14.94
CA GLY A 93 8.69 -2.59 13.96
C GLY A 93 8.82 -3.37 12.67
N THR A 94 7.68 -3.70 12.07
CA THR A 94 7.65 -4.43 10.80
C THR A 94 6.38 -4.11 10.02
N TRP A 95 6.34 -4.48 8.74
CA TRP A 95 5.14 -4.24 7.93
C TRP A 95 3.96 -5.03 8.49
N ALA A 96 2.76 -4.52 8.30
CA ALA A 96 1.56 -5.19 8.80
C ALA A 96 1.09 -6.32 7.86
N SER A 97 0.52 -7.37 8.46
CA SER A 97 0.03 -8.52 7.69
C SER A 97 -1.21 -8.17 6.87
N ARG A 98 -2.03 -7.24 7.40
CA ARG A 98 -3.25 -6.83 6.71
C ARG A 98 -3.34 -5.31 6.66
N VAL A 99 -4.03 -4.80 5.64
CA VAL A 99 -4.19 -3.36 5.47
C VAL A 99 -5.66 -2.94 5.56
N ASN A 100 -5.91 -1.64 5.41
CA ASN A 100 -7.26 -1.09 5.48
C ASN A 100 -7.70 -0.54 4.12
N TYR A 101 -8.61 -1.25 3.45
CA TYR A 101 -9.13 -0.81 2.14
C TYR A 101 -10.61 -0.40 2.25
N SER A 102 -11.05 -0.03 3.45
CA SER A 102 -12.44 0.40 3.68
C SER A 102 -12.77 1.69 2.93
N HIS A 103 -11.78 2.55 2.76
CA HIS A 103 -11.97 3.81 2.05
C HIS A 103 -11.70 3.62 0.55
N CYS A 104 -11.27 4.67 -0.16
CA CYS A 104 -10.99 4.58 -1.60
C CYS A 104 -12.28 4.49 -2.41
N GLU A 105 -13.32 5.20 -1.96
CA GLU A 105 -14.63 5.20 -2.64
C GLU A 105 -14.53 5.74 -4.08
N PRO A 106 -15.60 5.57 -4.88
CA PRO A 106 -15.65 6.01 -6.27
C PRO A 106 -16.11 7.47 -6.43
N ILE A 107 -16.25 7.90 -7.67
CA ILE A 107 -16.68 9.26 -8.00
C ILE A 107 -17.82 9.25 -9.02
N LEU A 108 -18.43 10.42 -9.24
CA LEU A 108 -19.53 10.54 -10.19
C LEU A 108 -19.01 10.69 -11.62
N LEU B 16 -18.13 1.43 -11.73
CA LEU B 16 -17.64 0.66 -12.84
C LEU B 16 -17.42 -0.79 -12.46
N ALA B 17 -18.42 -1.36 -11.80
CA ALA B 17 -18.39 -2.75 -11.33
C ALA B 17 -17.68 -3.69 -12.31
N GLN B 18 -18.12 -3.69 -13.57
CA GLN B 18 -17.54 -4.55 -14.61
C GLN B 18 -16.01 -4.37 -14.75
N GLU B 19 -15.47 -3.26 -14.23
CA GLU B 19 -14.03 -3.00 -14.31
C GLU B 19 -13.43 -2.64 -12.96
N ALA B 20 -14.05 -1.70 -12.25
CA ALA B 20 -13.56 -1.26 -10.95
C ALA B 20 -13.69 -2.35 -9.88
N HIS B 21 -14.62 -3.29 -10.06
CA HIS B 21 -14.80 -4.37 -9.08
C HIS B 21 -13.54 -5.21 -9.00
N LYS B 22 -12.99 -5.60 -10.16
CA LYS B 22 -11.75 -6.38 -10.18
C LYS B 22 -10.61 -5.53 -9.64
N ASN B 23 -10.64 -4.24 -9.96
CA ASN B 23 -9.61 -3.31 -9.48
C ASN B 23 -9.58 -3.32 -7.94
N ARG B 24 -10.72 -3.06 -7.31
CA ARG B 24 -10.81 -3.06 -5.85
C ARG B 24 -10.63 -4.48 -5.29
N LYS B 25 -11.24 -5.46 -5.94
CA LYS B 25 -11.12 -6.87 -5.52
C LYS B 25 -9.65 -7.29 -5.42
N LEU B 26 -8.78 -6.56 -6.12
CA LEU B 26 -7.35 -6.80 -6.11
C LEU B 26 -6.70 -6.24 -4.82
N GLU B 28 -8.11 -6.15 -1.52
CA GLU B 28 -8.29 -7.06 -0.40
C GLU B 28 -7.21 -8.16 -0.42
N ILE B 29 -6.70 -8.47 -1.61
CA ILE B 29 -5.64 -9.47 -1.76
C ILE B 29 -4.38 -9.07 -0.98
N ILE B 30 -4.18 -7.75 -0.82
CA ILE B 30 -3.01 -7.26 -0.10
C ILE B 30 -3.08 -7.62 1.39
N TYR A 30 12.81 -6.90 -5.19
CA TYR A 30 13.21 -5.58 -4.59
C TYR A 30 12.11 -4.53 -4.75
N CYS A 31 12.11 -3.52 -3.90
CA CYS A 31 11.11 -2.47 -3.94
C CYS A 31 11.55 -1.27 -4.79
N HIS A 32 12.87 -1.02 -4.86
CA HIS A 32 13.41 0.09 -5.64
C HIS A 32 12.86 1.44 -5.14
N ARG A 33 13.06 1.72 -3.86
CA ARG A 33 12.56 2.97 -3.26
C ARG A 33 13.63 3.74 -2.48
N THR A 34 14.74 3.07 -2.15
CA THR A 34 15.85 3.67 -1.42
C THR A 34 15.37 4.55 -0.25
N THR A 35 14.48 4.00 0.57
CA THR A 35 13.95 4.70 1.75
C THR A 35 13.46 6.13 1.42
N ILE A 36 12.85 6.30 0.25
CA ILE A 36 12.34 7.61 -0.15
C ILE A 36 11.27 8.12 0.83
N GLY A 37 10.53 7.20 1.43
CA GLY A 37 9.48 7.57 2.39
C GLY A 37 10.00 7.93 3.78
N ASN A 38 11.30 7.78 4.01
CA ASN A 38 11.90 8.09 5.32
C ASN A 38 11.32 7.22 6.43
N PHE A 39 11.85 7.38 7.65
CA PHE A 39 11.39 6.59 8.79
C PHE A 39 10.96 7.50 9.95
N SER A 40 10.18 6.95 10.88
CA SER A 40 9.69 7.70 12.04
C SER A 40 8.83 6.82 12.95
N GLY A 41 9.49 6.06 13.82
CA GLY A 41 8.80 5.17 14.75
C GLY A 41 9.60 4.92 16.02
N PRO A 42 9.31 3.81 16.75
CA PRO A 42 10.04 3.48 17.99
C PRO A 42 11.50 3.09 17.74
N TYR A 43 12.30 4.09 17.35
CA TYR A 43 13.73 3.93 17.07
C TYR A 43 14.12 2.49 16.67
N THR A 44 13.57 1.99 15.57
CA THR A 44 13.87 0.65 15.11
C THR A 44 14.06 0.61 13.58
N TYR A 45 13.05 0.12 12.83
CA TYR A 45 13.17 0.04 11.38
C TYR A 45 11.96 -0.64 10.71
N CYS A 46 11.77 -0.31 9.42
CA CYS A 46 10.70 -0.89 8.59
C CYS A 46 11.09 -0.75 7.12
N ASN A 47 11.92 -1.69 6.64
CA ASN A 47 12.41 -1.68 5.26
C ASN A 47 11.28 -1.64 4.23
N THR A 48 11.67 -1.44 2.96
CA THR A 48 10.73 -1.41 1.86
C THR A 48 9.85 -2.65 1.89
N THR A 49 8.59 -2.50 1.50
CA THR A 49 7.66 -3.61 1.51
C THR A 49 6.83 -3.67 0.24
N LEU A 50 6.48 -4.88 -0.18
CA LEU A 50 5.69 -5.07 -1.38
C LEU A 50 4.23 -5.36 -1.05
N ASP A 51 3.40 -5.36 -2.08
CA ASP A 51 1.97 -5.61 -1.94
C ASP A 51 1.51 -6.58 -3.03
N GLN A 52 0.66 -7.55 -2.67
CA GLN A 52 0.16 -8.52 -3.65
C GLN A 52 -0.41 -7.81 -4.89
N ILE A 53 -0.95 -6.61 -4.68
CA ILE A 53 -1.52 -5.79 -5.77
C ILE A 53 -0.41 -5.18 -6.64
N GLY A 54 0.82 -5.16 -6.14
CA GLY A 54 1.94 -4.58 -6.86
C GLY A 54 2.34 -3.23 -6.30
N THR A 55 2.05 -3.02 -5.01
CA THR A 55 2.37 -1.76 -4.33
C THR A 55 3.70 -1.85 -3.60
N CYS A 56 4.56 -0.85 -3.81
CA CYS A 56 5.86 -0.82 -3.15
C CYS A 56 5.87 0.22 -2.03
N TRP A 57 6.16 -0.22 -0.81
CA TRP A 57 6.18 0.66 0.36
C TRP A 57 7.62 0.94 0.81
N PRO A 58 8.00 2.24 0.87
CA PRO A 58 9.36 2.68 1.25
C PRO A 58 9.76 2.33 2.69
N GLN A 59 11.08 2.23 2.90
CA GLN A 59 11.64 1.91 4.21
C GLN A 59 11.33 3.01 5.24
N SER A 60 10.58 2.65 6.27
CA SER A 60 10.21 3.57 7.33
C SER A 60 10.48 2.92 8.71
N ALA A 61 9.60 3.18 9.69
CA ALA A 61 9.75 2.60 11.03
C ALA A 61 8.41 2.05 11.55
N PRO A 62 8.45 1.12 12.53
CA PRO A 62 7.25 0.52 13.11
C PRO A 62 6.29 1.56 13.69
N GLY A 63 5.01 1.19 13.79
CA GLY A 63 4.01 2.11 14.34
C GLY A 63 3.83 3.38 13.52
N ALA A 64 4.23 3.34 12.25
CA ALA A 64 4.10 4.50 11.38
C ALA A 64 2.92 4.34 10.41
N LEU A 65 1.99 5.30 10.45
CA LEU A 65 0.83 5.25 9.57
C LEU A 65 1.23 5.64 8.15
N VAL A 66 1.85 4.70 7.45
CA VAL A 66 2.29 4.93 6.08
C VAL A 66 1.09 5.06 5.13
N GLU A 67 0.75 6.32 4.82
CA GLU A 67 -0.38 6.64 3.96
C GLU A 67 0.00 6.71 2.49
N ARG A 68 -0.99 6.53 1.60
CA ARG A 68 -0.79 6.59 0.15
C ARG A 68 -2.09 6.25 -0.59
N PRO A 69 -2.45 7.04 -1.63
CA PRO A 69 -3.67 6.82 -2.42
C PRO A 69 -3.82 5.36 -2.88
N CYS A 70 -5.07 4.91 -2.99
CA CYS A 70 -5.34 3.53 -3.41
C CYS A 70 -5.10 3.33 -4.91
N PRO A 71 -4.33 2.30 -5.29
CA PRO A 71 -4.05 2.00 -6.71
C PRO A 71 -5.30 1.50 -7.45
N GLU A 72 -6.34 2.32 -7.42
CA GLU A 72 -7.63 2.01 -8.06
C GLU A 72 -7.54 2.08 -9.58
N TYR A 73 -6.51 2.75 -10.09
CA TYR A 73 -6.35 2.92 -11.53
C TYR A 73 -5.64 1.72 -12.16
N PHE A 74 -6.33 0.58 -12.23
CA PHE A 74 -5.78 -0.63 -12.82
C PHE A 74 -6.25 -0.85 -14.26
N ASN A 75 -6.98 0.13 -14.80
CA ASN A 75 -7.51 0.07 -16.16
C ASN A 75 -7.79 1.46 -16.71
N GLY A 76 -8.66 2.18 -16.01
CA GLY A 76 -9.04 3.53 -16.40
C GLY A 76 -10.23 4.02 -15.60
N ILE A 77 -10.18 3.79 -14.28
CA ILE A 77 -11.26 4.18 -13.38
C ILE A 77 -10.72 5.07 -12.26
N LYS A 78 -11.47 6.11 -11.94
CA LYS A 78 -11.08 7.07 -10.90
C LYS A 78 -9.88 7.89 -11.35
N TYR A 79 -9.94 9.20 -11.14
CA TYR A 79 -8.87 10.09 -11.58
C TYR A 79 -8.72 11.29 -10.64
N ASN A 80 -8.34 10.99 -9.40
CA ASN A 80 -8.13 12.00 -8.35
C ASN A 80 -8.01 11.30 -7.00
N THR A 81 -9.01 10.46 -6.70
CA THR A 81 -9.06 9.69 -5.46
C THR A 81 -9.20 10.59 -4.23
N THR A 82 -10.43 10.68 -3.71
CA THR A 82 -10.71 11.51 -2.52
C THR A 82 -10.16 10.84 -1.25
N ARG A 83 -10.24 9.52 -1.18
CA ARG A 83 -9.72 8.78 -0.03
C ARG A 83 -8.34 8.19 -0.34
N ASN A 84 -7.61 7.84 0.71
CA ASN A 84 -6.27 7.27 0.55
C ASN A 84 -6.11 5.96 1.34
N ALA A 85 -5.02 5.26 1.08
CA ALA A 85 -4.72 4.00 1.73
C ALA A 85 -3.75 4.20 2.90
N TYR A 86 -3.90 3.36 3.93
CA TYR A 86 -3.04 3.43 5.10
C TYR A 86 -2.42 2.06 5.37
N ARG A 87 -1.08 1.99 5.33
CA ARG A 87 -0.37 0.74 5.55
C ARG A 87 0.58 0.86 6.74
N GLU A 88 0.01 0.83 7.95
CA GLU A 88 0.78 0.95 9.19
C GLU A 88 1.76 -0.21 9.38
N CYS A 89 2.94 0.09 9.92
CA CYS A 89 3.97 -0.91 10.18
C CYS A 89 3.86 -1.46 11.61
N LEU A 90 3.89 -2.79 11.75
CA LEU A 90 3.78 -3.41 13.08
C LEU A 90 4.88 -2.91 14.03
N GLU A 91 4.61 -3.03 15.33
CA GLU A 91 5.56 -2.60 16.37
C GLU A 91 6.92 -3.29 16.22
N ASN A 92 6.90 -4.59 15.98
CA ASN A 92 8.14 -5.37 15.81
C ASN A 92 8.97 -4.90 14.61
N GLY A 93 8.37 -4.10 13.73
CA GLY A 93 9.08 -3.60 12.56
C GLY A 93 8.72 -4.35 11.28
N THR A 94 7.46 -4.81 11.20
CA THR A 94 7.00 -5.54 10.02
C THR A 94 5.70 -4.93 9.47
N TRP A 95 5.67 -4.68 8.17
CA TRP A 95 4.48 -4.10 7.54
C TRP A 95 3.25 -4.99 7.76
N ALA A 96 2.10 -4.34 7.94
CA ALA A 96 0.85 -5.06 8.16
C ALA A 96 0.28 -5.61 6.86
N SER A 97 0.26 -6.94 6.75
CA SER A 97 -0.28 -7.62 5.57
C SER A 97 -1.71 -7.17 5.30
N ARG A 98 -2.51 -7.11 6.36
CA ARG A 98 -3.90 -6.65 6.26
C ARG A 98 -3.94 -5.13 6.24
N VAL A 99 -4.49 -4.55 5.18
CA VAL A 99 -4.57 -3.10 5.04
C VAL A 99 -5.98 -2.57 5.29
N ASN A 100 -6.07 -1.46 6.03
CA ASN A 100 -7.37 -0.84 6.34
C ASN A 100 -7.88 0.01 5.17
N TYR A 101 -8.14 -0.66 4.04
CA TYR A 101 -8.65 0.03 2.84
C TYR A 101 -10.17 -0.01 2.79
N SER A 102 -10.82 0.53 3.81
CA SER A 102 -12.29 0.58 3.86
C SER A 102 -12.81 1.88 3.25
N HIS A 103 -12.20 2.28 2.13
CA HIS A 103 -12.58 3.51 1.42
C HIS A 103 -12.16 3.40 -0.06
N CYS A 104 -11.79 4.54 -0.69
CA CYS A 104 -11.37 4.55 -2.10
C CYS A 104 -12.57 4.67 -3.04
N GLU A 105 -13.53 5.53 -2.66
CA GLU A 105 -14.74 5.76 -3.46
C GLU A 105 -14.44 6.54 -4.75
N PRO A 106 -15.34 6.46 -5.75
CA PRO A 106 -15.15 7.16 -7.04
C PRO A 106 -15.32 8.68 -6.94
N ILE A 107 -15.04 9.36 -8.05
CA ILE A 107 -15.15 10.82 -8.12
C ILE A 107 -16.14 11.26 -9.20
N LEU A 108 -16.41 12.57 -9.26
CA LEU A 108 -17.34 13.11 -10.24
C LEU A 108 -16.63 13.57 -11.51
N LEU B 16 -17.05 -0.13 -10.19
CA LEU B 16 -16.47 -1.03 -11.17
C LEU B 16 -16.21 -0.30 -12.48
N ALA B 17 -16.96 0.78 -12.69
CA ALA B 17 -16.87 1.61 -13.88
C ALA B 17 -16.84 0.75 -15.16
N GLN B 18 -15.64 0.43 -15.61
CA GLN B 18 -15.45 -0.43 -16.78
C GLN B 18 -14.35 -1.43 -16.51
N GLU B 19 -14.11 -1.73 -15.21
CA GLU B 19 -13.06 -2.68 -14.79
C GLU B 19 -12.68 -2.52 -13.31
N ALA B 20 -12.97 -1.35 -12.74
CA ALA B 20 -12.67 -1.04 -11.34
C ALA B 20 -12.96 -2.21 -10.40
N HIS B 21 -14.00 -3.00 -10.73
CA HIS B 21 -14.37 -4.14 -9.90
C HIS B 21 -13.23 -5.14 -9.76
N LYS B 22 -12.80 -5.74 -10.88
CA LYS B 22 -11.69 -6.69 -10.84
C LYS B 22 -10.43 -6.00 -10.31
N ASN B 23 -10.30 -4.70 -10.61
CA ASN B 23 -9.18 -3.92 -10.13
C ASN B 23 -9.22 -3.87 -8.60
N ARG B 24 -10.33 -3.37 -8.07
CA ARG B 24 -10.51 -3.27 -6.62
C ARG B 24 -10.55 -4.65 -5.95
N LYS B 25 -11.21 -5.62 -6.59
CA LYS B 25 -11.27 -6.97 -6.04
C LYS B 25 -9.87 -7.44 -5.64
N LEU B 26 -8.88 -7.04 -6.43
CA LEU B 26 -7.49 -7.38 -6.16
C LEU B 26 -7.07 -6.95 -4.74
N GLU B 28 -8.78 -7.28 -2.08
CA GLU B 28 -9.18 -8.36 -1.17
C GLU B 28 -8.02 -9.34 -0.96
N ILE B 29 -7.18 -9.49 -1.98
CA ILE B 29 -6.02 -10.38 -1.90
C ILE B 29 -5.01 -9.89 -0.86
N ILE B 30 -4.89 -8.57 -0.70
CA ILE B 30 -3.95 -8.00 0.27
C ILE B 30 -4.26 -8.49 1.69
N TYR A 30 9.34 6.54 -5.06
CA TYR A 30 9.92 5.37 -5.78
C TYR A 30 10.32 4.27 -4.79
N CYS A 31 10.71 3.11 -5.31
CA CYS A 31 11.09 1.98 -4.47
C CYS A 31 12.54 1.54 -4.76
N HIS A 32 12.74 0.88 -5.91
CA HIS A 32 14.07 0.41 -6.33
C HIS A 32 14.59 -0.79 -5.52
N ARG A 33 13.93 -1.11 -4.40
CA ARG A 33 14.36 -2.24 -3.57
C ARG A 33 13.14 -3.01 -3.04
N THR A 34 13.36 -4.25 -2.62
CA THR A 34 12.28 -5.09 -2.08
C THR A 34 12.75 -5.83 -0.83
N THR A 35 13.10 -5.07 0.20
CA THR A 35 13.57 -5.63 1.47
C THR A 35 14.89 -6.38 1.26
N ILE A 36 15.85 -5.70 0.64
CA ILE A 36 17.16 -6.28 0.34
C ILE A 36 18.12 -6.16 1.53
N GLY A 37 18.01 -5.06 2.28
CA GLY A 37 18.89 -4.86 3.43
C GLY A 37 19.79 -3.65 3.26
N ASN A 38 19.45 -2.56 3.93
CA ASN A 38 20.24 -1.33 3.86
C ASN A 38 21.17 -1.19 5.07
N PHE A 39 21.78 -0.01 5.20
CA PHE A 39 22.70 0.24 6.32
C PHE A 39 21.92 0.53 7.61
N SER A 40 22.63 0.58 8.74
CA SER A 40 22.05 0.84 10.06
C SER A 40 21.75 -0.47 10.77
N GLY A 41 22.66 -0.87 11.66
CA GLY A 41 22.51 -2.10 12.42
C GLY A 41 21.14 -2.26 13.08
N PRO A 42 20.58 -1.20 13.71
CA PRO A 42 19.27 -1.27 14.37
C PRO A 42 18.13 -1.56 13.39
N TYR A 43 17.32 -2.54 13.72
CA TYR A 43 16.17 -2.94 12.89
C TYR A 43 14.93 -2.08 13.20
N THR A 44 13.73 -2.64 12.99
CA THR A 44 12.46 -1.94 13.24
C THR A 44 12.01 -1.12 12.03
N TYR A 45 12.97 -0.58 11.26
CA TYR A 45 12.63 0.22 10.09
C TYR A 45 12.04 -0.65 9.00
N CYS A 46 10.74 -0.48 8.77
CA CYS A 46 10.03 -1.23 7.74
C CYS A 46 10.44 -0.74 6.35
N ASN A 47 11.64 -1.12 5.94
CA ASN A 47 12.19 -0.71 4.65
C ASN A 47 11.42 -1.33 3.48
N THR A 48 11.78 -0.87 2.28
CA THR A 48 11.18 -1.31 1.02
C THR A 48 10.34 -2.60 1.14
N THR A 49 9.03 -2.42 1.19
CA THR A 49 8.09 -3.53 1.29
C THR A 49 7.14 -3.55 0.10
N LEU A 50 6.63 -4.72 -0.23
CA LEU A 50 5.71 -4.84 -1.36
C LEU A 50 4.33 -5.29 -0.92
N ASP A 51 3.38 -5.17 -1.85
CA ASP A 51 2.00 -5.56 -1.63
C ASP A 51 1.53 -6.45 -2.79
N GLN A 52 0.59 -7.36 -2.52
CA GLN A 52 0.08 -8.28 -3.55
C GLN A 52 -0.26 -7.55 -4.86
N ILE A 53 -0.80 -6.34 -4.76
CA ILE A 53 -1.17 -5.54 -5.93
C ILE A 53 0.05 -4.87 -6.58
N GLY A 54 1.16 -4.82 -5.85
CA GLY A 54 2.37 -4.20 -6.38
C GLY A 54 2.75 -2.93 -5.64
N THR A 55 2.00 -2.57 -4.59
CA THR A 55 2.28 -1.37 -3.81
C THR A 55 3.64 -1.50 -3.12
N CYS A 56 4.62 -0.72 -3.58
CA CYS A 56 5.95 -0.75 -3.00
C CYS A 56 6.08 0.31 -1.91
N TRP A 57 6.26 -0.13 -0.67
CA TRP A 57 6.37 0.75 0.48
C TRP A 57 7.85 0.97 0.84
N PRO A 58 8.42 2.14 0.47
CA PRO A 58 9.82 2.46 0.72
C PRO A 58 10.10 3.11 2.09
N GLN A 59 10.68 2.30 2.99
CA GLN A 59 11.05 2.76 4.33
C GLN A 59 9.83 2.95 5.27
N SER A 60 10.10 2.89 6.58
CA SER A 60 9.07 3.05 7.62
C SER A 60 9.59 2.50 8.97
N ALA A 61 8.69 2.36 9.96
CA ALA A 61 9.07 1.82 11.28
C ALA A 61 7.83 1.33 12.04
N PRO A 62 8.00 0.77 13.26
CA PRO A 62 6.89 0.26 14.06
C PRO A 62 5.81 1.32 14.35
N GLY A 63 4.54 0.88 14.28
CA GLY A 63 3.42 1.77 14.54
C GLY A 63 3.40 3.01 13.66
N ALA A 64 4.08 2.97 12.51
CA ALA A 64 4.12 4.10 11.60
C ALA A 64 2.96 4.06 10.60
N LEU A 65 2.08 5.06 10.68
CA LEU A 65 0.93 5.14 9.78
C LEU A 65 1.34 5.73 8.43
N VAL A 66 1.56 4.85 7.46
CA VAL A 66 1.97 5.27 6.13
C VAL A 66 0.80 5.19 5.14
N GLU A 67 0.31 6.35 4.72
CA GLU A 67 -0.82 6.40 3.78
C GLU A 67 -0.33 6.55 2.33
N ARG A 68 -0.64 5.56 1.51
CA ARG A 68 -0.23 5.57 0.10
C ARG A 68 -1.43 5.45 -0.83
N PRO A 69 -1.44 6.18 -1.97
CA PRO A 69 -2.55 6.12 -2.92
C PRO A 69 -2.84 4.69 -3.38
N CYS A 70 -4.01 4.19 -3.00
CA CYS A 70 -4.45 2.83 -3.36
C CYS A 70 -4.32 2.61 -4.85
N PRO A 71 -3.63 1.53 -5.28
CA PRO A 71 -3.47 1.20 -6.71
C PRO A 71 -4.80 0.80 -7.35
N GLU A 72 -5.74 1.75 -7.37
CA GLU A 72 -7.07 1.55 -7.92
C GLU A 72 -7.15 1.93 -9.41
N TYR A 73 -6.08 2.51 -9.93
CA TYR A 73 -6.08 2.97 -11.30
C TYR A 73 -5.46 1.96 -12.28
N PHE A 74 -6.12 0.80 -12.44
CA PHE A 74 -5.67 -0.22 -13.37
C PHE A 74 -6.49 -0.17 -14.66
N ASN A 75 -7.74 0.26 -14.51
CA ASN A 75 -8.68 0.38 -15.61
C ASN A 75 -9.24 1.81 -15.74
N GLY A 76 -8.70 2.77 -14.97
CA GLY A 76 -9.17 4.15 -15.01
C GLY A 76 -10.59 4.30 -14.50
N ILE A 77 -10.82 3.92 -13.25
CA ILE A 77 -12.15 4.01 -12.65
C ILE A 77 -12.33 5.22 -11.74
N LYS A 78 -11.24 5.73 -11.20
CA LYS A 78 -11.31 6.89 -10.31
C LYS A 78 -10.63 8.10 -10.96
N TYR A 79 -11.23 9.27 -10.78
CA TYR A 79 -10.71 10.50 -11.39
C TYR A 79 -10.69 11.67 -10.40
N ASN A 80 -9.94 11.50 -9.32
CA ASN A 80 -9.82 12.51 -8.27
C ASN A 80 -8.93 11.98 -7.13
N THR A 81 -9.18 10.73 -6.72
CA THR A 81 -8.42 10.08 -5.67
C THR A 81 -8.25 10.98 -4.44
N THR A 82 -9.37 11.32 -3.80
CA THR A 82 -9.34 12.18 -2.61
C THR A 82 -9.13 11.36 -1.33
N ARG A 83 -8.42 10.24 -1.43
CA ARG A 83 -8.14 9.38 -0.28
C ARG A 83 -6.89 8.53 -0.53
N ASN A 84 -6.33 7.98 0.55
CA ASN A 84 -5.13 7.15 0.44
C ASN A 84 -5.24 5.85 1.24
N ALA A 85 -4.34 4.93 0.95
CA ALA A 85 -4.29 3.64 1.63
C ALA A 85 -3.37 3.73 2.84
N TYR A 86 -3.98 3.84 4.02
CA TYR A 86 -3.22 3.95 5.25
C TYR A 86 -2.68 2.58 5.70
N ARG A 87 -1.37 2.43 5.60
CA ARG A 87 -0.70 1.17 5.97
C ARG A 87 0.22 1.37 7.17
N GLU A 88 -0.15 0.78 8.30
CA GLU A 88 0.65 0.90 9.51
C GLU A 88 1.57 -0.31 9.67
N CYS A 89 2.67 -0.11 10.40
CA CYS A 89 3.65 -1.18 10.64
C CYS A 89 3.52 -1.77 12.04
N LEU A 90 3.79 -3.06 12.17
CA LEU A 90 3.70 -3.76 13.45
C LEU A 90 4.58 -3.10 14.51
N GLU A 91 4.19 -3.26 15.77
CA GLU A 91 4.91 -2.69 16.92
C GLU A 91 6.43 -2.95 16.89
N ASN A 92 6.84 -4.10 16.37
CA ASN A 92 8.26 -4.43 16.30
C ASN A 92 8.94 -3.76 15.10
N GLY A 93 8.15 -3.29 14.14
CA GLY A 93 8.68 -2.64 12.95
C GLY A 93 8.53 -3.49 11.70
N THR A 94 7.47 -4.30 11.66
CA THR A 94 7.22 -5.16 10.51
C THR A 94 5.88 -4.81 9.87
N TRP A 95 5.87 -4.70 8.54
CA TRP A 95 4.66 -4.36 7.81
C TRP A 95 3.54 -5.37 8.10
N ALA A 96 2.31 -4.87 8.16
CA ALA A 96 1.16 -5.72 8.44
C ALA A 96 0.63 -6.38 7.16
N SER A 97 -0.14 -7.45 7.32
CA SER A 97 -0.70 -8.17 6.18
C SER A 97 -1.67 -7.28 5.38
N ARG A 98 -2.82 -6.99 5.97
CA ARG A 98 -3.84 -6.15 5.33
C ARG A 98 -3.47 -4.66 5.36
N VAL A 99 -4.11 -3.88 4.50
CA VAL A 99 -3.89 -2.44 4.42
C VAL A 99 -5.23 -1.69 4.33
N ASN A 100 -5.26 -0.45 4.81
CA ASN A 100 -6.50 0.34 4.74
C ASN A 100 -6.76 0.82 3.30
N TYR A 101 -6.98 -0.15 2.41
CA TYR A 101 -7.24 0.14 1.00
C TYR A 101 -8.72 0.45 0.75
N SER A 102 -9.61 -0.21 1.51
CA SER A 102 -11.07 -0.03 1.39
C SER A 102 -11.47 1.42 1.08
N HIS A 103 -10.74 2.38 1.69
CA HIS A 103 -11.02 3.81 1.48
C HIS A 103 -11.14 4.17 0.00
N CYS A 104 -10.55 3.36 -0.89
CA CYS A 104 -10.59 3.61 -2.33
C CYS A 104 -12.01 3.42 -2.91
N GLU A 105 -12.95 4.27 -2.48
CA GLU A 105 -14.32 4.21 -2.98
C GLU A 105 -14.41 4.76 -4.42
N PRO A 106 -15.59 4.73 -5.05
CA PRO A 106 -15.76 5.20 -6.43
C PRO A 106 -15.83 6.71 -6.57
N ILE A 107 -16.23 7.16 -7.75
CA ILE A 107 -16.34 8.59 -8.07
C ILE A 107 -17.60 8.88 -8.87
N LEU A 108 -18.16 10.07 -8.68
CA LEU A 108 -19.37 10.47 -9.39
C LEU A 108 -19.05 11.10 -10.75
N LEU B 16 -18.70 0.11 -11.76
CA LEU B 16 -18.38 -0.55 -13.01
C LEU B 16 -18.65 -2.05 -12.94
N ALA B 17 -18.22 -2.68 -11.85
CA ALA B 17 -18.39 -4.13 -11.65
C ALA B 17 -17.53 -4.93 -12.62
N GLN B 18 -17.79 -4.78 -13.92
CA GLN B 18 -17.02 -5.49 -14.93
C GLN B 18 -15.55 -5.03 -14.96
N GLU B 19 -15.29 -3.82 -14.45
CA GLU B 19 -13.93 -3.27 -14.42
C GLU B 19 -13.49 -2.79 -13.03
N ALA B 20 -14.28 -1.92 -12.40
CA ALA B 20 -13.91 -1.40 -11.07
C ALA B 20 -13.91 -2.49 -9.99
N HIS B 21 -14.67 -3.55 -10.20
CA HIS B 21 -14.73 -4.65 -9.22
C HIS B 21 -13.36 -5.31 -9.08
N LYS B 22 -12.83 -5.84 -10.20
CA LYS B 22 -11.52 -6.49 -10.17
C LYS B 22 -10.44 -5.53 -9.65
N ASN B 23 -10.59 -4.24 -9.98
CA ASN B 23 -9.65 -3.22 -9.51
C ASN B 23 -9.69 -3.12 -7.99
N ARG B 24 -10.90 -2.94 -7.43
CA ARG B 24 -11.04 -2.86 -5.97
C ARG B 24 -10.86 -4.24 -5.33
N LYS B 25 -11.40 -5.27 -5.95
CA LYS B 25 -11.26 -6.64 -5.44
C LYS B 25 -9.78 -6.93 -5.17
N LEU B 26 -8.92 -6.42 -6.07
CA LEU B 26 -7.48 -6.58 -5.93
C LEU B 26 -7.03 -6.07 -4.56
N GLU B 28 -8.79 -6.14 -1.76
CA GLU B 28 -9.17 -7.16 -0.79
C GLU B 28 -8.05 -8.21 -0.63
N ILE B 29 -7.29 -8.42 -1.70
CA ILE B 29 -6.17 -9.37 -1.69
C ILE B 29 -5.08 -8.94 -0.71
N ILE B 30 -4.99 -7.64 -0.41
CA ILE B 30 -3.99 -7.14 0.54
C ILE B 30 -4.54 -7.09 1.95
#